data_7BX8
#
_entry.id   7BX8
#
loop_
_entity.id
_entity.type
_entity.pdbx_description
1 polymer 'Integral membrane indolylacetylinositol arabinosyltransferase EmbB'
2 polymer 'Meromycolate extension acyl carrier protein'
#
loop_
_entity_poly.entity_id
_entity_poly.type
_entity_poly.pdbx_seq_one_letter_code
_entity_poly.pdbx_strand_id
1 'polypeptide(L)'
;MSGNMDEAVSGNMDEAVSAGKDVRIARWVATIAGLLGFVLSVSIPLLPVTQTTATLNWPQQGRLDNVTAPLISQAPLELT
ATVPCSVVRDLPPEGGLVFGTAPAEGRDAALNAMLVNVTETRVDVIVRNVVVASVNRDRVAGPDCQRIEITSNLDGTYAD
FVGLTQISGEDAGKLQRTGYPDPNLRPAIVGVFTDLTGPAPQGLSVSAEIDTRFTTHPTALKLAAMLLAIVSTVIALLAL
WRLDRLDGRRMHRLIPTRWRTVTAVDGVVVGGMAIWYVIGANSSDDGYILQMARTAEHAGYMANYFRWFGSPEDPFGWYY
NVLALMTKVSDASIWIRLPDLICALICWLLLSREVLPRLGPAVAGSRAAMWAAGLVLLGAWMPFNNGLRPEGQIATGALI
TYVLIERAVTSGRLTPAALAITTAAFTLGIQPTGLIAVAALLAGGRPILRIVMRRRRLVGTWPLIAPLLAAGTVILAVVF
ADQTIATVLEATRIRTAIGPSQEWWTENLRYYYLILPTTDGAISRRVAFVFTAMCLFPSLFMMLRRKHIAGVARGPAWRL
MGIIFATMFFLMFTPTKWIHHFGLFAAVGGAMAALATVLVSPTVLRSARNRMAFLSLVLFVLAFCFASTNGWWYVSNFGA
PFNNSVPKVGGVQISAIFFALSAIAALWAFWLHLTRRTESRVVDRLTAAPIPVAAGFMVVVMMASMAIGVVRQYPTYSNG
WANIRAFAGGCGLADDVLVEPDSNAGFLTPLPGAYGPLGPLGGEDPQGFSPDGVPDRIIAEAIRLNNPQPGTDYDWNRPI
KLDEPGINGSTVPLPYGLDPKRVPVAGTYSTEAQQESRLSSAWYELPARDETERAAHPLVVITAAGTITGESVANGLTTG
QTVDLEYATRGPDGTLVPAGRVTPYDVGPTPSWRNLRYPRSEIPDDAVAVRVVAEDLSLSQGDWIAVTPPRVPELQSVQE
YVGSDQPVLMDWAVGLAFPCQQPMLHANGVTEVPKFRISPDYYAKLQSTDTWQDGINGGLLGITDLLLRASVMSTYLSQD
WGQDWGSLRKFDTVVEATPAELDFGSQTHSGLYSPGPLRIRP
;
A,B
2 'polypeptide(L)'
;MAATQEEIIAGLAEIIEEVTGIEPSEVTPEKSFVDDLDIDSLSMVEIAVQTEDKYGVKIPDEDLAGLRTVGDVVAYIQKL
EEENPEAAAALREKFAADQ
;
C,D
#
# COMPACT_ATOMS: atom_id res chain seq x y z
N VAL A 23 -12.58 -60.39 14.83
CA VAL A 23 -11.18 -60.30 15.22
C VAL A 23 -11.02 -60.57 16.71
N ARG A 24 -11.26 -59.53 17.52
CA ARG A 24 -11.18 -59.56 18.98
C ARG A 24 -9.77 -59.78 19.49
N ILE A 25 -8.76 -59.50 18.67
CA ILE A 25 -7.36 -59.69 19.04
C ILE A 25 -6.58 -58.49 18.55
N ALA A 26 -7.23 -57.70 17.69
CA ALA A 26 -6.65 -56.48 17.15
C ALA A 26 -7.34 -55.24 17.65
N ARG A 27 -8.62 -55.36 18.03
CA ARG A 27 -9.36 -54.23 18.56
C ARG A 27 -8.79 -53.75 19.89
N TRP A 28 -8.41 -54.69 20.76
CA TRP A 28 -7.97 -54.30 22.09
C TRP A 28 -6.57 -53.69 22.04
N VAL A 29 -5.69 -54.23 21.20
CA VAL A 29 -4.39 -53.59 21.03
C VAL A 29 -4.53 -52.26 20.30
N ALA A 30 -5.51 -52.13 19.38
CA ALA A 30 -5.71 -50.86 18.69
C ALA A 30 -6.18 -49.78 19.66
N THR A 31 -6.98 -50.14 20.65
CA THR A 31 -7.48 -49.09 21.53
C THR A 31 -6.47 -48.77 22.62
N ILE A 32 -5.76 -49.78 23.16
CA ILE A 32 -4.78 -49.49 24.20
C ILE A 32 -3.60 -48.73 23.60
N ALA A 33 -3.16 -49.08 22.37
CA ALA A 33 -2.07 -48.34 21.77
C ALA A 33 -2.52 -46.98 21.26
N GLY A 34 -3.80 -46.84 20.89
CA GLY A 34 -4.36 -45.57 20.50
C GLY A 34 -4.34 -44.57 21.64
N LEU A 35 -4.97 -44.94 22.75
CA LEU A 35 -4.98 -44.03 23.88
C LEU A 35 -3.63 -43.90 24.55
N LEU A 36 -2.77 -44.92 24.47
CA LEU A 36 -1.41 -44.80 24.97
C LEU A 36 -0.61 -43.78 24.17
N GLY A 37 -0.68 -43.85 22.84
CA GLY A 37 -0.04 -42.86 22.00
C GLY A 37 -0.60 -41.47 22.20
N PHE A 38 -1.89 -41.37 22.48
CA PHE A 38 -2.49 -40.09 22.77
C PHE A 38 -1.96 -39.47 24.05
N VAL A 39 -2.07 -40.22 25.14
CA VAL A 39 -1.61 -39.75 26.45
C VAL A 39 -0.14 -39.41 26.44
N LEU A 40 0.66 -40.24 25.76
CA LEU A 40 2.09 -40.01 25.69
C LEU A 40 2.44 -38.79 24.86
N SER A 41 1.79 -38.62 23.70
CA SER A 41 2.10 -37.51 22.81
C SER A 41 1.64 -36.17 23.37
N VAL A 42 0.49 -36.13 24.05
CA VAL A 42 0.08 -34.88 24.65
C VAL A 42 0.95 -34.53 25.86
N SER A 43 1.49 -35.54 26.54
CA SER A 43 2.38 -35.25 27.66
C SER A 43 3.80 -34.87 27.26
N ILE A 44 4.14 -34.93 25.98
CA ILE A 44 5.52 -34.70 25.53
C ILE A 44 5.99 -33.24 25.70
N PRO A 45 5.16 -32.20 25.52
CA PRO A 45 5.67 -30.86 25.86
C PRO A 45 5.97 -30.63 27.32
N LEU A 46 5.19 -31.19 28.23
CA LEU A 46 5.44 -31.05 29.66
C LEU A 46 6.18 -32.27 30.21
N LEU A 47 7.44 -32.38 29.82
CA LEU A 47 8.39 -33.34 30.37
C LEU A 47 9.70 -32.63 30.68
N PRO A 48 10.54 -33.21 31.54
CA PRO A 48 11.80 -32.53 31.90
C PRO A 48 12.82 -32.51 30.76
N VAL A 49 13.65 -31.46 30.77
CA VAL A 49 14.73 -31.28 29.79
C VAL A 49 15.99 -30.83 30.52
N THR A 50 17.14 -31.35 30.08
CA THR A 50 18.43 -31.00 30.68
C THR A 50 18.95 -29.71 30.06
N GLN A 51 18.59 -28.58 30.66
CA GLN A 51 19.05 -27.29 30.16
C GLN A 51 20.53 -27.09 30.49
N THR A 52 21.34 -26.88 29.44
CA THR A 52 22.80 -26.74 29.59
C THR A 52 23.18 -25.26 29.69
N THR A 53 23.20 -24.76 30.92
CA THR A 53 23.42 -23.36 31.21
C THR A 53 24.90 -22.98 31.08
N ALA A 54 25.15 -21.67 31.09
CA ALA A 54 26.50 -21.16 30.99
C ALA A 54 26.58 -19.86 31.78
N THR A 55 27.76 -19.56 32.31
CA THR A 55 28.01 -18.34 33.06
C THR A 55 29.23 -17.66 32.48
N LEU A 56 29.56 -16.50 33.06
CA LEU A 56 30.73 -15.72 32.65
C LEU A 56 31.41 -15.00 33.83
N ASN A 57 32.43 -15.63 34.41
CA ASN A 57 33.17 -15.06 35.52
C ASN A 57 34.34 -14.26 34.94
N TRP A 58 34.47 -12.99 35.34
CA TRP A 58 35.30 -12.06 34.56
C TRP A 58 36.81 -12.32 34.68
N PRO A 59 37.46 -12.26 35.90
CA PRO A 59 38.88 -12.66 35.93
C PRO A 59 39.06 -14.15 35.64
N GLN A 60 39.64 -14.47 34.49
CA GLN A 60 39.65 -15.87 34.06
C GLN A 60 40.75 -16.67 34.76
N GLN A 61 42.00 -16.27 34.57
CA GLN A 61 43.14 -16.94 35.20
C GLN A 61 43.99 -15.92 35.96
N GLY A 62 43.33 -14.96 36.60
CA GLY A 62 44.00 -13.87 37.26
C GLY A 62 44.14 -12.62 36.41
N ARG A 63 44.21 -12.77 35.09
CA ARG A 63 44.53 -11.65 34.22
C ARG A 63 43.33 -10.71 34.10
N LEU A 64 43.61 -9.47 33.73
CA LEU A 64 42.58 -8.46 33.53
C LEU A 64 42.49 -8.00 32.09
N ASP A 65 42.48 -8.94 31.16
CA ASP A 65 42.25 -8.59 29.77
C ASP A 65 40.75 -8.57 29.51
N ASN A 66 40.36 -7.81 28.50
CA ASN A 66 38.95 -7.73 28.14
C ASN A 66 38.50 -9.03 27.50
N VAL A 67 37.23 -9.36 27.71
CA VAL A 67 36.66 -10.60 27.20
C VAL A 67 35.30 -10.28 26.59
N THR A 68 35.07 -10.79 25.39
CA THR A 68 33.87 -10.53 24.63
C THR A 68 33.02 -11.79 24.61
N ALA A 69 31.77 -11.64 25.00
CA ALA A 69 30.81 -12.74 24.93
C ALA A 69 29.47 -12.15 24.52
N PRO A 70 29.32 -11.78 23.23
CA PRO A 70 28.05 -11.20 22.77
C PRO A 70 26.88 -12.16 22.87
N LEU A 71 25.99 -11.87 23.82
CA LEU A 71 24.79 -12.66 23.99
C LEU A 71 23.87 -12.49 22.79
N ILE A 72 23.44 -13.61 22.20
CA ILE A 72 22.53 -13.56 21.08
C ILE A 72 21.16 -13.01 21.50
N SER A 73 20.72 -13.31 22.71
CA SER A 73 19.47 -12.81 23.22
C SER A 73 19.60 -11.48 23.97
N GLN A 74 20.82 -10.93 24.02
CA GLN A 74 21.23 -9.66 24.64
C GLN A 74 20.55 -9.34 25.97
N ALA A 75 20.44 -10.34 26.83
CA ALA A 75 19.70 -10.17 28.07
C ALA A 75 20.09 -11.23 29.08
N PRO A 76 21.04 -10.95 29.96
CA PRO A 76 21.39 -11.91 31.00
C PRO A 76 20.30 -11.99 32.06
N LEU A 77 20.26 -13.12 32.76
CA LEU A 77 19.30 -13.30 33.84
C LEU A 77 19.69 -12.50 35.08
N GLU A 78 20.97 -12.50 35.43
CA GLU A 78 21.45 -11.69 36.54
C GLU A 78 22.87 -11.25 36.27
N LEU A 79 23.33 -10.26 37.05
CA LEU A 79 24.68 -9.73 36.94
C LEU A 79 25.56 -10.11 38.13
N THR A 80 25.16 -9.72 39.34
CA THR A 80 25.84 -9.97 40.64
C THR A 80 27.31 -9.53 40.60
N ALA A 81 27.55 -8.36 40.04
CA ALA A 81 28.90 -7.84 39.89
C ALA A 81 29.32 -7.21 41.21
N THR A 82 30.53 -7.53 41.65
CA THR A 82 31.03 -6.96 42.90
C THR A 82 32.36 -6.25 42.67
N VAL A 83 32.51 -5.07 43.27
CA VAL A 83 33.71 -4.26 43.05
C VAL A 83 34.17 -3.70 44.39
N PRO A 84 35.45 -3.88 44.73
CA PRO A 84 35.98 -3.29 45.95
C PRO A 84 36.34 -1.83 45.75
N CYS A 85 36.73 -1.20 46.83
CA CYS A 85 37.11 0.22 46.83
C CYS A 85 38.56 0.43 46.44
N SER A 86 39.32 -0.64 46.21
CA SER A 86 40.74 -0.48 45.93
C SER A 86 41.04 0.03 44.53
N VAL A 87 40.15 -0.19 43.55
CA VAL A 87 40.45 0.20 42.18
C VAL A 87 39.78 1.50 41.76
N VAL A 88 38.88 2.04 42.57
CA VAL A 88 38.35 3.35 42.24
C VAL A 88 39.35 4.44 42.65
N ARG A 89 40.16 4.18 43.67
CA ARG A 89 41.22 5.12 44.04
C ARG A 89 42.52 4.86 43.31
N ASP A 90 42.68 3.69 42.69
CA ASP A 90 43.87 3.32 41.94
C ASP A 90 43.79 3.70 40.47
N LEU A 91 42.61 4.06 39.98
CA LEU A 91 42.47 4.54 38.62
C LEU A 91 43.14 5.91 38.46
N PRO A 92 43.45 6.30 37.23
CA PRO A 92 43.99 7.64 36.97
C PRO A 92 43.02 8.75 37.33
N PRO A 93 43.49 10.01 37.31
CA PRO A 93 42.58 11.15 37.50
C PRO A 93 41.44 11.19 36.50
N GLU A 94 41.68 10.85 35.23
CA GLU A 94 40.56 10.58 34.34
C GLU A 94 39.92 9.23 34.62
N GLY A 95 40.63 8.12 34.29
CA GLY A 95 40.40 6.73 34.73
C GLY A 95 38.94 6.31 34.72
N GLY A 96 38.30 6.48 33.56
CA GLY A 96 36.88 6.19 33.49
C GLY A 96 36.37 4.75 33.54
N LEU A 97 37.04 3.79 32.93
CA LEU A 97 36.35 2.49 32.90
C LEU A 97 36.92 1.38 33.79
N VAL A 98 36.46 1.34 35.04
CA VAL A 98 36.84 0.27 35.95
C VAL A 98 36.29 -1.08 35.47
N PHE A 99 35.05 -1.10 34.95
CA PHE A 99 34.59 -2.07 33.95
C PHE A 99 33.36 -1.48 33.26
N GLY A 100 32.82 -2.26 32.35
CA GLY A 100 31.55 -1.95 31.72
C GLY A 100 31.22 -3.08 30.76
N THR A 101 29.93 -3.18 30.42
CA THR A 101 29.48 -4.21 29.50
C THR A 101 29.12 -3.66 28.12
N ALA A 102 29.55 -2.45 27.82
CA ALA A 102 29.61 -1.94 26.46
C ALA A 102 31.04 -1.51 26.16
N PRO A 103 31.38 -1.31 24.88
CA PRO A 103 32.71 -0.78 24.54
C PRO A 103 32.97 0.59 25.14
N ALA A 104 34.23 0.99 25.05
CA ALA A 104 34.61 2.34 25.43
C ALA A 104 33.91 3.38 24.56
N GLU A 105 33.81 3.10 23.26
CA GLU A 105 33.03 3.93 22.33
C GLU A 105 32.21 3.01 21.42
N GLY A 106 30.91 2.94 21.69
CA GLY A 106 30.00 2.19 20.85
C GLY A 106 28.80 3.03 20.48
N ARG A 107 28.13 2.64 19.40
CA ARG A 107 26.91 3.31 18.97
C ARG A 107 25.79 2.99 19.95
N ASP A 108 25.38 4.00 20.72
CA ASP A 108 24.35 3.89 21.75
C ASP A 108 24.78 2.90 22.83
N ALA A 109 26.01 3.08 23.31
CA ALA A 109 26.57 2.19 24.32
C ALA A 109 25.90 2.43 25.67
N ALA A 110 25.75 3.70 26.06
CA ALA A 110 25.02 4.01 27.27
C ALA A 110 23.54 3.68 27.16
N LEU A 111 23.02 3.74 25.93
CA LEU A 111 21.61 3.47 25.68
C LEU A 111 21.20 2.01 25.81
N ASN A 112 22.14 1.09 25.76
CA ASN A 112 21.78 -0.33 25.89
C ASN A 112 22.43 -1.08 27.03
N ALA A 113 23.70 -0.87 27.32
CA ALA A 113 24.41 -1.76 28.22
C ALA A 113 24.83 -1.05 29.50
N MET A 114 25.26 -1.86 30.47
CA MET A 114 25.67 -1.38 31.79
C MET A 114 27.14 -1.00 31.75
N LEU A 115 27.39 0.26 31.45
CA LEU A 115 28.71 0.83 31.66
C LEU A 115 28.69 1.53 33.02
N VAL A 116 29.78 1.36 33.76
CA VAL A 116 29.91 1.89 35.12
C VAL A 116 31.25 2.62 35.16
N ASN A 117 31.21 3.94 34.98
CA ASN A 117 32.42 4.73 34.96
C ASN A 117 32.48 5.71 36.12
N VAL A 118 33.66 6.28 36.32
CA VAL A 118 33.78 7.37 37.29
C VAL A 118 34.07 8.66 36.55
N THR A 119 33.55 9.75 37.09
CA THR A 119 33.74 11.09 36.54
C THR A 119 34.27 11.93 37.69
N GLU A 120 34.56 13.20 37.41
CA GLU A 120 35.30 14.08 38.32
C GLU A 120 34.64 14.20 39.68
N THR A 121 33.31 14.36 39.72
CA THR A 121 32.61 14.49 41.00
C THR A 121 31.56 13.41 41.25
N ARG A 122 31.48 12.37 40.42
CA ARG A 122 30.42 11.39 40.59
C ARG A 122 30.84 10.03 40.03
N VAL A 123 30.17 8.98 40.51
CA VAL A 123 30.24 7.69 39.84
C VAL A 123 28.87 7.40 39.23
N ASP A 124 28.82 6.66 38.13
CA ASP A 124 27.57 6.39 37.41
C ASP A 124 27.42 4.87 37.42
N VAL A 125 26.19 4.39 37.56
CA VAL A 125 25.95 2.95 37.44
C VAL A 125 24.83 2.88 36.42
N ILE A 126 24.77 3.92 35.59
CA ILE A 126 23.85 4.18 34.49
C ILE A 126 23.56 2.95 33.63
N VAL A 127 22.28 2.69 33.39
CA VAL A 127 21.79 1.59 32.58
C VAL A 127 20.64 2.12 31.75
N ARG A 128 20.69 1.87 30.44
CA ARG A 128 19.59 2.15 29.50
C ARG A 128 19.13 3.60 29.52
N ASN A 129 20.08 4.51 29.77
CA ASN A 129 19.84 5.94 30.06
C ASN A 129 18.89 6.15 31.24
N VAL A 130 19.02 5.32 32.27
CA VAL A 130 18.29 5.47 33.52
C VAL A 130 19.34 5.51 34.63
N VAL A 131 19.40 6.63 35.34
CA VAL A 131 20.50 6.90 36.27
C VAL A 131 20.30 6.13 37.57
N VAL A 132 21.39 5.58 38.09
CA VAL A 132 21.43 4.76 39.30
C VAL A 132 22.39 5.53 40.22
N ALA A 133 23.00 4.85 41.20
CA ALA A 133 23.82 5.42 42.28
C ALA A 133 24.90 6.40 41.86
N SER A 134 24.65 7.67 42.17
CA SER A 134 25.51 8.78 41.79
C SER A 134 26.18 9.36 43.03
N VAL A 135 27.05 8.57 43.65
CA VAL A 135 27.76 9.06 44.83
C VAL A 135 29.00 9.84 44.40
N ASN A 136 29.50 10.66 45.31
CA ASN A 136 30.63 11.54 45.04
C ASN A 136 31.93 10.78 44.84
N ARG A 137 32.88 11.44 44.18
CA ARG A 137 34.19 10.83 43.94
C ARG A 137 35.03 10.83 45.22
N ASP A 138 35.14 11.99 45.88
CA ASP A 138 35.90 12.03 47.13
C ASP A 138 35.25 11.20 48.24
N ARG A 139 34.00 10.84 48.04
CA ARG A 139 33.29 9.98 48.99
C ARG A 139 33.83 8.56 48.74
N VAL A 140 33.98 8.22 47.46
CA VAL A 140 34.52 6.93 47.06
C VAL A 140 35.98 7.11 46.67
N CYS A 145 34.95 1.34 51.83
CA CYS A 145 33.57 1.38 51.37
C CYS A 145 32.95 -0.01 51.21
N GLN A 146 33.47 -0.99 51.95
CA GLN A 146 32.85 -2.29 52.21
C GLN A 146 32.55 -3.14 50.97
N ARG A 147 33.43 -3.10 49.95
CA ARG A 147 33.28 -3.86 48.69
C ARG A 147 31.88 -3.75 48.04
N ILE A 148 31.57 -2.57 47.50
CA ILE A 148 30.27 -2.25 46.89
C ILE A 148 29.83 -3.26 45.80
N GLU A 149 28.72 -3.94 46.08
CA GLU A 149 28.11 -4.92 45.20
C GLU A 149 26.91 -4.38 44.40
N ILE A 150 26.92 -4.67 43.10
CA ILE A 150 25.90 -4.24 42.14
C ILE A 150 25.15 -5.49 41.72
N THR A 151 23.83 -5.38 41.61
CA THR A 151 23.00 -6.47 41.11
C THR A 151 22.06 -5.97 40.04
N SER A 152 21.58 -6.91 39.22
CA SER A 152 20.60 -6.65 38.18
C SER A 152 19.82 -7.92 37.84
N ASN A 153 18.91 -8.29 38.72
CA ASN A 153 18.12 -9.51 38.61
C ASN A 153 16.86 -9.23 37.79
N LEU A 154 15.90 -10.15 37.88
CA LEU A 154 14.58 -9.93 37.29
C LEU A 154 13.89 -8.78 38.02
N ASP A 155 13.87 -8.85 39.35
CA ASP A 155 13.38 -7.79 40.22
C ASP A 155 14.64 -7.38 40.96
N GLY A 156 15.49 -6.64 40.25
CA GLY A 156 16.75 -6.17 40.75
C GLY A 156 17.03 -4.73 40.36
N THR A 157 18.27 -4.48 39.93
CA THR A 157 18.90 -3.22 39.50
C THR A 157 19.23 -2.33 40.69
N TYR A 158 19.06 -2.84 41.91
CA TYR A 158 19.35 -2.09 43.12
C TYR A 158 20.86 -2.06 43.34
N ALA A 159 21.54 -1.20 42.58
CA ALA A 159 22.98 -1.09 42.73
C ALA A 159 23.29 -0.37 44.03
N ASP A 160 23.47 -1.14 45.10
CA ASP A 160 23.54 -0.58 46.44
C ASP A 160 24.99 -0.48 46.91
N PHE A 161 25.25 0.51 47.76
CA PHE A 161 26.55 0.63 48.39
C PHE A 161 26.37 0.18 49.83
N VAL A 162 26.83 -1.04 50.12
CA VAL A 162 26.75 -1.63 51.45
C VAL A 162 27.49 -0.79 52.47
N GLY A 163 26.81 -0.45 53.57
CA GLY A 163 27.49 0.21 54.66
C GLY A 163 27.82 1.67 54.45
N LEU A 164 27.18 2.33 53.48
CA LEU A 164 27.44 3.74 53.23
C LEU A 164 26.15 4.54 53.40
N THR A 165 26.30 5.73 54.01
CA THR A 165 25.21 6.66 54.23
C THR A 165 25.24 7.77 53.20
N GLN A 166 24.05 8.11 52.69
CA GLN A 166 23.89 9.24 51.79
C GLN A 166 24.09 10.56 52.53
N ILE A 167 24.61 11.55 51.81
CA ILE A 167 24.95 12.84 52.38
C ILE A 167 23.82 13.87 52.18
N SER A 168 23.17 13.88 51.02
CA SER A 168 21.97 14.69 50.80
C SER A 168 20.81 13.76 50.53
N GLY A 169 19.62 14.13 51.01
CA GLY A 169 18.45 13.30 50.80
C GLY A 169 17.91 12.79 52.13
N GLU A 170 17.25 11.65 52.07
CA GLU A 170 16.68 11.02 53.25
C GLU A 170 17.64 9.88 53.56
N ASP A 171 17.65 9.39 54.80
CA ASP A 171 18.56 8.29 55.05
C ASP A 171 18.00 6.90 54.77
N ALA A 172 16.70 6.68 54.92
CA ALA A 172 16.02 5.40 54.63
C ALA A 172 16.74 4.21 55.27
N GLY A 173 17.25 4.42 56.48
CA GLY A 173 18.06 3.46 57.21
C GLY A 173 19.54 3.52 56.92
N LYS A 174 19.98 4.44 56.05
CA LYS A 174 21.40 4.69 55.72
C LYS A 174 22.07 3.46 55.07
N LEU A 175 21.41 2.88 54.08
CA LEU A 175 21.97 1.71 53.43
C LEU A 175 22.23 1.87 51.93
N GLN A 176 21.84 3.01 51.32
CA GLN A 176 22.11 3.34 49.91
C GLN A 176 21.52 2.29 48.96
N ARG A 177 20.35 1.76 49.30
CA ARG A 177 19.66 0.85 48.38
C ARG A 177 18.92 1.68 47.33
N THR A 178 19.50 1.79 46.15
CA THR A 178 19.01 2.68 45.11
C THR A 178 18.87 1.92 43.80
N GLY A 179 17.74 2.08 43.13
CA GLY A 179 17.53 1.43 41.85
C GLY A 179 16.08 1.50 41.46
N TYR A 180 15.72 0.67 40.47
CA TYR A 180 14.35 0.63 39.98
C TYR A 180 13.91 -0.82 39.86
N PRO A 181 12.81 -1.21 40.48
CA PRO A 181 12.34 -2.60 40.33
C PRO A 181 11.76 -2.82 38.94
N ASP A 182 12.56 -3.39 38.03
CA ASP A 182 12.14 -3.50 36.65
C ASP A 182 12.97 -4.52 35.88
N PRO A 183 12.33 -5.50 35.24
CA PRO A 183 13.07 -6.33 34.28
C PRO A 183 13.26 -5.66 32.94
N ASN A 184 12.47 -4.62 32.65
CA ASN A 184 12.54 -3.91 31.37
C ASN A 184 13.90 -3.26 31.18
N LEU A 185 14.42 -2.66 32.25
CA LEU A 185 15.73 -2.00 32.20
C LEU A 185 16.90 -2.90 32.61
N ARG A 186 17.29 -3.81 31.72
CA ARG A 186 18.41 -4.70 31.97
C ARG A 186 19.50 -4.38 30.94
N PRO A 187 20.74 -4.72 31.21
CA PRO A 187 21.80 -4.48 30.23
C PRO A 187 21.80 -5.51 29.12
N ALA A 188 22.40 -5.11 28.00
CA ALA A 188 22.65 -6.02 26.89
C ALA A 188 24.13 -6.35 26.91
N ILE A 189 24.46 -7.52 27.45
CA ILE A 189 25.86 -7.91 27.63
C ILE A 189 26.44 -8.33 26.29
N VAL A 190 27.37 -7.54 25.77
CA VAL A 190 28.20 -7.95 24.65
C VAL A 190 29.55 -8.48 25.08
N GLY A 191 29.83 -8.46 26.37
CA GLY A 191 31.12 -8.80 26.95
C GLY A 191 31.32 -8.00 28.21
N VAL A 192 32.59 -7.78 28.57
CA VAL A 192 32.91 -6.87 29.67
C VAL A 192 34.26 -6.23 29.36
N PHE A 193 34.31 -4.89 29.40
CA PHE A 193 35.49 -4.15 28.99
C PHE A 193 35.95 -3.21 30.09
N THR A 194 37.27 -3.12 30.27
CA THR A 194 37.89 -2.26 31.26
C THR A 194 39.11 -1.58 30.65
N ASP A 195 39.76 -0.72 31.44
CA ASP A 195 41.04 -0.14 31.08
C ASP A 195 42.18 -0.52 32.01
N LEU A 196 41.87 -0.80 33.28
CA LEU A 196 42.87 -1.29 34.22
C LEU A 196 43.41 -2.65 33.81
N THR A 197 44.69 -2.85 34.05
CA THR A 197 45.40 -4.05 33.61
C THR A 197 46.22 -4.60 34.77
N GLY A 198 46.36 -5.92 34.82
CA GLY A 198 47.13 -6.56 35.86
C GLY A 198 46.25 -7.18 36.94
N PRO A 199 46.88 -8.08 37.78
CA PRO A 199 46.17 -8.98 38.72
C PRO A 199 44.95 -8.46 39.46
N ALA A 200 43.95 -9.32 39.61
CA ALA A 200 42.66 -8.91 40.14
C ALA A 200 42.73 -8.58 41.63
N PRO A 201 42.17 -7.45 42.06
CA PRO A 201 41.98 -7.21 43.49
C PRO A 201 40.92 -8.16 44.03
N GLN A 202 41.13 -8.61 45.26
CA GLN A 202 40.20 -9.55 45.88
C GLN A 202 38.87 -8.84 46.13
N GLY A 203 37.81 -9.33 45.47
CA GLY A 203 36.52 -8.67 45.44
C GLY A 203 36.05 -8.35 44.03
N LEU A 204 36.98 -8.12 43.10
CA LEU A 204 36.62 -7.85 41.72
C LEU A 204 36.20 -9.14 41.04
N SER A 205 34.90 -9.33 40.79
CA SER A 205 34.42 -10.53 40.11
C SER A 205 33.03 -10.27 39.51
N VAL A 206 32.99 -9.99 38.21
CA VAL A 206 31.73 -9.91 37.49
C VAL A 206 31.39 -11.32 37.02
N SER A 207 30.31 -11.89 37.54
CA SER A 207 29.93 -13.27 37.23
C SER A 207 28.47 -13.28 36.78
N ALA A 208 28.25 -12.97 35.50
CA ALA A 208 26.89 -12.90 35.00
C ALA A 208 26.38 -14.24 34.52
N GLU A 209 25.08 -14.46 34.72
CA GLU A 209 24.33 -15.61 34.20
C GLU A 209 23.73 -15.25 32.84
N ILE A 210 24.21 -15.91 31.79
CA ILE A 210 23.67 -15.63 30.45
C ILE A 210 22.33 -16.34 30.26
N ASP A 211 21.59 -15.86 29.26
CA ASP A 211 20.30 -16.43 28.89
C ASP A 211 20.47 -17.75 28.17
N THR A 212 19.95 -18.82 28.75
CA THR A 212 20.13 -20.16 28.22
C THR A 212 18.83 -20.96 28.22
N ARG A 213 17.76 -20.36 27.70
CA ARG A 213 16.44 -20.97 27.83
C ARG A 213 16.26 -22.12 26.86
N PHE A 214 16.64 -21.92 25.60
CA PHE A 214 16.25 -22.82 24.52
C PHE A 214 17.29 -23.89 24.22
N THR A 215 18.57 -23.61 24.43
CA THR A 215 19.63 -24.59 24.20
C THR A 215 19.52 -25.73 25.21
N THR A 216 18.64 -26.69 24.90
CA THR A 216 18.36 -27.81 25.78
C THR A 216 18.35 -29.09 24.96
N HIS A 217 18.47 -30.21 25.67
CA HIS A 217 18.21 -31.50 25.07
C HIS A 217 17.41 -32.35 26.05
N PRO A 218 16.54 -33.22 25.55
CA PRO A 218 15.63 -33.95 26.44
C PRO A 218 16.34 -35.03 27.24
N THR A 219 15.86 -35.21 28.47
CA THR A 219 16.39 -36.24 29.35
C THR A 219 15.93 -37.63 28.88
N ALA A 220 16.37 -38.65 29.63
CA ALA A 220 16.08 -40.05 29.29
C ALA A 220 14.58 -40.35 29.29
N LEU A 221 13.86 -39.80 30.26
CA LEU A 221 12.41 -39.95 30.33
C LEU A 221 11.71 -39.41 29.08
N LYS A 222 12.04 -38.18 28.68
CA LYS A 222 11.37 -37.58 27.53
C LYS A 222 11.73 -38.28 26.22
N LEU A 223 12.95 -38.79 26.12
CA LEU A 223 13.33 -39.55 24.93
C LEU A 223 12.61 -40.88 24.86
N ALA A 224 12.54 -41.60 25.98
CA ALA A 224 11.82 -42.87 26.03
C ALA A 224 10.34 -42.66 25.76
N ALA A 225 9.78 -41.54 26.25
CA ALA A 225 8.39 -41.20 25.96
C ALA A 225 8.17 -40.93 24.48
N MET A 226 9.13 -40.30 23.81
CA MET A 226 8.99 -40.04 22.37
C MET A 226 9.04 -41.33 21.57
N LEU A 227 10.05 -42.16 21.84
CA LEU A 227 10.17 -43.45 21.17
C LEU A 227 8.96 -44.33 21.43
N LEU A 228 8.38 -44.24 22.62
CA LEU A 228 7.23 -45.08 22.93
C LEU A 228 5.97 -44.54 22.27
N ALA A 229 5.80 -43.21 22.20
CA ALA A 229 4.66 -42.64 21.49
C ALA A 229 4.71 -42.94 20.00
N ILE A 230 5.91 -42.93 19.40
CA ILE A 230 6.05 -43.26 17.98
C ILE A 230 5.73 -44.73 17.74
N VAL A 231 6.32 -45.63 18.54
CA VAL A 231 6.09 -47.05 18.31
C VAL A 231 4.64 -47.42 18.66
N SER A 232 4.05 -46.71 19.62
CA SER A 232 2.66 -46.96 19.97
C SER A 232 1.71 -46.50 18.88
N THR A 233 1.97 -45.35 18.24
CA THR A 233 1.09 -44.95 17.16
C THR A 233 1.26 -45.81 15.92
N VAL A 234 2.48 -46.30 15.63
CA VAL A 234 2.62 -47.18 14.47
C VAL A 234 1.99 -48.54 14.75
N ILE A 235 2.10 -49.03 15.99
CA ILE A 235 1.35 -50.21 16.42
C ILE A 235 -0.15 -50.01 16.28
N ALA A 236 -0.66 -48.85 16.70
CA ALA A 236 -2.09 -48.55 16.58
C ALA A 236 -2.52 -48.44 15.13
N LEU A 237 -1.67 -47.86 14.27
CA LEU A 237 -2.01 -47.76 12.85
C LEU A 237 -2.03 -49.12 12.18
N LEU A 238 -1.06 -49.99 12.48
CA LEU A 238 -1.08 -51.32 11.88
C LEU A 238 -2.16 -52.20 12.48
N ALA A 239 -2.54 -51.95 13.73
CA ALA A 239 -3.70 -52.64 14.29
C ALA A 239 -4.99 -52.19 13.63
N LEU A 240 -5.10 -50.90 13.32
CA LEU A 240 -6.23 -50.41 12.55
C LEU A 240 -6.26 -51.02 11.15
N TRP A 241 -5.10 -51.13 10.51
CA TRP A 241 -5.01 -51.77 9.21
C TRP A 241 -5.43 -53.24 9.27
N ARG A 242 -5.04 -53.95 10.34
CA ARG A 242 -5.49 -55.34 10.50
C ARG A 242 -6.99 -55.45 10.76
N LEU A 243 -7.52 -54.58 11.62
CA LEU A 243 -8.95 -54.61 11.93
C LEU A 243 -9.80 -54.16 10.77
N ASP A 244 -9.27 -53.28 9.94
CA ASP A 244 -10.05 -52.69 8.88
C ASP A 244 -10.24 -53.65 7.72
N ARG A 245 -9.33 -54.61 7.56
CA ARG A 245 -9.43 -55.61 6.50
C ARG A 245 -10.44 -56.71 6.89
N LEU A 246 -11.70 -56.29 6.99
CA LEU A 246 -12.80 -57.23 7.17
C LEU A 246 -13.72 -57.27 5.97
N ASP A 247 -13.54 -56.36 5.01
CA ASP A 247 -14.20 -56.44 3.72
C ASP A 247 -13.37 -57.20 2.70
N GLY A 248 -12.24 -57.76 3.13
CA GLY A 248 -11.30 -58.37 2.20
C GLY A 248 -10.52 -57.29 1.48
N ARG A 249 -10.56 -57.34 0.15
CA ARG A 249 -9.88 -56.35 -0.68
C ARG A 249 -8.40 -56.25 -0.35
N ARG A 250 -7.64 -57.27 -0.73
CA ARG A 250 -6.21 -57.29 -0.49
C ARG A 250 -5.49 -56.41 -1.50
N MET A 251 -4.33 -55.91 -1.10
CA MET A 251 -3.54 -55.05 -1.97
C MET A 251 -2.89 -55.89 -3.06
N HIS A 252 -3.55 -55.98 -4.21
CA HIS A 252 -3.04 -56.74 -5.35
C HIS A 252 -2.81 -55.79 -6.52
N ARG A 253 -1.86 -56.18 -7.38
CA ARG A 253 -1.36 -55.39 -8.50
C ARG A 253 -0.89 -54.01 -8.05
N LEU A 254 0.27 -53.97 -7.39
CA LEU A 254 0.82 -52.72 -6.90
C LEU A 254 1.24 -51.83 -8.06
N ILE A 255 1.17 -50.52 -7.83
CA ILE A 255 1.29 -49.44 -8.82
C ILE A 255 0.16 -49.58 -9.84
N PRO A 256 -1.08 -49.12 -9.48
CA PRO A 256 -2.31 -49.31 -10.29
C PRO A 256 -2.23 -49.08 -11.79
N THR A 257 -3.14 -49.73 -12.54
CA THR A 257 -3.10 -49.79 -14.00
C THR A 257 -3.13 -48.41 -14.66
N ARG A 258 -3.74 -47.41 -14.02
CA ARG A 258 -3.68 -46.05 -14.56
C ARG A 258 -2.30 -45.40 -14.42
N TRP A 259 -1.41 -45.99 -13.65
CA TRP A 259 -0.01 -45.57 -13.64
C TRP A 259 0.75 -46.35 -14.72
N ARG A 260 2.02 -45.94 -14.91
CA ARG A 260 3.01 -46.41 -15.88
C ARG A 260 2.62 -46.16 -17.35
N THR A 261 1.62 -45.32 -17.60
CA THR A 261 1.22 -45.01 -18.97
C THR A 261 1.72 -43.61 -19.33
N VAL A 262 3.05 -43.43 -19.32
CA VAL A 262 3.65 -42.11 -19.43
C VAL A 262 3.44 -41.52 -20.82
N THR A 263 3.11 -40.24 -20.84
CA THR A 263 2.72 -39.49 -22.03
C THR A 263 3.55 -38.22 -22.12
N ALA A 264 3.29 -37.42 -23.15
CA ALA A 264 4.12 -36.26 -23.44
C ALA A 264 4.05 -35.19 -22.36
N VAL A 265 2.90 -35.05 -21.69
CA VAL A 265 2.80 -34.05 -20.63
C VAL A 265 3.70 -34.42 -19.46
N ASP A 266 3.87 -35.72 -19.19
CA ASP A 266 4.77 -36.13 -18.11
C ASP A 266 6.21 -35.78 -18.45
N GLY A 267 6.64 -36.03 -19.69
CA GLY A 267 7.97 -35.64 -20.10
C GLY A 267 8.19 -34.15 -20.11
N VAL A 268 7.13 -33.37 -20.34
CA VAL A 268 7.27 -31.92 -20.33
C VAL A 268 7.38 -31.39 -18.91
N VAL A 269 6.50 -31.84 -18.02
CA VAL A 269 6.43 -31.29 -16.67
C VAL A 269 7.44 -32.04 -15.78
N VAL A 270 8.25 -32.90 -16.38
CA VAL A 270 9.44 -33.43 -15.71
C VAL A 270 10.69 -32.76 -16.22
N GLY A 271 10.86 -32.67 -17.55
CA GLY A 271 12.04 -32.02 -18.10
C GLY A 271 12.09 -30.53 -17.82
N GLY A 272 10.96 -29.84 -18.01
CA GLY A 272 10.92 -28.42 -17.70
C GLY A 272 11.04 -28.13 -16.22
N MET A 273 10.54 -29.04 -15.37
CA MET A 273 10.76 -28.90 -13.94
C MET A 273 12.22 -29.09 -13.56
N ALA A 274 12.92 -30.02 -14.22
CA ALA A 274 14.36 -30.18 -13.98
C ALA A 274 15.15 -28.97 -14.49
N ILE A 275 14.72 -28.41 -15.62
CA ILE A 275 15.43 -27.26 -16.18
C ILE A 275 15.20 -26.03 -15.32
N TRP A 276 13.99 -25.88 -14.77
CA TRP A 276 13.75 -24.81 -13.81
C TRP A 276 14.49 -25.06 -12.51
N TYR A 277 14.62 -26.32 -12.08
CA TYR A 277 15.41 -26.62 -10.90
C TYR A 277 16.86 -26.20 -11.06
N VAL A 278 17.41 -26.36 -12.26
CA VAL A 278 18.79 -25.93 -12.49
C VAL A 278 18.88 -24.41 -12.63
N ILE A 279 18.29 -23.85 -13.70
CA ILE A 279 18.50 -22.43 -14.02
C ILE A 279 17.53 -21.46 -13.38
N GLY A 280 16.43 -21.92 -12.80
CA GLY A 280 15.35 -21.06 -12.38
C GLY A 280 15.63 -20.20 -11.17
N ALA A 281 14.65 -19.37 -10.84
CA ALA A 281 14.75 -18.41 -9.76
C ALA A 281 14.60 -19.09 -8.40
N ASN A 282 15.14 -18.41 -7.39
CA ASN A 282 14.99 -18.81 -6.00
C ASN A 282 13.81 -18.07 -5.38
N SER A 283 13.49 -18.42 -4.14
CA SER A 283 12.44 -17.72 -3.44
C SER A 283 13.02 -16.47 -2.78
N SER A 284 12.14 -15.68 -2.15
CA SER A 284 12.59 -14.48 -1.47
C SER A 284 13.36 -14.79 -0.19
N ASP A 285 12.86 -15.72 0.61
CA ASP A 285 13.47 -16.07 1.88
C ASP A 285 14.35 -17.31 1.81
N ASP A 286 15.04 -17.52 0.68
CA ASP A 286 15.91 -18.67 0.52
C ASP A 286 17.10 -18.61 1.47
N GLY A 287 17.74 -17.45 1.56
CA GLY A 287 18.87 -17.31 2.47
C GLY A 287 18.44 -17.33 3.93
N TYR A 288 17.25 -16.80 4.21
CA TYR A 288 16.70 -16.80 5.57
C TYR A 288 16.58 -18.21 6.11
N ILE A 289 16.16 -19.16 5.28
CA ILE A 289 16.02 -20.53 5.72
C ILE A 289 17.37 -21.24 5.73
N LEU A 290 18.19 -21.01 4.70
CA LEU A 290 19.48 -21.69 4.58
C LEU A 290 20.41 -21.34 5.74
N GLN A 291 20.51 -20.05 6.10
CA GLN A 291 21.46 -19.62 7.13
C GLN A 291 21.12 -20.20 8.49
N MET A 292 19.83 -20.18 8.86
CA MET A 292 19.46 -20.74 10.14
C MET A 292 19.55 -22.26 10.13
N ALA A 293 19.40 -22.89 8.96
CA ALA A 293 19.61 -24.32 8.89
C ALA A 293 21.07 -24.67 9.08
N ARG A 294 21.98 -23.86 8.53
CA ARG A 294 23.40 -24.09 8.73
C ARG A 294 23.82 -23.91 10.18
N THR A 295 23.36 -22.85 10.84
CA THR A 295 23.79 -22.64 12.22
C THR A 295 23.09 -23.54 13.23
N ALA A 296 21.92 -24.08 12.88
CA ALA A 296 21.12 -24.84 13.84
C ALA A 296 21.78 -26.13 14.28
N GLU A 297 22.63 -26.73 13.46
CA GLU A 297 23.27 -27.98 13.86
C GLU A 297 24.23 -27.75 15.01
N HIS A 298 25.08 -26.73 14.89
CA HIS A 298 26.04 -26.44 15.94
C HIS A 298 25.38 -25.83 17.16
N ALA A 299 24.41 -24.92 16.95
CA ALA A 299 23.67 -24.35 18.08
C ALA A 299 22.81 -25.39 18.77
N GLY A 300 22.10 -26.21 17.98
CA GLY A 300 21.33 -27.30 18.53
C GLY A 300 19.97 -26.94 19.06
N TYR A 301 19.33 -25.86 18.54
CA TYR A 301 17.95 -25.63 18.94
C TYR A 301 17.09 -24.95 17.88
N MET A 302 17.50 -24.95 16.60
CA MET A 302 16.80 -24.31 15.48
C MET A 302 16.42 -22.85 15.79
N ALA A 303 17.44 -22.02 15.87
CA ALA A 303 17.22 -20.63 16.19
C ALA A 303 16.70 -19.86 14.98
N ASN A 304 15.68 -19.03 15.20
CA ASN A 304 15.34 -18.04 14.19
C ASN A 304 16.45 -17.03 14.26
N TYR A 305 17.43 -17.22 13.38
CA TYR A 305 18.75 -16.60 13.49
C TYR A 305 18.70 -15.09 13.56
N PHE A 306 18.02 -14.46 12.60
CA PHE A 306 18.19 -13.02 12.43
C PHE A 306 17.31 -12.20 13.36
N ARG A 307 15.98 -12.25 13.16
CA ARG A 307 15.09 -11.26 13.73
C ARG A 307 15.00 -11.31 15.25
N TRP A 308 14.36 -12.32 15.82
CA TRP A 308 14.04 -12.25 17.23
C TRP A 308 15.26 -12.62 18.09
N PHE A 309 15.11 -12.45 19.41
CA PHE A 309 16.22 -12.57 20.35
C PHE A 309 16.70 -14.00 20.48
N GLY A 310 17.33 -14.52 19.42
CA GLY A 310 17.69 -15.92 19.28
C GLY A 310 16.58 -16.90 19.62
N SER A 311 15.33 -16.51 19.35
CA SER A 311 14.23 -17.37 19.77
C SER A 311 14.02 -18.46 18.74
N PRO A 312 13.75 -19.68 19.18
CA PRO A 312 13.56 -20.79 18.23
C PRO A 312 12.18 -20.76 17.61
N GLU A 313 12.11 -20.78 16.28
CA GLU A 313 10.78 -20.82 15.67
C GLU A 313 10.43 -22.29 15.54
N ASP A 314 10.60 -22.86 16.73
CA ASP A 314 10.46 -24.27 17.06
C ASP A 314 9.07 -24.59 17.54
N PRO A 315 8.17 -23.62 17.40
CA PRO A 315 6.75 -23.83 17.70
C PRO A 315 6.27 -24.72 16.55
N PHE A 316 6.74 -24.39 15.34
CA PHE A 316 6.44 -25.17 14.17
C PHE A 316 7.68 -25.51 13.32
N GLY A 317 8.94 -25.37 13.76
CA GLY A 317 9.90 -25.77 12.74
C GLY A 317 10.61 -27.11 12.85
N TRP A 318 10.03 -28.14 12.21
CA TRP A 318 10.74 -29.40 12.07
C TRP A 318 11.35 -29.61 10.69
N TYR A 319 10.76 -29.03 9.65
CA TYR A 319 11.30 -29.19 8.29
C TYR A 319 12.68 -28.56 8.18
N TYR A 320 12.94 -27.54 8.99
CA TYR A 320 14.26 -26.96 9.01
C TYR A 320 15.26 -27.92 9.64
N ASN A 321 14.80 -28.82 10.52
CA ASN A 321 15.70 -29.86 11.01
C ASN A 321 16.04 -30.86 9.92
N VAL A 322 15.13 -31.07 8.97
CA VAL A 322 15.44 -31.90 7.81
C VAL A 322 16.51 -31.21 6.96
N LEU A 323 16.35 -29.91 6.72
CA LEU A 323 17.39 -29.16 6.02
C LEU A 323 18.70 -29.12 6.79
N ALA A 324 18.63 -29.00 8.11
CA ALA A 324 19.83 -29.01 8.95
C ALA A 324 20.57 -30.34 8.88
N LEU A 325 19.84 -31.45 8.85
CA LEU A 325 20.47 -32.75 8.65
C LEU A 325 21.03 -32.85 7.24
N MET A 326 20.33 -32.28 6.26
CA MET A 326 20.81 -32.26 4.88
C MET A 326 22.10 -31.48 4.74
N THR A 327 22.25 -30.39 5.48
CA THR A 327 23.44 -29.54 5.42
C THR A 327 24.70 -30.17 6.00
N LYS A 328 24.64 -31.38 6.55
CA LYS A 328 25.85 -32.10 6.93
C LYS A 328 26.72 -32.34 5.71
N VAL A 329 26.10 -32.63 4.58
CA VAL A 329 26.77 -32.70 3.29
C VAL A 329 26.76 -31.29 2.73
N SER A 330 27.67 -31.01 1.78
CA SER A 330 27.85 -29.71 1.10
C SER A 330 26.55 -29.02 0.75
N ASP A 331 26.52 -27.71 0.97
CA ASP A 331 25.31 -26.92 0.88
C ASP A 331 25.26 -26.06 -0.38
N ALA A 332 25.57 -26.66 -1.51
CA ALA A 332 25.40 -25.98 -2.79
C ALA A 332 23.91 -25.83 -3.10
N SER A 333 23.58 -24.75 -3.81
CA SER A 333 22.20 -24.46 -4.17
C SER A 333 21.60 -25.51 -5.09
N ILE A 334 22.43 -26.17 -5.90
CA ILE A 334 21.97 -27.28 -6.73
C ILE A 334 21.51 -28.47 -5.88
N TRP A 335 22.07 -28.63 -4.68
CA TRP A 335 21.79 -29.83 -3.90
C TRP A 335 20.88 -29.63 -2.70
N ILE A 336 20.99 -28.52 -1.97
CA ILE A 336 20.13 -28.34 -0.80
C ILE A 336 18.67 -28.12 -1.19
N ARG A 337 18.40 -27.67 -2.41
CA ARG A 337 17.02 -27.52 -2.87
C ARG A 337 16.44 -28.81 -3.44
N LEU A 338 17.08 -29.96 -3.17
CA LEU A 338 16.57 -31.23 -3.66
C LEU A 338 15.16 -31.60 -3.16
N PRO A 339 14.71 -31.24 -1.94
CA PRO A 339 13.29 -31.43 -1.64
C PRO A 339 12.35 -30.67 -2.55
N ASP A 340 12.73 -29.49 -3.03
CA ASP A 340 11.87 -28.78 -3.97
C ASP A 340 11.79 -29.47 -5.33
N LEU A 341 12.74 -30.31 -5.68
CA LEU A 341 12.61 -31.12 -6.89
C LEU A 341 11.81 -32.38 -6.62
N ILE A 342 12.11 -33.06 -5.51
CA ILE A 342 11.47 -34.33 -5.19
C ILE A 342 9.98 -34.15 -4.92
N CYS A 343 9.62 -33.12 -4.14
CA CYS A 343 8.21 -32.86 -3.91
C CYS A 343 7.51 -32.32 -5.14
N ALA A 344 8.23 -31.75 -6.10
CA ALA A 344 7.61 -31.41 -7.38
C ALA A 344 7.33 -32.65 -8.21
N LEU A 345 8.25 -33.59 -8.21
CA LEU A 345 8.08 -34.81 -8.99
C LEU A 345 6.96 -35.67 -8.41
N ILE A 346 6.97 -35.90 -7.09
CA ILE A 346 5.88 -36.67 -6.51
C ILE A 346 4.57 -35.89 -6.50
N CYS A 347 4.61 -34.56 -6.53
CA CYS A 347 3.40 -33.77 -6.72
C CYS A 347 2.78 -34.01 -8.07
N TRP A 348 3.59 -33.92 -9.13
CA TRP A 348 3.10 -34.22 -10.49
C TRP A 348 2.62 -35.67 -10.59
N LEU A 349 3.43 -36.60 -10.11
CA LEU A 349 3.11 -38.01 -10.23
C LEU A 349 1.88 -38.41 -9.42
N LEU A 350 1.55 -37.67 -8.37
CA LEU A 350 0.26 -37.84 -7.72
C LEU A 350 -0.87 -37.19 -8.50
N LEU A 351 -0.64 -35.97 -8.98
CA LEU A 351 -1.68 -35.19 -9.66
C LEU A 351 -2.16 -35.86 -10.93
N SER A 352 -1.24 -36.24 -11.80
CA SER A 352 -1.64 -36.83 -13.09
C SER A 352 -2.21 -38.22 -12.93
N ARG A 353 -1.61 -39.04 -12.07
CA ARG A 353 -2.02 -40.43 -11.95
C ARG A 353 -2.99 -40.85 -10.85
N GLU A 354 -3.16 -40.03 -9.83
CA GLU A 354 -4.07 -40.45 -8.76
C GLU A 354 -5.13 -39.42 -8.44
N VAL A 355 -4.89 -38.13 -8.69
CA VAL A 355 -5.91 -37.12 -8.46
C VAL A 355 -6.88 -37.05 -9.63
N LEU A 356 -6.35 -36.87 -10.83
CA LEU A 356 -7.20 -36.64 -12.00
C LEU A 356 -8.05 -37.84 -12.44
N PRO A 357 -7.58 -39.10 -12.40
CA PRO A 357 -8.54 -40.20 -12.59
C PRO A 357 -9.61 -40.27 -11.51
N ARG A 358 -9.28 -39.93 -10.26
CA ARG A 358 -10.30 -39.85 -9.21
C ARG A 358 -11.30 -38.75 -9.51
N LEU A 359 -10.86 -37.65 -10.13
CA LEU A 359 -11.74 -36.53 -10.42
C LEU A 359 -12.80 -36.86 -11.46
N GLY A 360 -12.58 -37.87 -12.29
CA GLY A 360 -13.62 -38.38 -13.14
C GLY A 360 -13.13 -39.03 -14.41
N PRO A 361 -14.02 -39.70 -15.12
CA PRO A 361 -13.66 -40.21 -16.45
C PRO A 361 -13.44 -39.12 -17.48
N ALA A 362 -14.14 -37.99 -17.38
CA ALA A 362 -14.01 -36.93 -18.37
C ALA A 362 -12.64 -36.26 -18.32
N VAL A 363 -12.19 -35.88 -17.12
CA VAL A 363 -10.86 -35.28 -16.97
C VAL A 363 -9.75 -36.23 -17.35
N ALA A 364 -9.93 -37.54 -17.15
CA ALA A 364 -8.90 -38.46 -17.57
C ALA A 364 -8.91 -38.71 -19.07
N GLY A 365 -10.11 -38.73 -19.67
CA GLY A 365 -10.22 -38.98 -21.09
C GLY A 365 -9.65 -37.86 -21.95
N SER A 366 -9.92 -36.62 -21.55
CA SER A 366 -9.46 -35.46 -22.29
C SER A 366 -7.97 -35.26 -22.11
N ARG A 367 -7.25 -35.09 -23.23
CA ARG A 367 -5.82 -34.84 -23.11
C ARG A 367 -5.59 -33.43 -22.61
N ALA A 368 -6.37 -32.47 -23.12
CA ALA A 368 -6.25 -31.06 -22.75
C ALA A 368 -6.34 -30.84 -21.25
N ALA A 369 -7.10 -31.69 -20.54
CA ALA A 369 -7.22 -31.55 -19.09
C ALA A 369 -5.93 -31.90 -18.37
N MET A 370 -5.30 -33.01 -18.73
CA MET A 370 -4.01 -33.35 -18.14
C MET A 370 -2.93 -32.39 -18.57
N TRP A 371 -3.04 -31.85 -19.78
CA TRP A 371 -2.05 -30.89 -20.24
C TRP A 371 -2.16 -29.58 -19.48
N ALA A 372 -3.40 -29.15 -19.21
CA ALA A 372 -3.63 -27.95 -18.42
C ALA A 372 -3.18 -28.13 -16.98
N ALA A 373 -3.43 -29.32 -16.41
CA ALA A 373 -2.96 -29.59 -15.05
C ALA A 373 -1.45 -29.54 -14.99
N GLY A 374 -0.77 -30.07 -16.00
CA GLY A 374 0.67 -30.03 -16.02
C GLY A 374 1.23 -28.63 -16.15
N LEU A 375 0.68 -27.85 -17.08
CA LEU A 375 1.23 -26.52 -17.30
C LEU A 375 0.86 -25.56 -16.19
N VAL A 376 -0.31 -25.69 -15.57
CA VAL A 376 -0.65 -24.86 -14.43
C VAL A 376 0.18 -25.24 -13.20
N LEU A 377 0.41 -26.55 -13.00
CA LEU A 377 1.35 -27.03 -11.98
C LEU A 377 2.72 -26.38 -12.15
N LEU A 378 3.32 -26.54 -13.33
CA LEU A 378 4.65 -26.02 -13.59
C LEU A 378 4.70 -24.49 -13.49
N GLY A 379 3.66 -23.81 -14.01
CA GLY A 379 3.59 -22.37 -13.95
C GLY A 379 3.39 -21.81 -12.56
N ALA A 380 2.70 -22.54 -11.70
CA ALA A 380 2.54 -22.12 -10.32
C ALA A 380 3.69 -22.55 -9.44
N TRP A 381 4.38 -23.62 -9.82
CA TRP A 381 5.49 -24.10 -9.03
C TRP A 381 6.73 -23.25 -9.24
N MET A 382 7.02 -22.91 -10.49
CA MET A 382 8.32 -22.31 -10.80
C MET A 382 8.62 -20.93 -10.18
N PRO A 383 7.68 -19.98 -9.96
CA PRO A 383 8.13 -18.72 -9.34
C PRO A 383 8.36 -18.82 -7.84
N PHE A 384 7.46 -19.50 -7.13
CA PHE A 384 7.39 -19.38 -5.68
C PHE A 384 8.20 -20.42 -4.94
N ASN A 385 8.05 -21.70 -5.28
CA ASN A 385 8.69 -22.69 -4.45
C ASN A 385 9.75 -23.48 -5.18
N ASN A 386 10.70 -22.77 -5.76
CA ASN A 386 11.93 -23.38 -6.23
C ASN A 386 13.10 -22.76 -5.52
N GLY A 387 12.91 -22.48 -4.24
CA GLY A 387 13.93 -21.94 -3.38
C GLY A 387 14.09 -22.83 -2.17
N LEU A 388 14.08 -22.24 -0.99
CA LEU A 388 14.04 -23.02 0.24
C LEU A 388 12.88 -22.63 1.13
N ARG A 389 12.11 -21.63 0.74
CA ARG A 389 10.89 -21.29 1.44
C ARG A 389 9.90 -22.43 1.28
N PRO A 390 9.48 -23.07 2.35
CA PRO A 390 8.94 -24.42 2.25
C PRO A 390 7.45 -24.43 1.89
N GLU A 391 7.13 -23.91 0.71
CA GLU A 391 5.77 -23.92 0.23
C GLU A 391 5.55 -24.94 -0.87
N GLY A 392 6.61 -25.56 -1.38
CA GLY A 392 6.42 -26.73 -2.20
C GLY A 392 6.09 -27.95 -1.37
N GLN A 393 6.64 -28.02 -0.17
CA GLN A 393 6.36 -29.15 0.71
C GLN A 393 4.96 -29.05 1.30
N ILE A 394 4.49 -27.85 1.59
CA ILE A 394 3.12 -27.69 2.07
C ILE A 394 2.12 -28.02 0.97
N ALA A 395 2.39 -27.58 -0.26
CA ALA A 395 1.56 -27.95 -1.40
C ALA A 395 1.53 -29.46 -1.59
N THR A 396 2.68 -30.10 -1.50
CA THR A 396 2.76 -31.55 -1.66
C THR A 396 2.03 -32.27 -0.54
N GLY A 397 2.18 -31.80 0.69
CA GLY A 397 1.48 -32.45 1.79
C GLY A 397 -0.02 -32.24 1.77
N ALA A 398 -0.48 -31.06 1.36
CA ALA A 398 -1.92 -30.86 1.17
C ALA A 398 -2.47 -31.72 0.04
N LEU A 399 -1.66 -31.97 -0.99
CA LEU A 399 -2.07 -32.88 -2.04
C LEU A 399 -2.09 -34.32 -1.55
N ILE A 400 -1.13 -34.69 -0.71
CA ILE A 400 -1.09 -36.04 -0.16
C ILE A 400 -2.29 -36.30 0.74
N THR A 401 -2.57 -35.40 1.69
CA THR A 401 -3.73 -35.62 2.53
C THR A 401 -5.05 -35.52 1.76
N TYR A 402 -5.10 -34.78 0.65
CA TYR A 402 -6.30 -34.82 -0.17
C TYR A 402 -6.46 -36.14 -0.88
N VAL A 403 -5.37 -36.64 -1.48
CA VAL A 403 -5.49 -37.87 -2.24
C VAL A 403 -5.64 -39.06 -1.29
N LEU A 404 -5.16 -38.96 -0.07
CA LEU A 404 -5.37 -40.02 0.91
C LEU A 404 -6.80 -40.02 1.42
N ILE A 405 -7.39 -38.83 1.63
CA ILE A 405 -8.80 -38.81 2.01
C ILE A 405 -9.67 -39.27 0.84
N GLU A 406 -9.22 -39.04 -0.38
CA GLU A 406 -9.88 -39.63 -1.55
C GLU A 406 -9.78 -41.14 -1.57
N ARG A 407 -8.61 -41.67 -1.21
CA ARG A 407 -8.41 -43.12 -1.17
C ARG A 407 -9.33 -43.71 -0.12
N ALA A 408 -9.45 -43.02 1.01
CA ALA A 408 -10.31 -43.46 2.10
C ALA A 408 -11.76 -43.49 1.69
N VAL A 409 -12.20 -42.51 0.90
CA VAL A 409 -13.59 -42.52 0.46
C VAL A 409 -13.82 -43.61 -0.58
N THR A 410 -12.95 -43.66 -1.60
CA THR A 410 -13.21 -44.57 -2.72
C THR A 410 -13.00 -46.03 -2.32
N SER A 411 -12.10 -46.32 -1.39
CA SER A 411 -11.88 -47.72 -1.03
C SER A 411 -12.81 -48.18 0.07
N GLY A 412 -13.35 -47.27 0.87
CA GLY A 412 -14.11 -47.71 2.03
C GLY A 412 -13.25 -48.26 3.15
N ARG A 413 -12.08 -47.68 3.38
CA ARG A 413 -11.20 -48.13 4.45
C ARG A 413 -11.05 -46.95 5.40
N LEU A 414 -10.27 -47.11 6.47
CA LEU A 414 -10.01 -46.00 7.40
C LEU A 414 -8.55 -45.71 7.59
N THR A 415 -7.66 -46.65 7.29
CA THR A 415 -6.24 -46.37 7.43
C THR A 415 -5.66 -45.34 6.45
N PRO A 416 -6.18 -45.13 5.21
CA PRO A 416 -5.67 -43.96 4.48
C PRO A 416 -6.13 -42.67 5.10
N ALA A 417 -7.34 -42.62 5.66
CA ALA A 417 -7.77 -41.46 6.40
C ALA A 417 -6.90 -41.22 7.63
N ALA A 418 -6.58 -42.29 8.37
CA ALA A 418 -5.70 -42.19 9.52
C ALA A 418 -4.30 -41.73 9.16
N LEU A 419 -3.80 -42.11 7.98
CA LEU A 419 -2.54 -41.53 7.52
C LEU A 419 -2.71 -40.09 7.09
N ALA A 420 -3.84 -39.74 6.47
CA ALA A 420 -4.11 -38.36 6.10
C ALA A 420 -4.26 -37.43 7.30
N ILE A 421 -4.64 -37.96 8.47
CA ILE A 421 -4.65 -37.14 9.68
C ILE A 421 -3.24 -36.73 10.07
N THR A 422 -2.33 -37.69 10.21
CA THR A 422 -0.97 -37.34 10.61
C THR A 422 -0.21 -36.61 9.51
N THR A 423 -0.55 -36.86 8.24
CA THR A 423 0.06 -36.09 7.15
C THR A 423 -0.39 -34.64 7.20
N ALA A 424 -1.69 -34.41 7.45
CA ALA A 424 -2.18 -33.05 7.64
C ALA A 424 -1.55 -32.42 8.87
N ALA A 425 -1.28 -33.22 9.90
CA ALA A 425 -0.59 -32.70 11.08
C ALA A 425 0.84 -32.29 10.75
N PHE A 426 1.54 -33.07 9.93
CA PHE A 426 2.91 -32.73 9.55
C PHE A 426 2.95 -31.51 8.64
N THR A 427 2.02 -31.42 7.70
CA THR A 427 1.99 -30.25 6.84
C THR A 427 1.46 -29.02 7.56
N LEU A 428 0.66 -29.19 8.61
CA LEU A 428 0.42 -28.10 9.53
C LEU A 428 1.66 -27.79 10.34
N GLY A 429 2.44 -28.82 10.63
CA GLY A 429 3.70 -28.66 11.30
C GLY A 429 4.79 -27.97 10.52
N ILE A 430 4.71 -27.87 9.19
CA ILE A 430 5.81 -27.22 8.48
C ILE A 430 5.80 -25.71 8.69
N GLN A 431 4.68 -25.07 8.45
CA GLN A 431 4.54 -23.63 8.60
C GLN A 431 3.15 -23.33 9.13
N PRO A 432 2.93 -22.15 9.71
CA PRO A 432 1.55 -21.77 10.05
C PRO A 432 0.67 -21.49 8.86
N THR A 433 1.26 -21.27 7.69
CA THR A 433 0.50 -21.32 6.44
C THR A 433 0.38 -22.74 5.88
N GLY A 434 0.43 -23.73 6.74
CA GLY A 434 0.15 -25.10 6.34
C GLY A 434 -1.24 -25.51 6.80
N LEU A 435 -2.11 -24.53 6.93
CA LEU A 435 -3.50 -24.75 7.30
C LEU A 435 -4.34 -25.26 6.14
N ILE A 436 -3.83 -25.19 4.91
CA ILE A 436 -4.48 -25.83 3.76
C ILE A 436 -4.65 -27.33 3.97
N ALA A 437 -3.71 -28.00 4.65
CA ALA A 437 -3.90 -29.43 4.91
C ALA A 437 -5.02 -29.69 5.89
N VAL A 438 -5.18 -28.83 6.89
CA VAL A 438 -6.30 -28.93 7.81
C VAL A 438 -7.60 -28.63 7.08
N ALA A 439 -7.57 -27.64 6.18
CA ALA A 439 -8.73 -27.30 5.37
C ALA A 439 -9.15 -28.47 4.48
N ALA A 440 -8.19 -29.20 3.94
CA ALA A 440 -8.50 -30.39 3.15
C ALA A 440 -9.08 -31.50 4.02
N LEU A 441 -8.57 -31.64 5.24
CA LEU A 441 -9.11 -32.65 6.15
C LEU A 441 -10.53 -32.30 6.61
N LEU A 442 -10.80 -31.01 6.82
CA LEU A 442 -12.15 -30.58 7.16
C LEU A 442 -13.09 -30.77 5.98
N ALA A 443 -12.67 -30.34 4.79
CA ALA A 443 -13.58 -30.46 3.67
C ALA A 443 -13.57 -31.86 3.07
N GLY A 444 -12.92 -32.82 3.71
CA GLY A 444 -13.17 -34.19 3.37
C GLY A 444 -13.52 -34.95 4.63
N GLY A 445 -14.06 -34.24 5.61
CA GLY A 445 -14.41 -34.82 6.89
C GLY A 445 -15.74 -35.55 6.92
N ARG A 446 -16.73 -35.05 6.18
CA ARG A 446 -18.04 -35.69 6.16
C ARG A 446 -18.06 -37.13 5.63
N PRO A 447 -17.38 -37.50 4.53
CA PRO A 447 -17.34 -38.93 4.18
C PRO A 447 -16.54 -39.78 5.15
N ILE A 448 -15.46 -39.25 5.72
CA ILE A 448 -14.72 -39.96 6.76
C ILE A 448 -15.63 -40.28 7.93
N LEU A 449 -16.42 -39.30 8.38
CA LEU A 449 -17.33 -39.56 9.49
C LEU A 449 -18.43 -40.52 9.07
N ARG A 450 -18.81 -40.53 7.79
CA ARG A 450 -19.72 -41.55 7.29
C ARG A 450 -19.08 -42.94 7.34
N ILE A 451 -17.80 -43.04 6.99
CA ILE A 451 -17.07 -44.31 7.08
C ILE A 451 -16.91 -44.75 8.54
N VAL A 452 -16.76 -43.80 9.47
CA VAL A 452 -16.73 -44.10 10.89
C VAL A 452 -18.08 -44.67 11.34
N MET A 453 -19.16 -43.98 10.98
CA MET A 453 -20.50 -44.48 11.31
C MET A 453 -20.80 -45.80 10.62
N ARG A 454 -20.11 -46.06 9.52
CA ARG A 454 -20.26 -47.29 8.77
C ARG A 454 -19.60 -48.46 9.50
N ARG A 455 -18.41 -48.23 10.05
CA ARG A 455 -17.70 -49.29 10.77
C ARG A 455 -18.03 -49.30 12.25
N ARG A 456 -18.89 -48.38 12.70
CA ARG A 456 -19.30 -48.34 14.09
C ARG A 456 -20.14 -49.56 14.45
N ARG A 457 -20.96 -50.03 13.50
CA ARG A 457 -21.85 -51.15 13.79
C ARG A 457 -21.10 -52.45 14.10
N LEU A 458 -20.12 -52.77 13.26
CA LEU A 458 -19.35 -54.00 13.42
C LEU A 458 -18.41 -54.01 14.62
N VAL A 459 -17.50 -53.05 14.68
CA VAL A 459 -16.53 -53.00 15.78
C VAL A 459 -16.99 -51.94 16.79
N GLY A 460 -16.26 -51.75 17.88
CA GLY A 460 -16.56 -50.66 18.78
C GLY A 460 -16.29 -49.31 18.15
N THR A 461 -17.01 -48.29 18.61
CA THR A 461 -16.78 -46.94 18.11
C THR A 461 -15.45 -46.40 18.60
N TRP A 462 -14.98 -46.85 19.75
CA TRP A 462 -13.79 -46.31 20.38
C TRP A 462 -12.48 -46.80 19.74
N PRO A 463 -12.31 -48.09 19.36
CA PRO A 463 -11.06 -48.46 18.67
C PRO A 463 -10.90 -47.91 17.26
N LEU A 464 -11.88 -47.20 16.72
CA LEU A 464 -11.72 -46.51 15.45
C LEU A 464 -11.34 -45.05 15.63
N ILE A 465 -12.01 -44.35 16.55
CA ILE A 465 -11.66 -42.97 16.84
C ILE A 465 -10.32 -42.85 17.55
N ALA A 466 -9.91 -43.87 18.32
CA ALA A 466 -8.65 -43.80 19.06
C ALA A 466 -7.38 -43.68 18.20
N PRO A 467 -7.13 -44.50 17.16
CA PRO A 467 -5.93 -44.25 16.34
C PRO A 467 -5.99 -42.98 15.52
N LEU A 468 -7.19 -42.45 15.25
CA LEU A 468 -7.30 -41.17 14.56
C LEU A 468 -6.74 -40.05 15.40
N LEU A 469 -7.22 -39.91 16.64
CA LEU A 469 -6.68 -38.90 17.53
C LEU A 469 -5.25 -39.20 17.98
N ALA A 470 -4.82 -40.47 17.88
CA ALA A 470 -3.41 -40.79 18.08
C ALA A 470 -2.55 -40.17 16.98
N ALA A 471 -2.91 -40.41 15.72
CA ALA A 471 -2.15 -39.85 14.61
C ALA A 471 -2.32 -38.34 14.54
N GLY A 472 -3.41 -37.82 15.09
CA GLY A 472 -3.56 -36.38 15.18
C GLY A 472 -2.63 -35.75 16.17
N THR A 473 -2.27 -36.46 17.24
CA THR A 473 -1.45 -35.87 18.28
C THR A 473 0.02 -36.26 18.22
N VAL A 474 0.42 -37.18 17.34
CA VAL A 474 1.83 -37.58 17.24
C VAL A 474 2.71 -36.50 16.62
N ILE A 475 2.11 -35.50 15.97
CA ILE A 475 2.81 -34.25 15.60
C ILE A 475 3.53 -33.61 16.80
N LEU A 476 2.96 -33.72 18.00
CA LEU A 476 3.59 -33.16 19.19
C LEU A 476 4.88 -33.89 19.56
N ALA A 477 4.99 -35.18 19.25
CA ALA A 477 6.25 -35.90 19.49
C ALA A 477 7.40 -35.36 18.66
N VAL A 478 7.13 -34.94 17.43
CA VAL A 478 8.20 -34.44 16.55
C VAL A 478 8.44 -32.95 16.76
N VAL A 479 7.38 -32.16 16.89
CA VAL A 479 7.52 -30.71 17.03
C VAL A 479 8.15 -30.36 18.37
N PHE A 480 7.76 -31.03 19.44
CA PHE A 480 8.33 -30.77 20.74
C PHE A 480 9.46 -31.74 21.05
N ALA A 481 10.44 -31.75 20.15
CA ALA A 481 11.56 -32.67 20.29
C ALA A 481 12.56 -32.17 21.33
N ASP A 482 12.96 -30.91 21.24
CA ASP A 482 13.86 -30.34 22.22
C ASP A 482 13.33 -29.01 22.73
N GLN A 483 12.03 -28.78 22.65
CA GLN A 483 11.44 -27.54 23.10
C GLN A 483 10.30 -27.82 24.06
N THR A 484 10.44 -27.32 25.28
CA THR A 484 9.40 -27.39 26.30
C THR A 484 8.34 -26.33 25.99
N ILE A 485 7.08 -26.66 26.29
CA ILE A 485 5.91 -25.80 26.07
C ILE A 485 6.12 -24.39 26.62
N ALA A 486 6.82 -24.27 27.75
CA ALA A 486 7.20 -22.97 28.30
C ALA A 486 8.01 -22.14 27.30
N THR A 487 9.03 -22.77 26.70
CA THR A 487 9.88 -22.02 25.78
C THR A 487 9.20 -21.73 24.46
N VAL A 488 8.27 -22.58 24.02
CA VAL A 488 7.56 -22.26 22.78
C VAL A 488 6.57 -21.12 23.01
N LEU A 489 5.88 -21.10 24.17
CA LEU A 489 5.02 -19.96 24.48
C LEU A 489 5.83 -18.69 24.68
N GLU A 490 7.06 -18.81 25.16
CA GLU A 490 7.94 -17.65 25.25
C GLU A 490 8.36 -17.14 23.88
N ALA A 491 8.66 -18.06 22.96
CA ALA A 491 8.97 -17.68 21.59
C ALA A 491 7.77 -17.07 20.89
N THR A 492 6.57 -17.58 21.20
CA THR A 492 5.35 -17.06 20.63
C THR A 492 5.09 -15.65 21.12
N ARG A 493 5.30 -15.41 22.41
CA ARG A 493 5.02 -14.08 22.94
C ARG A 493 6.10 -13.07 22.56
N ILE A 494 7.29 -13.52 22.19
CA ILE A 494 8.26 -12.60 21.62
C ILE A 494 7.88 -12.27 20.17
N ARG A 495 7.48 -13.29 19.41
CA ARG A 495 7.12 -13.13 18.01
C ARG A 495 5.89 -12.25 17.85
N THR A 496 4.94 -12.32 18.79
CA THR A 496 3.81 -11.41 18.71
C THR A 496 4.15 -10.05 19.30
N ALA A 497 5.10 -9.99 20.24
CA ALA A 497 5.44 -8.72 20.87
C ALA A 497 6.10 -7.76 19.89
N ILE A 498 7.09 -8.23 19.14
CA ILE A 498 7.86 -7.33 18.27
C ILE A 498 7.78 -7.66 16.80
N GLY A 499 7.18 -8.78 16.40
CA GLY A 499 7.05 -9.07 15.00
C GLY A 499 5.89 -8.34 14.38
N PRO A 500 5.53 -8.70 13.15
CA PRO A 500 4.34 -8.09 12.54
C PRO A 500 3.04 -8.69 13.05
N SER A 501 2.40 -8.01 13.99
CA SER A 501 1.14 -8.45 14.58
C SER A 501 -0.01 -8.13 13.63
N GLN A 502 -0.18 -8.99 12.62
CA GLN A 502 -1.23 -8.91 11.60
C GLN A 502 -1.17 -7.63 10.76
N GLY A 521 3.85 -7.77 -7.23
CA GLY A 521 4.27 -6.62 -8.01
C GLY A 521 5.36 -6.90 -9.04
N ALA A 522 5.21 -7.97 -9.80
CA ALA A 522 6.15 -8.28 -10.86
C ALA A 522 5.40 -9.04 -11.95
N ILE A 523 6.05 -9.20 -13.11
CA ILE A 523 5.40 -9.81 -14.28
C ILE A 523 5.00 -11.26 -14.05
N SER A 524 5.69 -11.96 -13.17
CA SER A 524 5.29 -13.32 -12.88
C SER A 524 5.30 -13.61 -11.39
N ARG A 525 4.87 -12.64 -10.59
CA ARG A 525 4.60 -12.89 -9.19
C ARG A 525 3.16 -12.54 -8.85
N ARG A 526 2.42 -12.01 -9.82
CA ARG A 526 1.00 -11.69 -9.64
C ARG A 526 0.20 -12.74 -10.41
N VAL A 527 0.83 -13.90 -10.59
CA VAL A 527 0.29 -15.05 -11.30
C VAL A 527 -0.89 -15.61 -10.53
N ALA A 528 -0.89 -15.46 -9.20
CA ALA A 528 -1.92 -16.01 -8.32
C ALA A 528 -3.35 -15.68 -8.77
N PHE A 529 -3.58 -14.44 -9.23
CA PHE A 529 -4.76 -14.10 -10.00
C PHE A 529 -4.93 -14.83 -11.33
N VAL A 530 -3.88 -15.35 -11.97
CA VAL A 530 -4.10 -16.11 -13.19
C VAL A 530 -4.53 -17.56 -12.94
N PHE A 531 -4.07 -18.22 -11.90
CA PHE A 531 -4.15 -19.68 -11.95
C PHE A 531 -5.00 -20.28 -10.85
N THR A 532 -5.70 -19.45 -10.09
CA THR A 532 -6.81 -19.92 -9.29
C THR A 532 -7.98 -18.98 -9.51
N ALA A 533 -7.71 -17.68 -9.45
CA ALA A 533 -8.76 -16.68 -9.55
C ALA A 533 -9.43 -16.54 -10.90
N MET A 534 -8.94 -17.13 -12.00
CA MET A 534 -9.84 -17.23 -13.15
C MET A 534 -10.00 -18.66 -13.63
N CYS A 535 -9.52 -19.65 -12.90
CA CYS A 535 -9.91 -21.03 -13.18
C CYS A 535 -10.91 -21.56 -12.16
N LEU A 536 -10.74 -21.24 -10.87
CA LEU A 536 -11.63 -21.84 -9.89
C LEU A 536 -13.00 -21.18 -9.94
N PHE A 537 -13.07 -19.88 -10.21
CA PHE A 537 -14.37 -19.21 -10.25
C PHE A 537 -15.24 -19.65 -11.43
N PRO A 538 -14.77 -19.75 -12.69
CA PRO A 538 -15.64 -20.29 -13.74
C PRO A 538 -16.00 -21.75 -13.54
N SER A 539 -15.08 -22.55 -12.98
CA SER A 539 -15.38 -23.94 -12.68
C SER A 539 -16.44 -24.03 -11.60
N LEU A 540 -16.37 -23.14 -10.60
CA LEU A 540 -17.39 -23.06 -9.57
C LEU A 540 -18.76 -22.73 -10.16
N PHE A 541 -18.80 -21.72 -11.03
CA PHE A 541 -20.07 -21.34 -11.66
C PHE A 541 -20.62 -22.45 -12.55
N MET A 542 -19.74 -23.20 -13.22
CA MET A 542 -20.22 -24.31 -14.03
C MET A 542 -20.71 -25.46 -13.15
N MET A 543 -19.99 -25.76 -12.06
CA MET A 543 -20.43 -26.81 -11.14
C MET A 543 -21.73 -26.46 -10.45
N LEU A 544 -22.00 -25.17 -10.26
CA LEU A 544 -23.25 -24.76 -9.66
C LEU A 544 -24.39 -24.84 -10.66
N ARG A 545 -24.21 -24.21 -11.83
CA ARG A 545 -25.29 -24.12 -12.83
C ARG A 545 -25.73 -25.50 -13.31
N ARG A 546 -24.78 -26.32 -13.76
CA ARG A 546 -25.08 -27.70 -14.12
C ARG A 546 -25.06 -28.55 -12.86
N LYS A 547 -26.21 -29.12 -12.51
CA LYS A 547 -26.28 -29.92 -11.28
C LYS A 547 -25.60 -31.28 -11.44
N HIS A 548 -25.74 -31.92 -12.60
CA HIS A 548 -25.01 -33.16 -12.89
C HIS A 548 -24.41 -33.08 -14.28
N ILE A 549 -23.08 -33.00 -14.34
CA ILE A 549 -22.35 -32.98 -15.59
C ILE A 549 -21.98 -34.41 -15.92
N ALA A 550 -21.60 -34.65 -17.17
CA ALA A 550 -21.24 -35.99 -17.63
C ALA A 550 -19.75 -36.12 -17.83
N GLY A 551 -19.09 -36.74 -16.86
CA GLY A 551 -17.66 -36.93 -16.93
C GLY A 551 -16.96 -36.38 -15.71
N VAL A 552 -17.65 -35.56 -14.92
CA VAL A 552 -17.02 -35.00 -13.73
C VAL A 552 -17.64 -35.65 -12.51
N ALA A 553 -16.82 -36.29 -11.68
CA ALA A 553 -17.30 -36.83 -10.43
C ALA A 553 -17.59 -35.69 -9.47
N ARG A 554 -18.86 -35.54 -9.08
CA ARG A 554 -19.29 -34.35 -8.36
C ARG A 554 -18.71 -34.28 -6.95
N GLY A 555 -18.51 -35.42 -6.31
CA GLY A 555 -17.95 -35.50 -4.97
C GLY A 555 -16.55 -34.96 -4.80
N PRO A 556 -15.57 -35.59 -5.45
CA PRO A 556 -14.19 -35.10 -5.29
C PRO A 556 -13.95 -33.77 -5.96
N ALA A 557 -14.70 -33.44 -7.01
CA ALA A 557 -14.60 -32.10 -7.57
C ALA A 557 -15.04 -31.04 -6.58
N TRP A 558 -16.11 -31.32 -5.83
CA TRP A 558 -16.53 -30.35 -4.83
C TRP A 558 -15.58 -30.28 -3.65
N ARG A 559 -14.97 -31.40 -3.27
CA ARG A 559 -13.93 -31.33 -2.23
C ARG A 559 -12.70 -30.58 -2.71
N LEU A 560 -12.40 -30.69 -4.01
CA LEU A 560 -11.29 -29.95 -4.60
C LEU A 560 -11.58 -28.45 -4.61
N MET A 561 -12.84 -28.07 -4.78
CA MET A 561 -13.20 -26.65 -4.65
C MET A 561 -13.09 -26.20 -3.21
N GLY A 562 -13.70 -26.96 -2.30
CA GLY A 562 -13.70 -26.66 -0.89
C GLY A 562 -12.33 -26.47 -0.27
N ILE A 563 -11.31 -27.17 -0.79
CA ILE A 563 -9.95 -26.95 -0.29
C ILE A 563 -9.48 -25.54 -0.60
N ILE A 564 -9.71 -25.08 -1.83
CA ILE A 564 -9.21 -23.79 -2.28
C ILE A 564 -10.01 -22.67 -1.65
N PHE A 565 -11.30 -22.89 -1.47
CA PHE A 565 -12.13 -21.85 -0.87
C PHE A 565 -11.91 -21.77 0.63
N ALA A 566 -11.89 -22.91 1.32
CA ALA A 566 -11.78 -22.92 2.77
C ALA A 566 -10.42 -22.44 3.26
N THR A 567 -9.35 -22.69 2.51
CA THR A 567 -8.06 -22.16 2.94
C THR A 567 -8.03 -20.62 2.91
N MET A 568 -8.77 -19.99 2.00
CA MET A 568 -8.82 -18.53 1.94
C MET A 568 -9.43 -17.91 3.19
N PHE A 569 -10.49 -18.50 3.72
CA PHE A 569 -11.22 -17.88 4.83
C PHE A 569 -10.57 -18.04 6.19
N PHE A 570 -9.50 -18.83 6.32
CA PHE A 570 -8.72 -18.74 7.55
C PHE A 570 -7.23 -18.83 7.26
N LEU A 571 -6.82 -18.45 6.08
CA LEU A 571 -5.41 -18.27 5.78
C LEU A 571 -5.11 -16.97 5.08
N MET A 572 -5.99 -16.53 4.18
CA MET A 572 -5.67 -15.36 3.37
C MET A 572 -5.89 -14.06 4.13
N PHE A 573 -7.01 -13.95 4.83
CA PHE A 573 -7.48 -12.78 5.57
C PHE A 573 -7.12 -12.77 7.05
N THR A 574 -7.23 -13.90 7.75
CA THR A 574 -6.95 -13.97 9.18
C THR A 574 -5.48 -14.22 9.48
N PRO A 575 -4.82 -15.15 8.82
CA PRO A 575 -3.40 -15.39 9.10
C PRO A 575 -2.53 -14.26 8.54
N THR A 576 -1.44 -14.00 9.25
CA THR A 576 -0.47 -12.94 8.92
C THR A 576 0.73 -13.69 8.38
N LYS A 577 0.75 -13.60 7.06
CA LYS A 577 1.71 -14.12 6.13
C LYS A 577 1.42 -13.20 4.96
N TRP A 578 2.45 -12.49 4.50
CA TRP A 578 2.29 -11.58 3.38
C TRP A 578 1.40 -12.14 2.30
N ILE A 579 0.52 -11.31 1.76
CA ILE A 579 -0.40 -11.74 0.72
C ILE A 579 0.37 -12.04 -0.56
N HIS A 580 -0.35 -12.40 -1.61
CA HIS A 580 0.28 -12.70 -2.90
C HIS A 580 0.88 -14.10 -2.98
N HIS A 581 0.28 -15.06 -2.29
CA HIS A 581 0.76 -16.43 -2.33
C HIS A 581 0.17 -17.33 -3.42
N PHE A 582 1.02 -18.13 -4.05
CA PHE A 582 0.61 -19.04 -5.09
C PHE A 582 1.29 -20.41 -4.91
N GLY A 583 2.31 -20.45 -4.06
CA GLY A 583 3.04 -21.68 -3.80
C GLY A 583 2.12 -22.81 -3.40
N LEU A 584 1.43 -22.63 -2.28
CA LEU A 584 0.51 -23.62 -1.75
C LEU A 584 -0.46 -24.21 -2.78
N PHE A 585 -1.09 -23.35 -3.57
CA PHE A 585 -2.05 -23.83 -4.56
C PHE A 585 -1.34 -24.33 -5.79
N ALA A 586 -0.01 -24.51 -5.73
CA ALA A 586 0.67 -25.10 -6.87
C ALA A 586 0.21 -26.54 -7.09
N ALA A 587 -0.01 -27.28 -6.01
CA ALA A 587 -0.45 -28.66 -6.16
C ALA A 587 -1.93 -28.77 -6.47
N VAL A 588 -2.76 -28.40 -5.50
CA VAL A 588 -4.19 -28.65 -5.60
C VAL A 588 -4.86 -27.67 -6.54
N GLY A 589 -4.37 -26.44 -6.62
CA GLY A 589 -4.87 -25.53 -7.63
C GLY A 589 -4.41 -25.86 -9.02
N GLY A 590 -3.45 -26.78 -9.14
CA GLY A 590 -3.17 -27.34 -10.44
C GLY A 590 -4.33 -28.19 -10.93
N ALA A 591 -4.82 -29.09 -10.06
CA ALA A 591 -5.92 -29.96 -10.46
C ALA A 591 -7.21 -29.19 -10.65
N MET A 592 -7.35 -28.05 -9.97
CA MET A 592 -8.48 -27.16 -10.19
C MET A 592 -8.54 -26.67 -11.62
N ALA A 593 -7.36 -26.40 -12.21
CA ALA A 593 -7.34 -25.99 -13.60
C ALA A 593 -7.78 -27.12 -14.50
N ALA A 594 -7.39 -28.35 -14.16
CA ALA A 594 -7.84 -29.51 -14.92
C ALA A 594 -9.32 -29.69 -14.80
N LEU A 595 -9.89 -29.33 -13.66
CA LEU A 595 -11.33 -29.29 -13.53
C LEU A 595 -11.92 -28.19 -14.40
N ALA A 596 -11.31 -27.00 -14.39
CA ALA A 596 -11.87 -25.87 -15.12
C ALA A 596 -11.88 -26.08 -16.63
N THR A 597 -10.79 -26.63 -17.18
CA THR A 597 -10.64 -26.73 -18.64
C THR A 597 -11.64 -27.69 -19.27
N VAL A 598 -12.03 -28.75 -18.57
CA VAL A 598 -13.07 -29.59 -19.15
C VAL A 598 -14.44 -28.97 -18.94
N LEU A 599 -14.60 -28.13 -17.91
CA LEU A 599 -15.85 -27.40 -17.71
C LEU A 599 -16.09 -26.38 -18.81
N VAL A 600 -15.10 -25.58 -19.14
CA VAL A 600 -15.22 -24.57 -20.18
C VAL A 600 -14.92 -25.14 -21.56
N SER A 601 -14.75 -26.45 -21.66
CA SER A 601 -14.56 -27.09 -22.95
C SER A 601 -15.84 -26.97 -23.78
N PRO A 602 -15.73 -27.02 -25.10
CA PRO A 602 -16.93 -26.84 -25.95
C PRO A 602 -17.93 -27.97 -25.85
N THR A 603 -17.57 -29.13 -25.31
CA THR A 603 -18.54 -30.21 -25.19
C THR A 603 -19.42 -30.07 -23.97
N VAL A 604 -18.95 -29.39 -22.92
CA VAL A 604 -19.78 -29.17 -21.73
C VAL A 604 -20.55 -27.87 -21.84
N LEU A 605 -19.84 -26.76 -22.03
CA LEU A 605 -20.51 -25.47 -22.23
C LEU A 605 -21.08 -25.43 -23.64
N ARG A 606 -22.40 -25.40 -23.74
CA ARG A 606 -23.04 -25.45 -25.05
C ARG A 606 -23.09 -24.07 -25.71
N SER A 607 -23.32 -23.03 -24.92
CA SER A 607 -23.44 -21.67 -25.45
C SER A 607 -22.08 -21.12 -25.83
N ALA A 608 -21.93 -20.71 -27.08
CA ALA A 608 -20.70 -20.05 -27.53
C ALA A 608 -20.50 -18.68 -26.89
N ARG A 609 -21.58 -18.04 -26.43
CA ARG A 609 -21.46 -16.75 -25.75
C ARG A 609 -20.64 -16.86 -24.47
N ASN A 610 -20.94 -17.87 -23.64
CA ASN A 610 -20.23 -18.04 -22.37
C ASN A 610 -18.77 -18.38 -22.60
N ARG A 611 -18.50 -19.27 -23.56
CA ARG A 611 -17.12 -19.62 -23.89
C ARG A 611 -16.33 -18.44 -24.42
N MET A 612 -16.95 -17.60 -25.25
CA MET A 612 -16.24 -16.43 -25.76
C MET A 612 -16.02 -15.39 -24.66
N ALA A 613 -16.97 -15.25 -23.74
CA ALA A 613 -16.75 -14.40 -22.59
C ALA A 613 -15.64 -14.94 -21.69
N PHE A 614 -15.52 -16.26 -21.59
CA PHE A 614 -14.44 -16.83 -20.80
C PHE A 614 -13.09 -16.61 -21.47
N LEU A 615 -13.03 -16.70 -22.81
CA LEU A 615 -11.79 -16.38 -23.51
C LEU A 615 -11.42 -14.91 -23.33
N SER A 616 -12.43 -14.04 -23.24
CA SER A 616 -12.16 -12.65 -22.95
C SER A 616 -11.61 -12.48 -21.53
N LEU A 617 -12.13 -13.27 -20.59
CA LEU A 617 -11.60 -13.26 -19.23
C LEU A 617 -10.16 -13.76 -19.19
N VAL A 618 -9.83 -14.75 -20.04
CA VAL A 618 -8.46 -15.26 -20.10
C VAL A 618 -7.51 -14.17 -20.57
N LEU A 619 -7.88 -13.46 -21.64
CA LEU A 619 -7.00 -12.44 -22.16
C LEU A 619 -6.94 -11.20 -21.26
N PHE A 620 -8.04 -10.86 -20.58
CA PHE A 620 -8.00 -9.78 -19.60
C PHE A 620 -7.06 -10.09 -18.44
N VAL A 621 -7.10 -11.33 -17.94
CA VAL A 621 -6.23 -11.66 -16.81
C VAL A 621 -4.77 -11.73 -17.26
N LEU A 622 -4.51 -12.21 -18.47
CA LEU A 622 -3.13 -12.18 -18.98
C LEU A 622 -2.63 -10.75 -19.19
N ALA A 623 -3.55 -9.82 -19.53
CA ALA A 623 -3.18 -8.41 -19.59
C ALA A 623 -2.88 -7.86 -18.20
N PHE A 624 -3.64 -8.30 -17.20
CA PHE A 624 -3.38 -7.89 -15.82
C PHE A 624 -2.05 -8.43 -15.33
N CYS A 625 -1.67 -9.62 -15.78
CA CYS A 625 -0.44 -10.25 -15.33
C CYS A 625 0.79 -9.60 -15.94
N PHE A 626 0.73 -9.25 -17.23
CA PHE A 626 1.92 -8.68 -17.85
C PHE A 626 2.14 -7.20 -17.54
N ALA A 627 1.22 -6.53 -16.84
CA ALA A 627 1.32 -5.10 -16.56
C ALA A 627 2.59 -4.72 -15.79
N SER A 628 3.00 -5.53 -14.83
CA SER A 628 4.17 -5.21 -14.05
C SER A 628 5.48 -5.59 -14.73
N THR A 629 6.59 -5.17 -14.11
CA THR A 629 7.94 -5.40 -14.59
C THR A 629 8.42 -6.82 -14.29
N ASN A 630 9.19 -7.39 -15.22
CA ASN A 630 9.69 -8.77 -15.10
C ASN A 630 10.86 -8.84 -14.13
N GLY A 631 10.53 -8.68 -12.85
CA GLY A 631 11.55 -8.55 -11.83
C GLY A 631 11.53 -9.68 -10.83
N TRP A 632 12.62 -10.43 -10.78
CA TRP A 632 12.79 -11.51 -9.83
C TRP A 632 13.46 -10.99 -8.56
N TRP A 633 13.38 -11.80 -7.50
CA TRP A 633 13.57 -11.32 -6.13
C TRP A 633 14.94 -10.70 -5.87
N TYR A 634 16.04 -11.45 -6.06
CA TYR A 634 17.31 -10.84 -5.70
C TYR A 634 18.47 -11.07 -6.68
N VAL A 635 18.91 -12.31 -6.84
CA VAL A 635 19.97 -12.67 -7.77
C VAL A 635 19.47 -13.39 -8.99
N SER A 636 18.18 -13.70 -9.04
CA SER A 636 17.63 -14.30 -10.23
C SER A 636 17.52 -13.24 -11.32
N ASN A 637 17.38 -12.05 -10.80
CA ASN A 637 17.22 -10.84 -11.52
C ASN A 637 18.47 -10.40 -12.21
N PHE A 638 19.40 -11.33 -12.45
CA PHE A 638 20.65 -11.00 -13.12
C PHE A 638 20.54 -11.22 -14.62
N GLY A 639 20.24 -10.16 -15.36
CA GLY A 639 20.11 -10.24 -16.80
C GLY A 639 18.75 -10.75 -17.23
N ALA A 640 17.72 -9.96 -16.98
CA ALA A 640 16.35 -10.33 -17.35
C ALA A 640 15.78 -9.39 -18.39
N PRO A 641 15.02 -9.93 -19.34
CA PRO A 641 14.38 -9.16 -20.42
C PRO A 641 13.87 -7.78 -20.02
N PHE A 642 13.05 -7.70 -18.98
CA PHE A 642 12.43 -6.44 -18.59
C PHE A 642 12.39 -6.34 -17.06
N ASN A 643 13.57 -6.42 -16.43
CA ASN A 643 13.62 -6.26 -14.98
C ASN A 643 13.38 -4.83 -14.54
N ASN A 644 13.71 -3.86 -15.39
CA ASN A 644 13.58 -2.46 -15.03
C ASN A 644 12.30 -1.81 -15.55
N SER A 645 11.86 -2.16 -16.75
CA SER A 645 10.69 -1.54 -17.37
C SER A 645 9.57 -2.56 -17.58
N VAL A 646 8.45 -2.04 -18.05
CA VAL A 646 7.29 -2.86 -18.43
C VAL A 646 7.62 -3.57 -19.73
N PRO A 647 7.23 -4.85 -19.90
CA PRO A 647 7.53 -5.57 -21.15
C PRO A 647 6.82 -4.96 -22.35
N LYS A 648 7.61 -4.47 -23.30
CA LYS A 648 7.11 -3.84 -24.52
C LYS A 648 7.77 -4.52 -25.71
N VAL A 649 7.02 -5.37 -26.40
CA VAL A 649 7.47 -5.99 -27.64
C VAL A 649 6.92 -5.18 -28.80
N GLY A 650 7.81 -4.60 -29.60
CA GLY A 650 7.39 -3.84 -30.75
C GLY A 650 6.82 -2.48 -30.40
N GLY A 651 7.55 -1.71 -29.61
CA GLY A 651 7.12 -0.37 -29.28
C GLY A 651 6.10 -0.32 -28.16
N VAL A 652 4.84 -0.58 -28.49
CA VAL A 652 3.79 -0.56 -27.47
C VAL A 652 3.88 -1.81 -26.60
N GLN A 653 3.48 -1.67 -25.34
CA GLN A 653 3.58 -2.74 -24.35
C GLN A 653 2.67 -3.91 -24.71
N ILE A 654 3.11 -5.11 -24.33
CA ILE A 654 2.34 -6.32 -24.61
C ILE A 654 1.07 -6.40 -23.78
N SER A 655 1.03 -5.68 -22.65
CA SER A 655 -0.21 -5.52 -21.89
C SER A 655 -1.30 -4.88 -22.73
N ALA A 656 -0.94 -3.92 -23.57
CA ALA A 656 -1.91 -3.31 -24.47
C ALA A 656 -2.37 -4.31 -25.52
N ILE A 657 -1.48 -5.22 -25.94
CA ILE A 657 -1.86 -6.23 -26.92
C ILE A 657 -2.88 -7.20 -26.33
N PHE A 658 -2.67 -7.59 -25.08
CA PHE A 658 -3.62 -8.48 -24.44
C PHE A 658 -4.93 -7.76 -24.13
N PHE A 659 -4.87 -6.48 -23.72
CA PHE A 659 -6.10 -5.73 -23.50
C PHE A 659 -6.86 -5.47 -24.79
N ALA A 660 -6.17 -5.29 -25.93
CA ALA A 660 -6.88 -5.13 -27.19
C ALA A 660 -7.54 -6.43 -27.61
N LEU A 661 -6.83 -7.55 -27.47
CA LEU A 661 -7.45 -8.82 -27.83
C LEU A 661 -8.53 -9.23 -26.84
N SER A 662 -8.43 -8.82 -25.57
CA SER A 662 -9.51 -9.04 -24.62
C SER A 662 -10.75 -8.22 -24.95
N ALA A 663 -10.57 -6.96 -25.34
CA ALA A 663 -11.71 -6.15 -25.75
C ALA A 663 -12.33 -6.66 -27.04
N ILE A 664 -11.50 -7.19 -27.94
CA ILE A 664 -12.03 -7.81 -29.17
C ILE A 664 -12.87 -9.04 -28.82
N ALA A 665 -12.37 -9.90 -27.93
CA ALA A 665 -13.14 -11.06 -27.51
C ALA A 665 -14.38 -10.66 -26.71
N ALA A 666 -14.31 -9.55 -25.98
CA ALA A 666 -15.47 -9.07 -25.22
C ALA A 666 -16.57 -8.60 -26.15
N LEU A 667 -16.23 -7.79 -27.16
CA LEU A 667 -17.23 -7.35 -28.12
C LEU A 667 -17.73 -8.51 -28.99
N TRP A 668 -16.85 -9.46 -29.32
CA TRP A 668 -17.28 -10.65 -30.03
C TRP A 668 -18.23 -11.50 -29.20
N ALA A 669 -18.10 -11.46 -27.87
CA ALA A 669 -19.05 -12.14 -27.01
C ALA A 669 -20.35 -11.37 -26.90
N PHE A 670 -20.28 -10.05 -26.77
CA PHE A 670 -21.49 -9.24 -26.65
C PHE A 670 -22.32 -9.27 -27.92
N TRP A 671 -21.69 -9.35 -29.09
CA TRP A 671 -22.45 -9.49 -30.32
C TRP A 671 -23.19 -10.81 -30.37
N LEU A 672 -22.59 -11.88 -29.82
CA LEU A 672 -23.30 -13.15 -29.74
C LEU A 672 -24.37 -13.10 -28.67
N HIS A 673 -24.21 -12.24 -27.66
CA HIS A 673 -25.29 -12.05 -26.70
C HIS A 673 -26.49 -11.38 -27.35
N LEU A 674 -26.25 -10.38 -28.19
CA LEU A 674 -27.36 -9.66 -28.80
C LEU A 674 -28.03 -10.48 -29.88
N THR A 675 -27.26 -10.97 -30.85
CA THR A 675 -27.83 -11.76 -31.93
C THR A 675 -28.30 -13.14 -31.52
N ARG A 676 -27.74 -13.67 -30.42
CA ARG A 676 -28.13 -14.97 -29.83
C ARG A 676 -27.76 -16.13 -30.76
N ARG A 677 -26.50 -16.18 -31.19
CA ARG A 677 -26.12 -17.21 -32.17
C ARG A 677 -25.96 -18.56 -31.47
N THR A 678 -24.95 -18.68 -30.59
CA THR A 678 -24.49 -19.89 -29.89
C THR A 678 -23.90 -21.01 -30.75
N GLU A 679 -23.94 -20.90 -32.07
CA GLU A 679 -23.42 -21.95 -32.96
C GLU A 679 -22.26 -21.64 -33.90
N SER A 680 -21.76 -20.39 -33.99
CA SER A 680 -20.64 -20.13 -34.90
C SER A 680 -19.36 -20.90 -34.57
N ARG A 681 -18.95 -21.75 -35.50
CA ARG A 681 -17.76 -22.57 -35.34
C ARG A 681 -16.52 -21.78 -34.95
N VAL A 682 -16.34 -20.62 -35.59
CA VAL A 682 -15.16 -19.80 -35.29
C VAL A 682 -14.87 -19.73 -33.80
N VAL A 683 -15.91 -19.69 -32.98
CA VAL A 683 -15.73 -19.67 -31.53
C VAL A 683 -15.23 -21.02 -31.04
N ASP A 684 -15.85 -22.11 -31.52
CA ASP A 684 -15.42 -23.48 -31.19
C ASP A 684 -13.94 -23.70 -31.49
N ARG A 685 -13.50 -23.28 -32.66
CA ARG A 685 -12.08 -23.45 -33.01
C ARG A 685 -11.20 -22.52 -32.21
N LEU A 686 -11.73 -21.37 -31.77
CA LEU A 686 -10.94 -20.43 -31.00
C LEU A 686 -10.82 -20.82 -29.52
N THR A 687 -11.93 -21.17 -28.88
CA THR A 687 -11.93 -21.40 -27.43
C THR A 687 -11.72 -22.85 -27.03
N ALA A 688 -11.22 -23.69 -27.93
CA ALA A 688 -10.91 -25.07 -27.57
C ALA A 688 -9.70 -25.10 -26.65
N ALA A 689 -9.97 -25.23 -25.35
CA ALA A 689 -9.02 -25.27 -24.23
C ALA A 689 -8.18 -24.01 -24.12
N PRO A 690 -8.71 -22.90 -23.59
CA PRO A 690 -7.89 -21.69 -23.46
C PRO A 690 -7.03 -21.66 -22.22
N ILE A 691 -7.36 -22.45 -21.20
CA ILE A 691 -6.54 -22.51 -19.99
C ILE A 691 -5.13 -23.07 -20.24
N PRO A 692 -4.96 -24.23 -20.89
CA PRO A 692 -3.57 -24.66 -21.15
C PRO A 692 -2.83 -23.79 -22.15
N VAL A 693 -3.51 -23.07 -23.03
CA VAL A 693 -2.83 -22.11 -23.90
C VAL A 693 -2.29 -20.93 -23.08
N ALA A 694 -3.09 -20.42 -22.14
CA ALA A 694 -2.62 -19.34 -21.29
C ALA A 694 -1.49 -19.80 -20.37
N ALA A 695 -1.62 -20.99 -19.80
CA ALA A 695 -0.58 -21.51 -18.92
C ALA A 695 0.69 -21.82 -19.69
N GLY A 696 0.57 -22.29 -20.94
CA GLY A 696 1.74 -22.50 -21.76
C GLY A 696 2.44 -21.20 -22.09
N PHE A 697 1.67 -20.13 -22.26
CA PHE A 697 2.30 -18.84 -22.54
C PHE A 697 3.03 -18.32 -21.32
N MET A 698 2.44 -18.49 -20.13
CA MET A 698 3.13 -18.04 -18.92
C MET A 698 4.38 -18.86 -18.63
N VAL A 699 4.29 -20.19 -18.78
CA VAL A 699 5.44 -21.07 -18.60
C VAL A 699 6.55 -20.72 -19.58
N VAL A 700 6.20 -20.47 -20.85
CA VAL A 700 7.21 -20.22 -21.86
C VAL A 700 7.85 -18.85 -21.63
N VAL A 701 7.06 -17.83 -21.28
CA VAL A 701 7.65 -16.52 -21.04
C VAL A 701 8.55 -16.53 -19.79
N MET A 702 8.22 -17.32 -18.76
CA MET A 702 9.10 -17.38 -17.60
C MET A 702 10.39 -18.14 -17.91
N MET A 703 10.28 -19.29 -18.58
CA MET A 703 11.48 -20.05 -18.91
C MET A 703 12.33 -19.34 -19.96
N ALA A 704 11.71 -18.50 -20.79
CA ALA A 704 12.48 -17.68 -21.71
C ALA A 704 13.18 -16.54 -20.97
N SER A 705 12.48 -15.91 -20.02
CA SER A 705 13.08 -14.86 -19.18
C SER A 705 14.33 -15.36 -18.49
N MET A 706 14.27 -16.55 -17.90
CA MET A 706 15.45 -17.03 -17.19
C MET A 706 16.49 -17.65 -18.12
N ALA A 707 16.09 -18.17 -19.29
CA ALA A 707 17.08 -18.63 -20.25
C ALA A 707 17.86 -17.47 -20.86
N ILE A 708 17.18 -16.37 -21.17
CA ILE A 708 17.85 -15.16 -21.62
C ILE A 708 18.71 -14.59 -20.50
N GLY A 709 18.25 -14.74 -19.25
CA GLY A 709 19.07 -14.33 -18.11
C GLY A 709 20.37 -15.09 -17.98
N VAL A 710 20.35 -16.42 -18.13
CA VAL A 710 21.58 -17.17 -17.99
C VAL A 710 22.51 -16.98 -19.21
N VAL A 711 21.97 -17.01 -20.44
CA VAL A 711 22.89 -16.86 -21.58
C VAL A 711 23.34 -15.42 -21.82
N ARG A 712 22.57 -14.41 -21.40
CA ARG A 712 23.03 -13.04 -21.47
C ARG A 712 24.27 -12.83 -20.59
N GLN A 713 24.16 -13.17 -19.31
CA GLN A 713 25.24 -13.00 -18.36
C GLN A 713 26.01 -14.30 -18.17
N TYR A 714 26.63 -14.77 -19.25
CA TYR A 714 27.32 -16.06 -19.19
C TYR A 714 28.69 -16.06 -18.48
N PRO A 715 29.68 -15.22 -18.82
CA PRO A 715 30.97 -15.34 -18.12
C PRO A 715 30.94 -14.86 -16.68
N THR A 716 29.89 -14.18 -16.26
CA THR A 716 29.71 -13.73 -14.90
C THR A 716 28.70 -14.61 -14.18
N TYR A 717 28.21 -14.13 -13.04
CA TYR A 717 27.29 -14.93 -12.22
C TYR A 717 25.79 -14.86 -12.50
N SER A 718 25.24 -15.96 -13.02
CA SER A 718 23.81 -16.10 -13.23
C SER A 718 23.32 -17.09 -12.20
N ASN A 719 22.02 -17.35 -12.17
CA ASN A 719 21.54 -18.38 -11.28
C ASN A 719 21.88 -19.76 -11.84
N GLY A 720 21.79 -19.89 -13.16
CA GLY A 720 22.04 -21.17 -13.80
C GLY A 720 23.52 -21.52 -13.81
N TRP A 721 24.37 -20.56 -14.19
CA TRP A 721 25.79 -20.86 -14.25
C TRP A 721 26.35 -21.13 -12.86
N ALA A 722 25.77 -20.50 -11.83
CA ALA A 722 26.16 -20.82 -10.45
C ALA A 722 25.78 -22.24 -10.07
N ASN A 723 24.57 -22.67 -10.43
CA ASN A 723 24.16 -24.02 -10.06
C ASN A 723 24.91 -25.08 -10.87
N ILE A 724 25.28 -24.78 -12.11
CA ILE A 724 26.07 -25.73 -12.89
C ILE A 724 27.50 -25.79 -12.37
N ARG A 725 28.10 -24.64 -12.08
CA ARG A 725 29.47 -24.58 -11.56
C ARG A 725 29.59 -25.09 -10.13
N ALA A 726 28.47 -25.17 -9.39
CA ALA A 726 28.49 -25.76 -8.06
C ALA A 726 28.93 -27.22 -8.05
N PHE A 727 28.72 -27.94 -9.16
CA PHE A 727 29.27 -29.29 -9.29
C PHE A 727 30.80 -29.29 -9.29
N ALA A 728 31.41 -28.25 -9.86
CA ALA A 728 32.87 -28.12 -9.90
C ALA A 728 33.48 -27.73 -8.57
N GLY A 729 32.72 -27.62 -7.49
CA GLY A 729 33.29 -27.23 -6.20
C GLY A 729 33.56 -25.75 -6.10
N GLY A 730 32.72 -24.93 -6.72
CA GLY A 730 32.87 -23.49 -6.70
C GLY A 730 31.73 -22.82 -5.96
N CYS A 731 32.01 -21.64 -5.41
CA CYS A 731 30.97 -20.87 -4.74
C CYS A 731 30.03 -20.27 -5.76
N GLY A 732 28.83 -19.92 -5.30
CA GLY A 732 27.87 -19.32 -6.20
C GLY A 732 28.16 -17.90 -6.65
N LEU A 733 28.32 -16.98 -5.71
CA LEU A 733 28.54 -15.59 -6.04
C LEU A 733 29.92 -15.11 -5.63
N ALA A 734 30.54 -15.79 -4.66
CA ALA A 734 31.82 -15.37 -4.12
C ALA A 734 32.95 -15.51 -5.14
N ASP A 735 32.82 -16.46 -6.07
CA ASP A 735 33.88 -16.73 -7.02
C ASP A 735 34.09 -15.59 -8.02
N ASP A 736 33.10 -14.71 -8.20
CA ASP A 736 33.24 -13.63 -9.18
C ASP A 736 32.74 -12.30 -8.62
N VAL A 737 33.07 -12.00 -7.37
CA VAL A 737 32.92 -10.66 -6.80
C VAL A 737 34.32 -10.19 -6.43
N LEU A 738 34.88 -9.31 -7.24
CA LEU A 738 36.25 -8.86 -7.05
C LEU A 738 36.28 -7.73 -6.03
N VAL A 739 37.04 -7.92 -4.97
CA VAL A 739 37.19 -6.95 -3.88
C VAL A 739 38.67 -6.61 -3.74
N GLU A 740 38.96 -5.34 -3.47
CA GLU A 740 40.33 -4.92 -3.20
C GLU A 740 40.61 -5.07 -1.72
N PRO A 741 41.60 -5.87 -1.33
CA PRO A 741 41.93 -5.96 0.10
C PRO A 741 42.63 -4.72 0.62
N ASP A 742 43.38 -4.03 -0.22
CA ASP A 742 44.09 -2.79 0.16
C ASP A 742 43.71 -1.69 -0.81
N SER A 743 42.77 -0.84 -0.40
CA SER A 743 42.37 0.30 -1.22
C SER A 743 43.49 1.33 -1.35
N ASN A 744 44.38 1.40 -0.37
CA ASN A 744 45.47 2.35 -0.37
C ASN A 744 46.63 1.95 -1.27
N ALA A 745 46.57 0.78 -1.92
CA ALA A 745 47.57 0.38 -2.89
C ALA A 745 46.98 0.30 -4.28
N GLY A 746 47.82 0.50 -5.28
CA GLY A 746 47.42 0.44 -6.67
C GLY A 746 47.13 1.78 -7.33
N PHE A 747 47.45 2.89 -6.67
CA PHE A 747 47.25 4.21 -7.23
C PHE A 747 48.17 4.45 -8.42
N LEU A 748 47.65 5.16 -9.43
CA LEU A 748 48.42 5.43 -10.63
C LEU A 748 49.39 6.57 -10.37
N THR A 749 50.61 6.41 -10.86
CA THR A 749 51.60 7.48 -10.72
C THR A 749 51.33 8.57 -11.76
N PRO A 750 51.28 9.83 -11.34
CA PRO A 750 51.11 10.93 -12.30
C PRO A 750 52.37 11.15 -13.13
N LEU A 751 52.27 12.04 -14.11
CA LEU A 751 53.42 12.38 -14.95
C LEU A 751 54.40 13.20 -14.11
N PRO A 752 55.64 13.38 -14.60
CA PRO A 752 56.67 14.13 -13.86
C PRO A 752 56.34 15.40 -13.06
N GLY A 753 55.53 16.30 -13.60
CA GLY A 753 55.18 17.54 -12.91
C GLY A 753 53.69 17.75 -12.72
N ALA A 754 53.34 18.33 -11.57
CA ALA A 754 51.95 18.60 -11.23
C ALA A 754 51.47 19.90 -11.86
N TYR A 755 52.10 21.01 -11.45
CA TYR A 755 51.87 22.38 -11.92
C TYR A 755 50.56 23.00 -11.43
N GLY A 756 50.17 22.75 -10.18
CA GLY A 756 49.02 23.46 -9.66
C GLY A 756 49.01 23.67 -8.16
N PRO A 757 47.93 24.28 -7.66
CA PRO A 757 47.78 24.47 -6.21
C PRO A 757 47.34 23.23 -5.45
N LEU A 758 46.80 22.22 -6.14
CA LEU A 758 46.30 21.03 -5.46
C LEU A 758 46.79 19.68 -5.99
N GLY A 759 48.06 19.60 -6.36
CA GLY A 759 48.64 18.38 -6.84
C GLY A 759 48.50 18.19 -8.33
N PRO A 760 48.95 17.03 -8.83
CA PRO A 760 48.79 16.73 -10.27
C PRO A 760 47.36 16.52 -10.72
N LEU A 761 46.44 16.20 -9.81
CA LEU A 761 45.02 16.06 -10.17
C LEU A 761 44.48 17.33 -10.79
N GLY A 762 44.86 18.50 -10.26
CA GLY A 762 44.59 19.71 -11.02
C GLY A 762 45.71 19.86 -12.03
N GLY A 763 45.41 19.72 -13.32
CA GLY A 763 46.45 19.80 -14.31
C GLY A 763 46.98 21.19 -14.61
N GLU A 764 46.12 22.08 -15.11
CA GLU A 764 46.52 23.45 -15.39
C GLU A 764 45.62 24.45 -14.68
N ASP A 765 44.32 24.43 -14.99
CA ASP A 765 43.39 25.37 -14.38
C ASP A 765 42.36 24.67 -13.49
N PRO A 766 42.55 24.66 -12.17
CA PRO A 766 41.45 24.36 -11.23
C PRO A 766 40.58 25.60 -11.02
N GLN A 767 39.68 25.81 -12.00
CA GLN A 767 38.83 26.98 -12.23
C GLN A 767 38.30 27.70 -10.99
N GLY A 768 37.50 27.02 -10.18
CA GLY A 768 37.10 27.44 -8.86
C GLY A 768 37.05 26.17 -8.04
N PHE A 769 38.07 25.33 -8.24
CA PHE A 769 38.09 23.97 -7.72
C PHE A 769 38.74 23.93 -6.33
N SER A 770 37.92 24.25 -5.33
CA SER A 770 38.39 24.36 -3.95
C SER A 770 38.80 22.98 -3.42
N PRO A 771 39.82 22.92 -2.56
CA PRO A 771 40.28 21.63 -2.03
C PRO A 771 39.25 20.83 -1.24
N ASP A 772 38.46 21.50 -0.40
CA ASP A 772 37.45 20.84 0.41
C ASP A 772 36.03 21.10 -0.11
N GLY A 773 35.85 21.05 -1.42
CA GLY A 773 34.57 21.37 -2.01
C GLY A 773 33.61 20.19 -1.99
N VAL A 774 33.09 19.88 -0.81
CA VAL A 774 32.16 18.79 -0.56
C VAL A 774 31.17 19.29 0.50
N PRO A 775 30.05 18.59 0.75
CA PRO A 775 29.22 18.96 1.91
C PRO A 775 29.90 18.67 3.24
N ASP A 776 29.22 19.03 4.33
CA ASP A 776 29.75 18.80 5.66
C ASP A 776 29.86 17.31 5.99
N ARG A 777 28.88 16.51 5.56
CA ARG A 777 28.91 15.09 5.88
C ARG A 777 28.28 14.31 4.74
N ILE A 778 29.11 13.57 4.01
CA ILE A 778 28.70 12.55 3.06
C ILE A 778 29.50 11.29 3.34
N ILE A 779 28.90 10.14 3.06
CA ILE A 779 29.43 8.87 3.55
C ILE A 779 29.45 7.83 2.44
N ALA A 780 30.17 6.75 2.71
CA ALA A 780 30.46 5.67 1.77
C ALA A 780 29.20 4.88 1.43
N GLU A 781 28.63 5.15 0.25
CA GLU A 781 27.53 4.39 -0.33
C GLU A 781 26.26 4.44 0.53
N ALA A 782 25.97 5.62 1.06
CA ALA A 782 24.75 5.82 1.85
C ALA A 782 24.47 7.32 1.91
N ILE A 783 23.24 7.64 2.28
CA ILE A 783 22.80 9.01 2.45
C ILE A 783 22.73 9.29 3.94
N ARG A 784 23.43 10.32 4.38
CA ARG A 784 23.51 10.65 5.81
C ARG A 784 22.19 11.32 6.20
N LEU A 785 21.27 10.51 6.70
CA LEU A 785 20.03 11.03 7.28
C LEU A 785 20.33 11.62 8.65
N ASN A 786 19.38 12.41 9.16
CA ASN A 786 19.55 13.04 10.46
C ASN A 786 19.44 11.97 11.54
N ASN A 787 18.24 11.45 11.75
CA ASN A 787 17.98 10.45 12.78
C ASN A 787 18.85 9.21 12.56
N PRO A 788 19.23 8.51 13.63
CA PRO A 788 20.14 7.36 13.45
C PRO A 788 19.40 6.17 12.85
N GLN A 789 19.88 5.70 11.71
CA GLN A 789 19.33 4.54 11.05
C GLN A 789 19.84 3.27 11.72
N PRO A 790 19.16 2.10 11.51
CA PRO A 790 19.55 0.89 12.24
C PRO A 790 20.92 0.31 11.90
N GLY A 791 21.12 -0.05 10.64
CA GLY A 791 22.31 -0.79 10.22
C GLY A 791 23.36 0.10 9.61
N THR A 792 23.93 1.01 10.40
CA THR A 792 24.80 2.04 9.85
C THR A 792 26.27 1.65 9.97
N ASP A 793 27.09 2.39 9.24
CA ASP A 793 28.53 2.27 9.24
C ASP A 793 29.16 3.09 10.36
N TYR A 794 30.46 2.93 10.53
CA TYR A 794 31.21 3.73 11.49
C TYR A 794 31.23 5.21 11.09
N ASP A 795 31.18 5.49 9.78
CA ASP A 795 31.27 6.84 9.25
C ASP A 795 30.12 7.75 9.68
N TRP A 796 28.98 7.19 10.09
CA TRP A 796 27.88 8.00 10.62
C TRP A 796 28.31 8.81 11.85
N ASN A 797 28.98 8.17 12.78
CA ASN A 797 29.45 8.82 14.01
C ASN A 797 30.97 8.90 13.93
N ARG A 798 31.45 9.99 13.33
CA ARG A 798 32.87 10.26 13.23
C ARG A 798 33.09 11.76 13.37
N PRO A 799 34.34 12.22 13.52
CA PRO A 799 34.60 13.67 13.48
C PRO A 799 34.11 14.28 12.18
N ILE A 800 33.32 15.35 12.31
CA ILE A 800 32.73 16.04 11.16
C ILE A 800 33.81 16.54 10.21
N LYS A 801 34.92 17.05 10.75
CA LYS A 801 36.10 17.39 9.98
C LYS A 801 37.27 16.61 10.54
N LEU A 802 38.10 16.06 9.66
CA LEU A 802 39.24 15.29 10.11
C LEU A 802 40.33 16.24 10.62
N ASP A 803 41.07 15.79 11.63
CA ASP A 803 42.03 16.63 12.33
C ASP A 803 43.46 16.43 11.82
N GLU A 804 43.64 16.74 10.53
CA GLU A 804 44.92 16.68 9.84
C GLU A 804 44.74 17.43 8.51
N PRO A 805 45.76 18.17 8.04
CA PRO A 805 45.64 18.81 6.72
C PRO A 805 45.59 17.82 5.57
N GLY A 806 46.61 16.98 5.43
CA GLY A 806 46.69 16.05 4.34
C GLY A 806 47.77 16.42 3.34
N ILE A 807 47.86 15.60 2.29
CA ILE A 807 48.82 15.87 1.22
C ILE A 807 48.30 16.99 0.32
N ASN A 808 46.99 17.18 0.26
CA ASN A 808 46.41 18.26 -0.52
C ASN A 808 46.02 19.47 0.31
N GLY A 809 45.89 19.31 1.62
CA GLY A 809 45.26 20.30 2.45
C GLY A 809 43.81 19.99 2.74
N SER A 810 43.20 19.15 1.92
CA SER A 810 41.82 18.74 2.10
C SER A 810 41.66 17.81 3.28
N THR A 811 40.78 18.17 4.21
CA THR A 811 40.59 17.49 5.48
C THR A 811 39.25 16.77 5.52
N VAL A 812 38.65 16.58 4.34
CA VAL A 812 37.45 15.80 4.09
C VAL A 812 37.59 14.38 4.64
N PRO A 813 36.55 13.80 5.24
CA PRO A 813 36.67 12.44 5.79
C PRO A 813 36.54 11.45 4.65
N LEU A 814 37.58 10.68 4.43
CA LEU A 814 37.60 9.85 3.24
C LEU A 814 36.99 8.47 3.52
N PRO A 815 36.31 7.90 2.51
CA PRO A 815 35.68 6.59 2.68
C PRO A 815 36.61 5.44 2.30
N TYR A 816 36.13 4.21 2.44
CA TYR A 816 36.71 3.00 1.84
C TYR A 816 38.12 2.71 2.35
N GLY A 817 38.48 3.25 3.52
CA GLY A 817 39.80 3.06 4.07
C GLY A 817 40.87 3.89 3.40
N LEU A 818 40.47 4.78 2.50
CA LEU A 818 41.40 5.67 1.80
C LEU A 818 42.07 6.59 2.81
N ASP A 819 43.39 6.67 2.74
CA ASP A 819 44.15 7.51 3.66
C ASP A 819 44.17 8.96 3.16
N PRO A 820 44.05 9.93 4.04
CA PRO A 820 44.07 11.31 3.58
C PRO A 820 45.50 11.82 3.45
N LYS A 821 46.42 11.12 4.11
CA LYS A 821 47.84 11.42 3.95
C LYS A 821 48.36 11.13 2.54
N ARG A 822 47.75 10.18 1.82
CA ARG A 822 48.27 9.79 0.50
C ARG A 822 47.42 10.23 -0.69
N VAL A 823 46.09 10.10 -0.65
CA VAL A 823 45.29 10.33 -1.86
C VAL A 823 44.55 11.68 -1.85
N PRO A 824 45.15 12.69 -2.47
CA PRO A 824 44.59 14.04 -2.47
C PRO A 824 43.19 14.20 -3.05
N VAL A 825 42.22 14.58 -2.21
CA VAL A 825 40.84 14.75 -2.68
C VAL A 825 40.76 16.06 -3.46
N ALA A 826 39.64 16.28 -4.17
CA ALA A 826 39.48 17.45 -5.02
C ALA A 826 38.04 17.74 -5.45
N GLY A 827 37.25 18.52 -4.72
CA GLY A 827 35.87 18.71 -5.10
C GLY A 827 35.54 20.10 -5.61
N THR A 828 34.26 20.44 -5.56
CA THR A 828 33.73 21.73 -6.04
C THR A 828 32.33 22.01 -5.50
N TYR A 829 32.19 22.14 -4.19
CA TYR A 829 30.89 22.46 -3.58
C TYR A 829 31.12 23.63 -2.64
N SER A 830 30.81 24.82 -3.17
CA SER A 830 30.94 26.10 -2.50
C SER A 830 29.60 26.81 -2.70
N THR A 831 28.78 26.84 -1.66
CA THR A 831 27.42 27.38 -1.75
C THR A 831 27.40 28.89 -1.95
N GLU A 832 28.51 29.58 -1.67
CA GLU A 832 28.62 31.03 -1.88
C GLU A 832 28.22 31.45 -3.30
N ALA A 833 28.71 30.73 -4.32
CA ALA A 833 28.44 31.02 -5.72
C ALA A 833 28.85 29.87 -6.63
N GLN A 834 27.89 29.33 -7.38
CA GLN A 834 28.17 28.27 -8.35
C GLN A 834 28.82 28.90 -9.57
N GLN A 835 30.09 28.62 -9.79
CA GLN A 835 30.85 29.27 -10.85
C GLN A 835 31.23 28.35 -12.01
N GLU A 836 30.70 27.11 -12.04
CA GLU A 836 30.90 26.15 -13.15
C GLU A 836 32.35 25.74 -13.43
N SER A 837 32.90 24.84 -12.61
CA SER A 837 34.31 24.44 -12.69
C SER A 837 34.47 23.24 -13.62
N ARG A 838 35.44 23.33 -14.53
CA ARG A 838 35.82 22.22 -15.41
C ARG A 838 37.34 22.10 -15.43
N LEU A 839 37.86 20.96 -14.98
CA LEU A 839 39.29 20.72 -14.92
C LEU A 839 39.68 19.53 -15.79
N SER A 840 40.76 19.67 -16.54
CA SER A 840 41.39 18.56 -17.22
C SER A 840 42.64 18.19 -16.45
N SER A 841 42.69 16.94 -15.96
CA SER A 841 43.78 16.54 -15.08
C SER A 841 45.06 16.28 -15.88
N ALA A 842 46.16 16.10 -15.13
CA ALA A 842 47.42 15.66 -15.71
C ALA A 842 47.36 14.18 -16.08
N TRP A 843 48.19 13.80 -17.03
CA TRP A 843 48.17 12.44 -17.55
C TRP A 843 48.81 11.49 -16.52
N TYR A 844 48.23 10.30 -16.41
CA TYR A 844 48.68 9.31 -15.42
C TYR A 844 49.36 8.15 -16.13
N GLU A 845 50.47 7.68 -15.55
CA GLU A 845 51.22 6.56 -16.11
C GLU A 845 50.44 5.26 -15.89
N LEU A 846 49.85 4.75 -16.97
CA LEU A 846 49.14 3.48 -16.92
C LEU A 846 50.13 2.32 -16.79
N PRO A 847 49.66 1.15 -16.33
CA PRO A 847 50.57 0.01 -16.15
C PRO A 847 51.11 -0.53 -17.47
N ALA A 848 52.03 -1.48 -17.33
CA ALA A 848 52.78 -2.04 -18.46
C ALA A 848 51.87 -2.77 -19.43
N ARG A 849 52.34 -2.89 -20.67
CA ARG A 849 51.58 -3.50 -21.75
C ARG A 849 51.74 -5.01 -21.63
N ASP A 850 50.84 -5.63 -20.87
CA ASP A 850 50.89 -7.07 -20.66
C ASP A 850 49.47 -7.57 -20.36
N GLU A 851 49.13 -8.69 -20.99
CA GLU A 851 47.79 -9.25 -20.86
C GLU A 851 47.62 -10.00 -19.56
N THR A 852 48.70 -10.60 -19.04
CA THR A 852 48.68 -11.19 -17.70
C THR A 852 48.58 -10.12 -16.63
N GLU A 853 48.94 -8.88 -16.94
CA GLU A 853 48.62 -7.74 -16.08
C GLU A 853 47.17 -7.33 -16.28
N ARG A 854 46.75 -7.24 -17.55
CA ARG A 854 45.37 -6.92 -17.91
C ARG A 854 44.39 -7.90 -17.28
N ALA A 855 44.72 -9.18 -17.28
CA ALA A 855 44.00 -10.15 -16.48
C ALA A 855 44.34 -9.91 -15.01
N ALA A 856 43.28 -9.76 -14.20
CA ALA A 856 43.19 -9.38 -12.78
C ALA A 856 43.34 -7.88 -12.54
N HIS A 857 43.46 -7.07 -13.57
CA HIS A 857 43.23 -5.62 -13.47
C HIS A 857 42.26 -5.25 -14.60
N PRO A 858 41.00 -5.69 -14.52
CA PRO A 858 39.97 -5.08 -15.39
C PRO A 858 39.55 -3.65 -15.16
N LEU A 859 39.36 -3.21 -13.92
CA LEU A 859 38.95 -1.84 -13.66
C LEU A 859 40.03 -0.77 -13.45
N VAL A 860 39.84 0.38 -14.10
CA VAL A 860 40.42 1.66 -13.68
C VAL A 860 39.30 2.45 -12.99
N VAL A 861 39.51 2.84 -11.73
CA VAL A 861 38.42 3.31 -10.87
C VAL A 861 38.81 4.66 -10.29
N ILE A 862 37.81 5.53 -10.11
CA ILE A 862 38.01 6.80 -9.43
C ILE A 862 36.98 6.90 -8.32
N THR A 863 37.39 7.38 -7.15
CA THR A 863 36.46 7.41 -6.02
C THR A 863 35.74 8.76 -6.02
N ALA A 864 34.84 8.90 -6.98
CA ALA A 864 34.17 10.17 -7.16
C ALA A 864 33.01 10.33 -6.18
N ALA A 865 32.40 11.51 -6.17
CA ALA A 865 31.24 11.77 -5.34
C ALA A 865 30.32 12.75 -6.04
N GLY A 866 29.13 12.93 -5.47
CA GLY A 866 28.14 13.83 -6.02
C GLY A 866 27.33 13.27 -7.18
N THR A 867 26.48 14.15 -7.72
CA THR A 867 25.59 13.79 -8.82
C THR A 867 26.41 13.67 -10.10
N ILE A 868 26.46 12.47 -10.67
CA ILE A 868 27.24 12.26 -11.89
C ILE A 868 26.53 11.39 -12.91
N THR A 869 26.64 11.77 -14.17
CA THR A 869 26.04 11.02 -15.26
C THR A 869 26.70 9.65 -15.31
N GLY A 870 25.90 8.59 -15.21
CA GLY A 870 26.47 7.25 -15.19
C GLY A 870 25.47 6.22 -15.67
N GLU A 871 25.99 5.15 -16.26
CA GLU A 871 25.18 4.13 -16.91
C GLU A 871 24.91 2.99 -15.96
N SER A 872 23.99 3.21 -15.03
CA SER A 872 23.58 2.16 -14.12
C SER A 872 22.67 1.17 -14.83
N VAL A 873 22.35 0.07 -14.14
CA VAL A 873 21.35 -0.88 -14.63
C VAL A 873 20.09 -0.86 -13.79
N ALA A 874 20.09 -0.21 -12.63
CA ALA A 874 18.86 -0.01 -11.90
C ALA A 874 17.94 0.95 -12.65
N ASN A 875 18.52 2.05 -13.13
CA ASN A 875 17.84 2.97 -14.02
C ASN A 875 18.75 3.25 -15.19
N GLY A 876 18.23 3.97 -16.18
CA GLY A 876 18.93 4.27 -17.41
C GLY A 876 20.11 5.21 -17.23
N LEU A 877 20.62 5.67 -18.38
CA LEU A 877 21.75 6.60 -18.43
C LEU A 877 21.29 7.97 -17.97
N THR A 878 21.24 8.14 -16.64
CA THR A 878 20.78 9.38 -16.05
C THR A 878 21.87 10.44 -16.14
N THR A 879 21.48 11.69 -15.85
CA THR A 879 22.35 12.84 -16.05
C THR A 879 22.52 13.61 -14.74
N GLY A 880 23.64 13.37 -14.06
CA GLY A 880 24.12 14.27 -13.02
C GLY A 880 25.06 15.30 -13.62
N GLN A 881 26.33 15.25 -13.23
CA GLN A 881 27.36 16.06 -13.86
C GLN A 881 28.27 15.16 -14.68
N THR A 882 29.00 15.76 -15.62
CA THR A 882 29.76 15.01 -16.60
C THR A 882 31.23 14.94 -16.19
N VAL A 883 31.57 13.92 -15.42
CA VAL A 883 32.95 13.57 -15.12
C VAL A 883 33.24 12.22 -15.77
N ASP A 884 34.35 12.15 -16.50
CA ASP A 884 34.67 10.98 -17.30
C ASP A 884 36.15 10.95 -17.60
N LEU A 885 36.65 9.75 -17.87
CA LEU A 885 38.08 9.52 -18.06
C LEU A 885 38.46 9.68 -19.52
N GLU A 886 39.17 10.78 -19.84
CA GLU A 886 39.62 11.06 -21.20
C GLU A 886 40.93 10.32 -21.40
N TYR A 887 40.87 9.18 -22.08
CA TYR A 887 42.06 8.41 -22.38
C TYR A 887 42.80 9.02 -23.57
N ALA A 888 44.10 8.78 -23.61
CA ALA A 888 44.96 9.36 -24.63
C ALA A 888 45.98 8.31 -25.08
N THR A 889 46.70 8.66 -26.15
CA THR A 889 47.70 7.79 -26.75
C THR A 889 48.89 8.67 -27.09
N ARG A 890 50.10 8.10 -27.07
CA ARG A 890 51.25 8.90 -27.50
C ARG A 890 52.48 8.15 -27.99
N GLY A 891 52.44 7.54 -29.15
CA GLY A 891 53.62 6.87 -29.62
C GLY A 891 54.43 7.93 -30.34
N PRO A 892 53.87 8.40 -31.47
CA PRO A 892 54.49 9.48 -32.26
C PRO A 892 54.68 10.81 -31.54
N ASP A 893 55.92 11.23 -31.30
CA ASP A 893 56.49 12.40 -30.61
C ASP A 893 56.31 12.42 -29.09
N GLY A 894 55.75 11.38 -28.49
CA GLY A 894 55.73 11.34 -27.03
C GLY A 894 54.59 12.06 -26.33
N THR A 895 54.06 13.12 -26.93
CA THR A 895 53.03 13.91 -26.26
C THR A 895 51.67 13.26 -26.44
N LEU A 896 50.83 13.38 -25.41
CA LEU A 896 49.55 12.68 -25.37
C LEU A 896 48.46 13.51 -26.03
N VAL A 897 47.93 13.02 -27.15
CA VAL A 897 46.77 13.61 -27.80
C VAL A 897 45.50 13.01 -27.17
N PRO A 898 44.59 13.83 -26.63
CA PRO A 898 43.37 13.27 -26.06
C PRO A 898 42.41 12.76 -27.12
N ALA A 899 42.35 11.44 -27.28
CA ALA A 899 41.53 10.82 -28.33
C ALA A 899 40.24 10.24 -27.74
N GLY A 900 39.35 11.14 -27.34
CA GLY A 900 38.06 10.71 -26.82
C GLY A 900 38.06 10.34 -25.36
N ARG A 901 36.86 10.00 -24.88
CA ARG A 901 36.59 9.71 -23.47
C ARG A 901 35.76 8.43 -23.37
N VAL A 902 35.49 8.00 -22.14
CA VAL A 902 34.67 6.82 -21.86
C VAL A 902 33.67 7.16 -20.77
N THR A 903 32.44 6.66 -20.94
CA THR A 903 31.38 6.89 -19.95
C THR A 903 31.60 6.05 -18.69
N PRO A 904 31.25 6.57 -17.52
CA PRO A 904 31.34 5.78 -16.29
C PRO A 904 30.10 4.94 -16.00
N TYR A 905 30.33 3.91 -15.19
CA TYR A 905 29.25 3.19 -14.53
C TYR A 905 29.18 3.60 -13.06
N ASP A 906 28.00 3.45 -12.47
CA ASP A 906 27.82 3.81 -11.07
C ASP A 906 26.65 3.01 -10.50
N VAL A 907 26.74 2.70 -9.21
CA VAL A 907 25.74 1.86 -8.56
C VAL A 907 25.14 2.55 -7.35
N GLY A 908 25.96 3.28 -6.59
CA GLY A 908 25.54 3.90 -5.36
C GLY A 908 24.56 5.03 -5.58
N PRO A 909 23.94 5.49 -4.48
CA PRO A 909 22.93 6.56 -4.61
C PRO A 909 23.50 7.89 -5.05
N THR A 910 22.63 8.88 -5.27
CA THR A 910 23.03 10.07 -6.02
C THR A 910 24.05 10.98 -5.31
N PRO A 911 23.90 11.38 -4.01
CA PRO A 911 24.92 12.28 -3.47
C PRO A 911 26.02 11.60 -2.66
N SER A 912 26.31 10.34 -2.94
CA SER A 912 27.15 9.56 -2.04
C SER A 912 28.59 9.45 -2.52
N TRP A 913 29.45 8.96 -1.62
CA TRP A 913 30.83 8.62 -1.93
C TRP A 913 30.87 7.25 -2.61
N ARG A 914 30.56 7.23 -3.88
CA ARG A 914 30.65 6.01 -4.65
C ARG A 914 32.05 5.91 -5.25
N ASN A 915 32.25 4.96 -6.16
CA ASN A 915 33.43 5.03 -7.00
C ASN A 915 33.04 4.63 -8.40
N LEU A 916 33.37 5.47 -9.38
CA LEU A 916 33.03 5.20 -10.76
C LEU A 916 34.02 4.22 -11.35
N ARG A 917 33.52 3.43 -12.30
CA ARG A 917 34.23 2.32 -12.90
C ARG A 917 34.40 2.55 -14.39
N TYR A 918 35.63 2.38 -14.87
CA TYR A 918 35.92 2.39 -16.30
C TYR A 918 36.61 1.09 -16.67
N PRO A 919 36.00 0.26 -17.52
CA PRO A 919 36.65 -1.00 -17.91
C PRO A 919 37.92 -0.76 -18.71
N ARG A 920 38.92 -1.61 -18.47
CA ARG A 920 40.14 -1.59 -19.27
C ARG A 920 39.90 -2.11 -20.68
N SER A 921 38.80 -2.84 -20.89
CA SER A 921 38.39 -3.18 -22.26
C SER A 921 38.01 -1.93 -23.04
N GLU A 922 37.31 -0.98 -22.39
CA GLU A 922 36.94 0.25 -23.07
C GLU A 922 38.15 1.13 -23.30
N ILE A 923 39.20 0.95 -22.51
CA ILE A 923 40.49 1.58 -22.79
C ILE A 923 41.14 0.82 -23.95
N PRO A 924 41.60 1.50 -25.00
CA PRO A 924 42.17 0.80 -26.15
C PRO A 924 43.52 0.18 -25.83
N ASP A 925 43.95 -0.63 -26.81
CA ASP A 925 45.13 -1.49 -26.67
C ASP A 925 46.43 -0.72 -26.48
N ASP A 926 46.55 0.48 -27.05
CA ASP A 926 47.83 1.18 -26.94
C ASP A 926 47.81 2.36 -25.98
N ALA A 927 46.66 2.74 -25.42
CA ALA A 927 46.49 3.91 -24.55
C ALA A 927 47.43 3.99 -23.34
N VAL A 928 48.36 4.96 -23.32
CA VAL A 928 49.42 4.97 -22.30
C VAL A 928 49.09 5.93 -21.15
N ALA A 929 48.08 6.77 -21.29
CA ALA A 929 47.72 7.65 -20.20
C ALA A 929 46.26 8.03 -20.26
N VAL A 930 45.71 8.39 -19.11
CA VAL A 930 44.32 8.81 -18.94
C VAL A 930 44.31 10.08 -18.11
N ARG A 931 43.28 10.89 -18.28
CA ARG A 931 43.10 12.09 -17.46
C ARG A 931 41.62 12.31 -17.20
N VAL A 932 41.23 12.31 -15.93
CA VAL A 932 39.85 12.59 -15.57
C VAL A 932 39.51 14.03 -15.93
N VAL A 933 38.38 14.23 -16.61
CA VAL A 933 37.86 15.56 -16.86
C VAL A 933 36.47 15.67 -16.23
N ALA A 934 36.16 16.86 -15.73
CA ALA A 934 34.91 17.10 -15.02
C ALA A 934 34.28 18.40 -15.50
N GLU A 935 33.07 18.68 -15.01
CA GLU A 935 32.33 19.88 -15.34
C GLU A 935 31.14 20.10 -14.41
N ASP A 936 31.10 21.25 -13.74
CA ASP A 936 30.00 21.57 -12.82
C ASP A 936 29.04 22.57 -13.46
N LEU A 937 28.49 22.19 -14.62
CA LEU A 937 27.55 23.08 -15.32
C LEU A 937 26.18 22.97 -14.66
N SER A 938 26.05 23.63 -13.51
CA SER A 938 24.79 23.60 -12.77
C SER A 938 24.73 24.78 -11.81
N LEU A 939 23.72 25.63 -11.98
CA LEU A 939 23.53 26.78 -11.12
C LEU A 939 22.80 26.44 -9.83
N SER A 940 22.31 25.21 -9.70
CA SER A 940 21.59 24.76 -8.52
C SER A 940 22.56 24.52 -7.36
N GLN A 941 22.03 24.63 -6.15
CA GLN A 941 22.83 24.42 -4.95
C GLN A 941 22.91 22.96 -4.53
N GLY A 942 22.11 22.09 -5.14
CA GLY A 942 22.11 20.67 -4.83
C GLY A 942 22.95 19.85 -5.79
N ASP A 943 23.79 20.49 -6.60
CA ASP A 943 24.66 19.85 -7.58
C ASP A 943 26.10 20.21 -7.30
N TRP A 944 26.99 19.21 -7.44
CA TRP A 944 28.43 19.31 -7.23
C TRP A 944 29.03 17.94 -7.54
N ILE A 945 30.37 17.88 -7.57
CA ILE A 945 31.13 16.65 -7.73
C ILE A 945 32.43 16.72 -6.93
N ALA A 946 32.98 15.55 -6.61
CA ALA A 946 34.30 15.43 -6.02
C ALA A 946 35.09 14.37 -6.78
N VAL A 947 36.40 14.53 -6.84
CA VAL A 947 37.26 13.66 -7.65
C VAL A 947 38.49 13.30 -6.83
N THR A 948 38.97 12.06 -7.02
CA THR A 948 40.16 11.44 -6.45
C THR A 948 40.89 10.74 -7.58
N PRO A 949 42.23 10.71 -7.55
CA PRO A 949 42.99 10.24 -8.72
C PRO A 949 42.75 8.76 -9.01
N PRO A 950 42.91 8.34 -10.26
CA PRO A 950 42.57 6.96 -10.65
C PRO A 950 43.58 5.93 -10.16
N ARG A 951 43.09 4.69 -10.04
CA ARG A 951 43.90 3.58 -9.56
C ARG A 951 43.55 2.30 -10.30
N VAL A 952 44.48 1.34 -10.22
CA VAL A 952 44.34 0.01 -10.81
C VAL A 952 44.35 -1.03 -9.69
N PRO A 953 43.20 -1.26 -9.05
CA PRO A 953 43.18 -2.03 -7.79
C PRO A 953 43.54 -3.49 -7.96
N GLU A 954 44.16 -4.03 -6.91
CA GLU A 954 44.62 -5.42 -6.86
C GLU A 954 43.47 -6.32 -6.44
N LEU A 955 42.58 -6.60 -7.38
CA LEU A 955 41.34 -7.28 -7.07
C LEU A 955 41.56 -8.77 -6.82
N GLN A 956 40.76 -9.31 -5.90
CA GLN A 956 40.72 -10.74 -5.64
C GLN A 956 39.29 -11.16 -5.44
N SER A 957 39.01 -12.44 -5.70
CA SER A 957 37.66 -12.92 -5.49
C SER A 957 37.35 -12.98 -4.00
N VAL A 958 36.04 -13.05 -3.68
CA VAL A 958 35.61 -13.10 -2.29
C VAL A 958 36.07 -14.40 -1.64
N GLN A 959 35.93 -15.52 -2.33
CA GLN A 959 36.36 -16.81 -1.82
C GLN A 959 37.87 -16.87 -1.59
N GLU A 960 38.65 -16.18 -2.41
CA GLU A 960 40.09 -16.09 -2.18
C GLU A 960 40.38 -15.30 -0.91
N TYR A 961 39.81 -14.10 -0.79
CA TYR A 961 40.09 -13.25 0.36
C TYR A 961 39.40 -13.77 1.61
N VAL A 962 38.07 -13.83 1.59
CA VAL A 962 37.28 -14.33 2.71
C VAL A 962 37.07 -15.82 2.48
N GLY A 963 37.82 -16.65 3.20
CA GLY A 963 37.77 -18.08 3.01
C GLY A 963 36.56 -18.74 3.62
N SER A 964 36.76 -19.85 4.32
CA SER A 964 35.68 -20.51 5.03
C SER A 964 36.02 -20.65 6.50
N ASP A 965 36.94 -19.80 6.97
CA ASP A 965 37.40 -19.78 8.36
C ASP A 965 36.81 -18.59 9.11
N GLN A 966 36.90 -17.39 8.54
CA GLN A 966 36.36 -16.22 9.20
C GLN A 966 34.85 -16.24 9.12
N PRO A 967 34.15 -16.14 10.25
CA PRO A 967 32.69 -16.13 10.21
C PRO A 967 32.18 -14.77 9.77
N VAL A 968 31.10 -14.77 8.99
CA VAL A 968 30.56 -13.54 8.44
C VAL A 968 29.07 -13.44 8.78
N LEU A 969 28.60 -12.21 8.88
CA LEU A 969 27.18 -11.95 9.13
C LEU A 969 26.50 -11.80 7.78
N MET A 970 26.12 -12.94 7.21
CA MET A 970 25.33 -12.92 5.99
C MET A 970 23.93 -12.43 6.30
N ASP A 971 23.49 -11.41 5.58
CA ASP A 971 22.18 -10.87 5.83
C ASP A 971 21.11 -11.83 5.29
N TRP A 972 19.86 -11.58 5.72
CA TRP A 972 18.76 -12.50 5.45
C TRP A 972 18.46 -12.66 3.97
N ALA A 973 18.71 -11.63 3.18
CA ALA A 973 18.38 -11.72 1.76
C ALA A 973 19.43 -12.47 0.96
N VAL A 974 20.63 -12.66 1.49
CA VAL A 974 21.72 -13.30 0.74
C VAL A 974 22.36 -14.40 1.59
N GLY A 975 21.85 -15.60 1.45
CA GLY A 975 22.49 -16.76 2.03
C GLY A 975 22.76 -17.81 0.98
N LEU A 976 21.81 -17.94 0.07
CA LEU A 976 21.91 -18.93 -1.00
C LEU A 976 22.95 -18.57 -2.04
N ALA A 977 23.18 -17.28 -2.25
CA ALA A 977 24.18 -16.86 -3.22
C ALA A 977 25.60 -17.11 -2.73
N PHE A 978 25.84 -17.04 -1.42
CA PHE A 978 27.14 -17.34 -0.82
C PHE A 978 27.08 -18.64 -0.03
N PRO A 979 27.41 -19.78 -0.64
CA PRO A 979 27.25 -21.05 0.05
C PRO A 979 28.45 -21.54 0.84
N CYS A 980 29.63 -20.94 0.69
CA CYS A 980 30.85 -21.55 1.21
C CYS A 980 31.30 -21.00 2.56
N GLN A 981 31.09 -19.71 2.83
CA GLN A 981 31.57 -19.10 4.06
C GLN A 981 30.62 -19.44 5.20
N GLN A 982 31.17 -20.05 6.26
CA GLN A 982 30.32 -20.37 7.40
C GLN A 982 29.91 -19.08 8.12
N PRO A 983 28.68 -18.98 8.58
CA PRO A 983 28.23 -17.79 9.30
C PRO A 983 28.72 -17.77 10.73
N MET A 984 28.43 -16.65 11.42
CA MET A 984 28.77 -16.49 12.83
C MET A 984 27.89 -17.37 13.71
N LEU A 985 28.11 -18.67 13.57
CA LEU A 985 27.36 -19.67 14.31
C LEU A 985 27.45 -19.40 15.79
N HIS A 986 26.36 -19.62 16.52
CA HIS A 986 26.37 -19.37 17.94
C HIS A 986 26.26 -20.68 18.70
N ALA A 987 26.84 -20.69 19.91
CA ALA A 987 26.84 -21.86 20.77
C ALA A 987 26.40 -21.44 22.15
N ASN A 988 25.42 -22.17 22.70
CA ASN A 988 24.76 -22.01 24.00
C ASN A 988 24.60 -20.58 24.49
N GLY A 989 24.05 -19.72 23.63
CA GLY A 989 23.72 -18.36 24.00
C GLY A 989 24.77 -17.32 23.70
N VAL A 990 25.93 -17.71 23.20
CA VAL A 990 26.96 -16.74 22.85
C VAL A 990 27.36 -17.00 21.40
N THR A 991 27.74 -15.93 20.69
CA THR A 991 28.08 -16.01 19.29
C THR A 991 29.57 -15.85 19.11
N GLU A 992 30.05 -16.17 17.91
CA GLU A 992 31.40 -15.83 17.52
C GLU A 992 31.39 -14.40 16.96
N VAL A 993 32.45 -13.66 17.23
CA VAL A 993 32.58 -12.28 16.76
C VAL A 993 32.69 -12.23 15.23
N PRO A 994 31.75 -11.59 14.55
CA PRO A 994 31.78 -11.59 13.08
C PRO A 994 32.85 -10.68 12.52
N LYS A 995 33.42 -11.10 11.40
CA LYS A 995 34.46 -10.34 10.73
C LYS A 995 33.95 -9.51 9.57
N PHE A 996 33.01 -10.01 8.77
CA PHE A 996 32.51 -9.29 7.62
C PHE A 996 30.99 -9.36 7.57
N ARG A 997 30.41 -8.41 6.86
CA ARG A 997 28.96 -8.29 6.71
C ARG A 997 28.63 -8.20 5.23
N ILE A 998 28.48 -9.37 4.61
CA ILE A 998 28.03 -9.45 3.21
C ILE A 998 26.55 -9.12 3.17
N SER A 999 26.16 -8.22 2.26
CA SER A 999 24.84 -7.64 2.35
C SER A 999 24.23 -7.47 0.97
N PRO A 1000 22.88 -7.47 0.85
CA PRO A 1000 22.24 -7.26 -0.45
C PRO A 1000 22.39 -5.85 -1.01
N ASP A 1001 21.78 -5.61 -2.18
CA ASP A 1001 21.81 -4.31 -2.85
C ASP A 1001 21.27 -3.21 -1.96
N TYR A 1002 21.78 -1.99 -2.21
CA TYR A 1002 21.59 -0.82 -1.36
C TYR A 1002 20.14 -0.56 -0.98
N TYR A 1003 19.23 -0.63 -1.94
CA TYR A 1003 17.83 -0.34 -1.67
C TYR A 1003 17.20 -1.41 -0.77
N ALA A 1004 17.42 -2.68 -1.09
CA ALA A 1004 16.95 -3.76 -0.23
C ALA A 1004 17.68 -3.77 1.11
N LYS A 1005 18.94 -3.34 1.13
CA LYS A 1005 19.69 -3.24 2.38
C LYS A 1005 19.07 -2.19 3.29
N LEU A 1006 18.70 -1.04 2.74
CA LEU A 1006 18.21 0.04 3.57
C LEU A 1006 16.75 -0.16 3.95
N GLN A 1007 15.90 -0.53 2.99
CA GLN A 1007 14.47 -0.58 3.28
C GLN A 1007 14.01 -1.88 3.92
N SER A 1008 14.61 -3.02 3.60
CA SER A 1008 14.09 -4.30 4.05
C SER A 1008 14.98 -5.02 5.05
N THR A 1009 16.29 -5.03 4.81
CA THR A 1009 17.19 -5.89 5.56
C THR A 1009 17.48 -5.35 6.96
N ASP A 1010 17.99 -4.11 7.03
CA ASP A 1010 18.39 -3.52 8.30
C ASP A 1010 17.24 -3.34 9.27
N THR A 1011 16.03 -3.10 8.75
CA THR A 1011 14.87 -3.05 9.64
C THR A 1011 14.56 -4.40 10.26
N TRP A 1012 14.90 -5.49 9.57
CA TRP A 1012 14.69 -6.83 10.07
C TRP A 1012 15.72 -7.29 11.08
N GLN A 1013 16.85 -6.61 11.22
CA GLN A 1013 17.93 -7.18 12.02
C GLN A 1013 18.45 -6.24 13.10
N ASP A 1014 17.66 -5.27 13.54
CA ASP A 1014 18.18 -4.28 14.46
C ASP A 1014 17.83 -4.63 15.91
N GLY A 1015 18.54 -3.97 16.85
CA GLY A 1015 18.43 -4.26 18.26
C GLY A 1015 17.06 -4.01 18.85
N ILE A 1016 16.30 -3.09 18.25
CA ILE A 1016 14.98 -2.72 18.77
C ILE A 1016 14.02 -3.91 18.70
N ASN A 1017 14.22 -4.81 17.75
CA ASN A 1017 13.41 -6.03 17.67
C ASN A 1017 14.36 -7.21 17.50
N GLY A 1018 15.08 -7.54 18.58
CA GLY A 1018 15.99 -8.67 18.53
C GLY A 1018 17.25 -8.35 17.79
N GLY A 1019 17.48 -9.05 16.69
CA GLY A 1019 18.48 -8.66 15.71
C GLY A 1019 19.93 -9.04 15.99
N LEU A 1020 20.69 -9.24 14.91
CA LEU A 1020 22.14 -9.36 15.04
C LEU A 1020 22.82 -8.01 15.10
N LEU A 1021 22.27 -6.99 14.45
CA LEU A 1021 22.86 -5.66 14.53
C LEU A 1021 22.64 -4.99 15.88
N GLY A 1022 21.91 -5.62 16.80
CA GLY A 1022 21.99 -5.20 18.18
C GLY A 1022 23.36 -5.45 18.79
N ILE A 1023 23.96 -6.60 18.50
CA ILE A 1023 25.22 -6.94 19.13
C ILE A 1023 26.42 -6.48 18.32
N THR A 1024 26.39 -6.52 16.98
CA THR A 1024 27.61 -6.18 16.25
C THR A 1024 27.79 -4.69 16.08
N ASP A 1025 26.71 -3.92 15.91
CA ASP A 1025 26.85 -2.47 15.83
C ASP A 1025 27.23 -1.88 17.18
N LEU A 1026 26.84 -2.53 18.28
CA LEU A 1026 27.24 -2.05 19.59
C LEU A 1026 28.70 -2.35 19.87
N LEU A 1027 29.22 -3.44 19.33
CA LEU A 1027 30.61 -3.85 19.55
C LEU A 1027 31.53 -3.41 18.42
N LEU A 1028 31.26 -3.88 17.21
CA LEU A 1028 32.16 -3.69 16.08
C LEU A 1028 31.94 -2.35 15.39
N ARG A 1029 32.92 -1.96 14.58
CA ARG A 1029 32.85 -0.78 13.71
C ARG A 1029 32.85 -1.28 12.27
N ALA A 1030 31.73 -1.10 11.58
CA ALA A 1030 31.63 -1.50 10.18
C ALA A 1030 32.22 -0.44 9.27
N SER A 1031 33.06 -0.85 8.32
CA SER A 1031 33.59 0.07 7.31
C SER A 1031 33.50 -0.65 5.97
N VAL A 1032 32.49 -0.27 5.19
CA VAL A 1032 32.25 -0.88 3.89
C VAL A 1032 33.43 -0.68 2.94
N MET A 1033 33.75 -1.71 2.16
CA MET A 1033 34.88 -1.60 1.28
C MET A 1033 34.31 -1.38 -0.13
N SER A 1034 35.16 -1.32 -1.14
CA SER A 1034 34.75 -1.50 -2.53
C SER A 1034 34.74 -2.93 -3.06
N THR A 1035 33.65 -3.27 -3.75
CA THR A 1035 33.44 -4.56 -4.38
C THR A 1035 32.85 -4.34 -5.77
N TYR A 1036 33.26 -5.18 -6.73
CA TYR A 1036 32.85 -5.06 -8.12
C TYR A 1036 32.41 -6.43 -8.65
N LEU A 1037 31.22 -6.51 -9.22
CA LEU A 1037 30.81 -7.75 -9.87
C LEU A 1037 31.55 -7.88 -11.20
N SER A 1038 32.25 -9.00 -11.38
CA SER A 1038 33.14 -9.20 -12.52
C SER A 1038 32.38 -9.28 -13.83
N GLN A 1039 32.85 -8.51 -14.83
CA GLN A 1039 32.29 -8.43 -16.19
C GLN A 1039 30.81 -8.07 -16.21
N ASP A 1040 30.38 -7.27 -15.24
CA ASP A 1040 29.00 -6.79 -15.17
C ASP A 1040 29.04 -5.48 -14.40
N TRP A 1041 29.85 -4.54 -14.89
CA TRP A 1041 30.17 -3.34 -14.13
C TRP A 1041 29.06 -2.32 -14.34
N GLY A 1042 28.49 -1.87 -13.23
CA GLY A 1042 27.28 -1.10 -13.24
C GLY A 1042 26.13 -1.85 -12.69
N GLN A 1043 26.38 -2.94 -11.96
CA GLN A 1043 25.35 -3.72 -11.30
C GLN A 1043 25.62 -3.69 -9.80
N ASP A 1044 24.64 -3.22 -9.03
CA ASP A 1044 24.72 -3.23 -7.57
C ASP A 1044 24.39 -4.61 -7.04
N TRP A 1045 25.41 -5.47 -6.98
CA TRP A 1045 25.25 -6.82 -6.47
C TRP A 1045 24.89 -6.82 -4.99
N GLY A 1046 25.47 -5.90 -4.23
CA GLY A 1046 25.33 -5.87 -2.79
C GLY A 1046 26.42 -5.04 -2.16
N SER A 1047 27.00 -5.53 -1.07
CA SER A 1047 28.11 -4.85 -0.42
C SER A 1047 28.82 -5.84 0.47
N LEU A 1048 29.98 -5.44 0.94
CA LEU A 1048 30.79 -6.24 1.85
C LEU A 1048 31.44 -5.28 2.84
N ARG A 1049 31.10 -5.40 4.12
CA ARG A 1049 31.57 -4.45 5.13
C ARG A 1049 32.54 -5.13 6.08
N LYS A 1050 33.78 -4.63 6.15
CA LYS A 1050 34.74 -5.19 7.10
C LYS A 1050 34.49 -4.62 8.49
N PHE A 1051 34.16 -5.50 9.43
CA PHE A 1051 34.08 -5.13 10.83
C PHE A 1051 35.48 -4.94 11.40
N ASP A 1052 35.59 -4.06 12.40
CA ASP A 1052 36.82 -3.94 13.18
C ASP A 1052 36.47 -3.70 14.63
N THR A 1053 37.14 -4.43 15.53
CA THR A 1053 36.91 -4.28 16.95
C THR A 1053 37.45 -2.94 17.46
N VAL A 1054 37.11 -2.63 18.71
CA VAL A 1054 37.45 -1.35 19.32
C VAL A 1054 38.42 -1.49 20.48
N VAL A 1055 38.75 -2.71 20.89
CA VAL A 1055 39.66 -3.00 22.00
C VAL A 1055 40.58 -4.15 21.62
N GLU A 1056 41.16 -4.80 22.63
CA GLU A 1056 41.91 -6.02 22.39
C GLU A 1056 40.94 -7.14 22.02
N ALA A 1057 39.91 -7.34 22.84
CA ALA A 1057 38.76 -8.21 22.56
C ALA A 1057 39.09 -9.71 22.47
N THR A 1058 39.83 -10.22 23.46
CA THR A 1058 40.02 -11.65 23.63
C THR A 1058 38.67 -12.38 23.66
N PRO A 1059 38.56 -13.57 23.08
CA PRO A 1059 37.35 -14.38 23.27
C PRO A 1059 37.24 -14.89 24.71
N ALA A 1060 36.01 -14.95 25.20
CA ALA A 1060 35.74 -15.32 26.57
C ALA A 1060 35.95 -16.81 26.83
N GLU A 1061 36.12 -17.14 28.11
CA GLU A 1061 36.35 -18.50 28.58
C GLU A 1061 35.04 -19.27 28.68
N LEU A 1062 34.03 -18.67 29.31
CA LEU A 1062 32.65 -19.17 29.38
C LEU A 1062 32.55 -20.49 30.14
N ASP A 1063 32.61 -20.43 31.47
CA ASP A 1063 32.46 -21.62 32.31
C ASP A 1063 30.98 -22.00 32.33
N PHE A 1064 30.69 -23.20 31.86
CA PHE A 1064 29.33 -23.73 31.74
C PHE A 1064 29.04 -24.88 32.70
N GLY A 1065 27.81 -24.88 33.17
CA GLY A 1065 27.32 -25.93 34.07
C GLY A 1065 26.01 -26.35 33.43
N SER A 1066 25.75 -27.66 33.42
CA SER A 1066 24.57 -28.12 32.70
C SER A 1066 23.53 -28.91 33.48
N GLN A 1067 23.41 -28.78 34.79
CA GLN A 1067 22.36 -29.56 35.45
C GLN A 1067 21.28 -28.57 35.82
N THR A 1068 20.16 -28.69 35.12
CA THR A 1068 18.91 -27.95 35.38
C THR A 1068 17.81 -28.73 34.71
N HIS A 1069 16.80 -29.19 35.46
CA HIS A 1069 15.75 -30.03 34.87
C HIS A 1069 14.41 -29.43 35.27
N SER A 1070 13.93 -28.51 34.47
CA SER A 1070 12.66 -27.87 34.69
C SER A 1070 11.54 -28.69 34.05
N GLY A 1071 10.31 -28.47 34.51
CA GLY A 1071 9.22 -29.19 33.88
C GLY A 1071 8.67 -28.30 32.79
N LEU A 1072 8.07 -27.19 33.18
CA LEU A 1072 7.61 -26.11 32.31
C LEU A 1072 7.99 -24.77 32.93
N TYR A 1073 9.13 -24.75 33.60
CA TYR A 1073 9.63 -23.59 34.34
C TYR A 1073 10.46 -22.69 33.42
N SER A 1074 9.85 -21.60 32.97
CA SER A 1074 10.59 -20.61 32.21
C SER A 1074 10.86 -19.45 33.14
N PRO A 1075 12.11 -19.19 33.54
CA PRO A 1075 12.38 -18.14 34.51
C PRO A 1075 12.23 -16.74 33.93
N GLY A 1076 11.02 -16.21 33.97
CA GLY A 1076 10.80 -14.82 33.60
C GLY A 1076 10.75 -14.59 32.11
N PRO A 1077 10.31 -13.41 31.72
CA PRO A 1077 10.41 -13.00 30.31
C PRO A 1077 11.76 -12.37 30.00
N LEU A 1078 12.20 -12.62 28.76
CA LEU A 1078 13.40 -11.98 28.22
C LEU A 1078 13.20 -10.47 28.15
N ARG A 1079 14.32 -9.74 28.06
CA ARG A 1079 14.24 -8.31 27.82
C ARG A 1079 13.82 -8.07 26.38
N ILE A 1080 12.73 -7.32 26.22
CA ILE A 1080 12.22 -6.90 24.93
C ILE A 1080 12.11 -5.38 25.01
N ARG A 1081 11.72 -4.73 23.90
CA ARG A 1081 11.39 -3.31 23.88
C ARG A 1081 10.33 -2.96 24.94
N PRO A 1082 10.34 -1.74 25.47
CA PRO A 1082 9.29 -1.27 26.38
C PRO A 1082 7.92 -1.16 25.71
N ALA B 3 -36.98 -54.63 -9.85
CA ALA B 3 -35.69 -54.76 -9.18
C ALA B 3 -34.88 -55.90 -9.78
N THR B 4 -35.55 -56.79 -10.51
CA THR B 4 -34.89 -57.93 -11.14
C THR B 4 -33.76 -57.44 -12.04
N GLN B 5 -34.11 -56.63 -13.02
CA GLN B 5 -33.12 -56.10 -13.96
C GLN B 5 -33.47 -54.68 -14.42
N GLU B 6 -34.27 -53.99 -13.61
CA GLU B 6 -34.69 -52.62 -13.93
C GLU B 6 -34.34 -51.67 -12.80
N GLU B 7 -34.98 -51.84 -11.66
CA GLU B 7 -34.73 -50.99 -10.50
C GLU B 7 -33.27 -51.08 -10.05
N ILE B 8 -32.79 -52.30 -9.86
CA ILE B 8 -31.42 -52.53 -9.43
C ILE B 8 -30.43 -51.93 -10.42
N ILE B 9 -30.63 -52.16 -11.73
CA ILE B 9 -29.74 -51.59 -12.74
C ILE B 9 -29.73 -50.07 -12.65
N ALA B 10 -30.91 -49.46 -12.55
CA ALA B 10 -31.01 -47.99 -12.42
C ALA B 10 -30.40 -47.48 -11.13
N GLY B 11 -30.64 -48.18 -10.02
CA GLY B 11 -30.03 -47.78 -8.76
C GLY B 11 -28.52 -47.88 -8.80
N LEU B 12 -28.02 -48.98 -9.35
CA LEU B 12 -26.58 -49.15 -9.48
C LEU B 12 -26.01 -48.15 -10.46
N ALA B 13 -26.82 -47.68 -11.39
CA ALA B 13 -26.30 -46.66 -12.28
C ALA B 13 -26.33 -45.33 -11.59
N GLU B 14 -27.24 -45.14 -10.66
CA GLU B 14 -27.20 -43.93 -9.85
C GLU B 14 -25.97 -43.93 -8.96
N ILE B 15 -25.46 -45.10 -8.62
CA ILE B 15 -24.26 -45.13 -7.78
C ILE B 15 -23.00 -45.03 -8.64
N ILE B 16 -23.04 -45.60 -9.84
CA ILE B 16 -22.02 -45.31 -10.85
C ILE B 16 -21.96 -43.82 -11.13
N GLU B 17 -23.11 -43.16 -11.18
CA GLU B 17 -23.20 -41.72 -11.35
C GLU B 17 -22.60 -41.04 -10.15
N GLU B 18 -22.74 -41.65 -8.99
CA GLU B 18 -22.18 -41.08 -7.79
C GLU B 18 -20.66 -41.16 -7.80
N VAL B 19 -20.08 -42.18 -8.39
CA VAL B 19 -18.64 -42.41 -8.29
C VAL B 19 -17.91 -42.11 -9.59
N THR B 20 -18.37 -42.64 -10.70
CA THR B 20 -17.64 -42.32 -11.92
C THR B 20 -18.12 -41.11 -12.71
N GLY B 21 -19.13 -40.41 -12.23
CA GLY B 21 -19.68 -39.27 -12.93
C GLY B 21 -20.18 -39.32 -14.35
N ILE B 22 -20.84 -40.41 -14.68
CA ILE B 22 -21.47 -40.64 -15.97
C ILE B 22 -22.96 -40.71 -15.75
N GLU B 23 -23.71 -39.93 -16.54
CA GLU B 23 -25.15 -39.87 -16.40
C GLU B 23 -25.81 -41.22 -16.63
N PRO B 24 -26.90 -41.51 -15.90
CA PRO B 24 -27.58 -42.78 -16.08
C PRO B 24 -28.40 -42.94 -17.36
N SER B 25 -27.81 -42.74 -18.51
CA SER B 25 -28.53 -42.97 -19.75
C SER B 25 -27.65 -43.92 -20.51
N GLU B 26 -26.37 -43.55 -20.55
CA GLU B 26 -25.34 -44.34 -21.19
C GLU B 26 -25.12 -45.63 -20.45
N VAL B 27 -25.42 -45.63 -19.16
CA VAL B 27 -25.18 -46.79 -18.33
C VAL B 27 -26.15 -47.91 -18.70
N THR B 28 -25.65 -48.90 -19.43
CA THR B 28 -26.41 -50.10 -19.70
C THR B 28 -25.53 -51.32 -19.55
N PRO B 29 -26.13 -52.50 -19.38
CA PRO B 29 -25.42 -53.78 -19.45
C PRO B 29 -24.63 -54.12 -20.71
N GLU B 30 -25.00 -53.67 -21.89
CA GLU B 30 -24.22 -54.07 -23.08
C GLU B 30 -22.80 -53.52 -23.19
N LYS B 31 -22.58 -52.37 -22.56
CA LYS B 31 -21.35 -51.59 -22.52
C LYS B 31 -20.66 -51.83 -21.19
N SER B 32 -19.34 -51.73 -21.16
CA SER B 32 -18.67 -52.09 -19.93
C SER B 32 -17.53 -51.16 -19.57
N PHE B 33 -16.91 -51.51 -18.45
CA PHE B 33 -15.88 -50.77 -17.72
C PHE B 33 -14.63 -50.32 -18.43
N VAL B 34 -13.99 -51.15 -19.21
CA VAL B 34 -12.68 -50.81 -19.75
C VAL B 34 -12.71 -50.88 -21.26
N ASP B 35 -13.70 -51.52 -21.83
CA ASP B 35 -13.86 -51.55 -23.27
C ASP B 35 -14.80 -50.46 -23.78
N ASP B 36 -15.68 -49.90 -22.93
CA ASP B 36 -16.52 -48.82 -23.43
C ASP B 36 -16.55 -47.59 -22.53
N LEU B 37 -16.88 -47.76 -21.25
CA LEU B 37 -16.86 -46.66 -20.30
C LEU B 37 -15.45 -46.59 -19.71
N ASP B 38 -15.19 -45.73 -18.72
CA ASP B 38 -13.81 -45.57 -18.27
C ASP B 38 -13.80 -45.74 -16.76
N ILE B 39 -13.47 -46.92 -16.26
CA ILE B 39 -13.30 -47.02 -14.82
C ILE B 39 -11.84 -47.45 -14.68
N ASP B 40 -11.41 -47.80 -13.47
CA ASP B 40 -10.08 -48.32 -13.22
C ASP B 40 -10.12 -49.31 -12.07
N SER B 41 -8.97 -49.95 -11.87
CA SER B 41 -8.81 -50.99 -10.86
C SER B 41 -9.07 -50.44 -9.48
N LEU B 42 -8.76 -49.17 -9.26
CA LEU B 42 -8.94 -48.56 -7.94
C LEU B 42 -10.34 -47.99 -7.76
N SER B 43 -10.87 -47.40 -8.83
CA SER B 43 -12.20 -46.79 -8.78
C SER B 43 -13.34 -47.77 -8.62
N MET B 44 -13.16 -48.99 -9.04
CA MET B 44 -14.23 -49.95 -8.95
C MET B 44 -14.48 -50.44 -7.53
N VAL B 45 -13.58 -50.15 -6.61
CA VAL B 45 -13.87 -50.48 -5.22
C VAL B 45 -14.90 -49.54 -4.61
N GLU B 46 -14.98 -48.30 -5.07
CA GLU B 46 -16.04 -47.40 -4.59
C GLU B 46 -17.43 -47.91 -4.93
N ILE B 47 -17.62 -48.34 -6.18
CA ILE B 47 -18.95 -48.84 -6.50
C ILE B 47 -19.16 -50.16 -5.83
N ALA B 48 -18.12 -50.95 -5.62
CA ALA B 48 -18.26 -52.22 -4.95
C ALA B 48 -18.74 -52.06 -3.51
N VAL B 49 -18.14 -51.13 -2.78
CA VAL B 49 -18.52 -50.98 -1.39
C VAL B 49 -19.88 -50.33 -1.27
N GLN B 50 -20.25 -49.53 -2.23
CA GLN B 50 -21.62 -49.03 -2.15
C GLN B 50 -22.67 -50.10 -2.49
N THR B 51 -22.34 -51.02 -3.40
CA THR B 51 -23.22 -52.15 -3.62
C THR B 51 -23.27 -53.04 -2.42
N GLU B 52 -22.18 -53.15 -1.66
CA GLU B 52 -22.22 -53.89 -0.41
C GLU B 52 -23.09 -53.17 0.60
N ASP B 53 -23.29 -51.87 0.37
CA ASP B 53 -24.08 -51.02 1.23
C ASP B 53 -25.57 -51.20 1.05
N LYS B 54 -26.11 -50.90 -0.12
CA LYS B 54 -27.58 -51.08 -0.29
C LYS B 54 -28.02 -52.53 -0.45
N TYR B 55 -27.12 -53.43 -0.79
CA TYR B 55 -27.40 -54.85 -0.79
C TYR B 55 -26.37 -55.53 0.09
N GLY B 56 -26.83 -56.41 0.95
CA GLY B 56 -25.91 -57.16 1.77
C GLY B 56 -25.27 -58.25 0.97
N VAL B 57 -24.26 -57.88 0.19
CA VAL B 57 -23.58 -58.81 -0.69
C VAL B 57 -22.09 -58.55 -0.60
N LYS B 58 -21.44 -59.33 0.23
CA LYS B 58 -20.03 -59.10 0.47
C LYS B 58 -19.31 -59.65 -0.73
N ILE B 59 -18.95 -58.75 -1.63
CA ILE B 59 -18.34 -59.16 -2.88
C ILE B 59 -16.88 -59.44 -2.56
N PRO B 60 -16.39 -60.64 -2.87
CA PRO B 60 -14.97 -60.91 -2.73
C PRO B 60 -14.18 -59.96 -3.62
N ASP B 61 -12.98 -59.60 -3.17
CA ASP B 61 -12.13 -58.75 -3.97
C ASP B 61 -11.73 -59.39 -5.29
N GLU B 62 -11.78 -60.71 -5.36
CA GLU B 62 -11.36 -61.40 -6.56
C GLU B 62 -12.54 -61.68 -7.48
N ASP B 63 -13.72 -61.89 -6.90
CA ASP B 63 -14.91 -62.07 -7.74
C ASP B 63 -15.37 -60.77 -8.34
N LEU B 64 -15.04 -59.67 -7.68
CA LEU B 64 -15.36 -58.35 -8.22
C LEU B 64 -14.60 -58.11 -9.52
N ALA B 65 -13.31 -58.36 -9.50
CA ALA B 65 -12.49 -58.19 -10.69
C ALA B 65 -12.71 -59.29 -11.69
N GLY B 66 -13.12 -60.48 -11.24
CA GLY B 66 -13.28 -61.62 -12.12
C GLY B 66 -14.43 -61.37 -13.08
N LEU B 67 -15.62 -61.11 -12.55
CA LEU B 67 -16.74 -60.81 -13.42
C LEU B 67 -16.50 -59.41 -13.95
N ARG B 68 -16.36 -59.28 -15.28
CA ARG B 68 -15.80 -58.08 -15.90
C ARG B 68 -16.79 -57.00 -16.33
N THR B 69 -17.98 -57.33 -16.82
CA THR B 69 -18.80 -56.26 -17.39
C THR B 69 -19.71 -55.68 -16.33
N VAL B 70 -20.64 -54.82 -16.71
CA VAL B 70 -21.63 -54.38 -15.74
C VAL B 70 -22.85 -55.32 -15.72
N GLY B 71 -22.71 -56.50 -16.28
CA GLY B 71 -23.73 -57.51 -16.12
C GLY B 71 -23.37 -58.30 -14.90
N ASP B 72 -22.09 -58.20 -14.55
CA ASP B 72 -21.56 -58.65 -13.29
C ASP B 72 -22.38 -58.19 -12.10
N VAL B 73 -22.62 -56.87 -12.00
CA VAL B 73 -23.29 -56.35 -10.82
C VAL B 73 -24.72 -56.77 -10.81
N VAL B 74 -25.35 -56.94 -11.97
CA VAL B 74 -26.75 -57.30 -11.96
C VAL B 74 -26.85 -58.76 -11.60
N ALA B 75 -26.22 -59.63 -12.39
CA ALA B 75 -26.25 -61.06 -12.14
C ALA B 75 -25.75 -61.45 -10.74
N TYR B 76 -25.04 -60.58 -10.03
CA TYR B 76 -24.57 -60.90 -8.69
C TYR B 76 -25.45 -60.36 -7.56
N ILE B 77 -26.03 -59.17 -7.70
CA ILE B 77 -26.99 -58.67 -6.69
C ILE B 77 -28.27 -59.48 -6.64
N GLN B 78 -28.58 -60.20 -7.71
CA GLN B 78 -29.70 -61.14 -7.81
C GLN B 78 -29.27 -62.55 -7.41
N LYS B 79 -28.25 -62.62 -6.55
CA LYS B 79 -27.66 -63.82 -5.98
C LYS B 79 -27.43 -63.43 -4.53
N LEU B 80 -28.53 -63.54 -3.80
CA LEU B 80 -28.72 -63.19 -2.42
C LEU B 80 -28.33 -64.34 -1.51
N VAL C 23 -49.19 5.60 -39.65
CA VAL C 23 -48.91 6.99 -39.36
C VAL C 23 -48.54 7.73 -40.64
N ARG C 24 -47.27 7.61 -41.03
CA ARG C 24 -46.69 8.23 -42.23
C ARG C 24 -46.65 9.75 -42.16
N ILE C 25 -46.70 10.30 -40.95
CA ILE C 25 -46.69 11.75 -40.76
C ILE C 25 -45.77 12.04 -39.58
N ALA C 26 -45.42 11.00 -38.84
CA ALA C 26 -44.53 11.10 -37.70
C ALA C 26 -43.21 10.40 -37.95
N ARG C 27 -43.20 9.40 -38.84
CA ARG C 27 -41.96 8.70 -39.18
C ARG C 27 -40.97 9.62 -39.87
N TRP C 28 -41.44 10.45 -40.79
CA TRP C 28 -40.53 11.28 -41.57
C TRP C 28 -39.96 12.41 -40.74
N VAL C 29 -40.78 13.01 -39.86
CA VAL C 29 -40.23 14.01 -38.96
C VAL C 29 -39.32 13.36 -37.92
N ALA C 30 -39.61 12.11 -37.50
CA ALA C 30 -38.74 11.43 -36.55
C ALA C 30 -37.38 11.14 -37.16
N THR C 31 -37.32 10.85 -38.45
CA THR C 31 -36.01 10.51 -38.99
C THR C 31 -35.24 11.77 -39.38
N ILE C 32 -35.92 12.80 -39.90
CA ILE C 32 -35.19 14.02 -40.26
C ILE C 32 -34.73 14.73 -38.99
N ALA C 33 -35.54 14.74 -37.93
CA ALA C 33 -35.08 15.38 -36.70
C ALA C 33 -34.06 14.52 -35.96
N GLY C 34 -34.13 13.20 -36.12
CA GLY C 34 -33.14 12.29 -35.56
C GLY C 34 -31.77 12.54 -36.14
N LEU C 35 -31.66 12.43 -37.46
CA LEU C 35 -30.36 12.67 -38.08
C LEU C 35 -29.93 14.12 -38.03
N LEU C 36 -30.88 15.07 -37.98
CA LEU C 36 -30.52 16.47 -37.79
C LEU C 36 -29.89 16.71 -36.42
N GLY C 37 -30.52 16.17 -35.37
CA GLY C 37 -29.94 16.26 -34.04
C GLY C 37 -28.61 15.56 -33.94
N PHE C 38 -28.44 14.46 -34.67
CA PHE C 38 -27.16 13.76 -34.69
C PHE C 38 -26.06 14.60 -35.31
N VAL C 39 -26.30 15.05 -36.54
CA VAL C 39 -25.32 15.85 -37.27
C VAL C 39 -24.97 17.13 -36.53
N LEU C 40 -25.98 17.76 -35.94
CA LEU C 40 -25.76 19.01 -35.20
C LEU C 40 -24.99 18.77 -33.92
N SER C 41 -25.34 17.72 -33.16
CA SER C 41 -24.68 17.48 -31.88
C SER C 41 -23.24 17.00 -32.05
N VAL C 42 -22.96 16.21 -33.07
CA VAL C 42 -21.58 15.80 -33.29
C VAL C 42 -20.74 16.97 -33.81
N SER C 43 -21.35 17.90 -34.53
CA SER C 43 -20.61 19.07 -34.99
C SER C 43 -20.39 20.13 -33.93
N ILE C 44 -20.97 19.99 -32.74
CA ILE C 44 -20.91 21.04 -31.72
C ILE C 44 -19.50 21.24 -31.13
N PRO C 45 -18.64 20.23 -30.95
CA PRO C 45 -17.27 20.55 -30.52
C PRO C 45 -16.45 21.33 -31.53
N LEU C 46 -16.61 21.06 -32.82
CA LEU C 46 -15.88 21.78 -33.85
C LEU C 46 -16.75 22.89 -34.46
N LEU C 47 -16.98 23.91 -33.65
CA LEU C 47 -17.60 25.16 -34.07
C LEU C 47 -16.78 26.33 -33.54
N PRO C 48 -16.92 27.53 -34.12
CA PRO C 48 -16.13 28.66 -33.65
C PRO C 48 -16.55 29.17 -32.27
N VAL C 49 -15.58 29.74 -31.55
CA VAL C 49 -15.79 30.32 -30.22
C VAL C 49 -15.05 31.66 -30.14
N THR C 50 -15.66 32.64 -29.50
CA THR C 50 -15.06 33.96 -29.34
C THR C 50 -14.14 33.96 -28.14
N GLN C 51 -12.86 33.64 -28.37
CA GLN C 51 -11.88 33.63 -27.29
C GLN C 51 -11.53 35.05 -26.87
N THR C 52 -11.74 35.38 -25.60
CA THR C 52 -11.52 36.72 -25.07
C THR C 52 -10.12 36.82 -24.46
N THR C 53 -9.15 37.20 -25.29
CA THR C 53 -7.75 37.24 -24.92
C THR C 53 -7.42 38.47 -24.07
N ALA C 54 -6.22 38.44 -23.49
CA ALA C 54 -5.76 39.55 -22.67
C ALA C 54 -4.25 39.65 -22.83
N THR C 55 -3.73 40.86 -22.67
CA THR C 55 -2.30 41.12 -22.74
C THR C 55 -1.88 41.89 -21.51
N LEU C 56 -0.57 42.19 -21.43
CA LEU C 56 -0.01 42.95 -20.32
C LEU C 56 1.16 43.86 -20.76
N ASN C 57 0.84 45.12 -21.06
CA ASN C 57 1.85 46.10 -21.46
C ASN C 57 2.36 46.79 -20.21
N TRP C 58 3.70 46.81 -20.03
CA TRP C 58 4.23 47.11 -18.70
C TRP C 58 4.09 48.57 -18.27
N PRO C 59 4.67 49.60 -18.99
CA PRO C 59 4.34 50.98 -18.58
C PRO C 59 2.88 51.33 -18.82
N GLN C 60 2.12 51.49 -17.73
CA GLN C 60 0.67 51.62 -17.88
C GLN C 60 0.27 53.03 -18.31
N GLN C 61 0.59 54.02 -17.48
CA GLN C 61 0.28 55.41 -17.78
C GLN C 61 1.53 56.27 -17.69
N GLY C 62 2.66 55.71 -18.14
CA GLY C 62 3.94 56.36 -18.02
C GLY C 62 4.73 55.94 -16.80
N ARG C 63 4.04 55.55 -15.73
CA ARG C 63 4.71 55.30 -14.46
C ARG C 63 5.49 53.99 -14.51
N LEU C 64 6.48 53.87 -13.62
CA LEU C 64 7.28 52.66 -13.52
C LEU C 64 7.10 51.97 -12.19
N ASP C 65 5.86 51.80 -11.76
CA ASP C 65 5.62 51.01 -10.56
C ASP C 65 5.48 49.55 -10.96
N ASN C 66 5.75 48.68 -9.99
CA ASN C 66 5.63 47.26 -10.25
C ASN C 66 4.17 46.85 -10.37
N VAL C 67 3.92 45.84 -11.19
CA VAL C 67 2.57 45.37 -11.46
C VAL C 67 2.57 43.86 -11.39
N THR C 68 1.60 43.31 -10.67
CA THR C 68 1.50 41.87 -10.44
C THR C 68 0.32 41.34 -11.23
N ALA C 69 0.58 40.33 -12.02
CA ALA C 69 -0.47 39.62 -12.75
C ALA C 69 -0.15 38.14 -12.75
N PRO C 70 -0.35 37.46 -11.61
CA PRO C 70 -0.04 36.03 -11.53
C PRO C 70 -0.90 35.18 -12.44
N LEU C 71 -0.27 34.66 -13.49
CA LEU C 71 -0.96 33.78 -14.43
C LEU C 71 -1.32 32.48 -13.74
N ILE C 72 -2.59 32.10 -13.84
CA ILE C 72 -3.04 30.83 -13.25
C ILE C 72 -2.40 29.64 -13.97
N SER C 73 -2.18 29.74 -15.27
CA SER C 73 -1.55 28.68 -16.03
C SER C 73 -0.03 28.83 -16.11
N GLN C 74 0.53 29.85 -15.46
CA GLN C 74 1.95 30.20 -15.33
C GLN C 74 2.78 30.01 -16.61
N ALA C 75 2.21 30.41 -17.74
CA ALA C 75 2.87 30.16 -19.01
C ALA C 75 2.33 31.09 -20.09
N PRO C 76 2.97 32.22 -20.32
CA PRO C 76 2.53 33.09 -21.41
C PRO C 76 2.87 32.52 -22.77
N LEU C 77 2.12 32.96 -23.78
CA LEU C 77 2.38 32.51 -25.14
C LEU C 77 3.64 33.16 -25.72
N GLU C 78 3.81 34.46 -25.49
CA GLU C 78 5.02 35.14 -25.93
C GLU C 78 5.36 36.25 -24.94
N LEU C 79 6.58 36.76 -25.05
CA LEU C 79 7.05 37.85 -24.21
C LEU C 79 7.21 39.16 -24.97
N THR C 80 8.07 39.17 -26.01
CA THR C 80 8.40 40.30 -26.90
C THR C 80 8.81 41.55 -26.11
N ALA C 81 9.65 41.33 -25.10
CA ALA C 81 10.11 42.41 -24.24
C ALA C 81 11.24 43.16 -24.93
N THR C 82 11.17 44.47 -24.92
CA THR C 82 12.21 45.28 -25.55
C THR C 82 12.80 46.27 -24.55
N VAL C 83 14.12 46.40 -24.55
CA VAL C 83 14.80 47.25 -23.59
C VAL C 83 15.88 48.05 -24.31
N PRO C 84 15.89 49.37 -24.13
CA PRO C 84 16.94 50.20 -24.72
C PRO C 84 18.20 50.16 -23.86
N CYS C 85 19.23 50.81 -24.37
CA CYS C 85 20.52 50.87 -23.70
C CYS C 85 20.60 52.00 -22.68
N SER C 86 19.55 52.82 -22.57
CA SER C 86 19.62 53.98 -21.70
C SER C 86 19.51 53.64 -20.22
N VAL C 87 18.88 52.52 -19.86
CA VAL C 87 18.69 52.21 -18.44
C VAL C 87 19.68 51.21 -17.89
N VAL C 88 20.48 50.58 -18.75
CA VAL C 88 21.52 49.72 -18.21
C VAL C 88 22.71 50.57 -17.74
N ARG C 89 22.92 51.73 -18.35
CA ARG C 89 23.96 52.65 -17.89
C ARG C 89 23.45 53.62 -16.83
N ASP C 90 22.14 53.76 -16.68
CA ASP C 90 21.53 54.65 -15.69
C ASP C 90 21.25 53.96 -14.36
N LEU C 91 21.35 52.64 -14.31
CA LEU C 91 21.21 51.93 -13.05
C LEU C 91 22.41 52.20 -12.14
N PRO C 92 22.27 51.96 -10.84
CA PRO C 92 23.41 52.11 -9.90
C PRO C 92 24.54 51.14 -10.21
N PRO C 93 25.68 51.31 -9.54
CA PRO C 93 26.78 50.34 -9.65
C PRO C 93 26.37 48.92 -9.27
N GLU C 94 25.55 48.76 -8.24
CA GLU C 94 24.90 47.45 -8.05
C GLU C 94 23.77 47.24 -9.06
N GLY C 95 22.64 47.98 -8.89
CA GLY C 95 21.56 48.19 -9.87
C GLY C 95 21.13 46.94 -10.60
N GLY C 96 20.78 45.90 -9.84
CA GLY C 96 20.45 44.63 -10.47
C GLY C 96 19.16 44.47 -11.25
N LEU C 97 18.05 45.04 -10.82
CA LEU C 97 16.83 44.65 -11.56
C LEU C 97 16.19 45.70 -12.47
N VAL C 98 16.67 45.76 -13.71
CA VAL C 98 16.07 46.64 -14.70
C VAL C 98 14.64 46.22 -15.02
N PHE C 99 14.36 44.91 -15.11
CA PHE C 99 13.07 44.31 -14.83
C PHE C 99 13.28 42.83 -14.54
N GLY C 100 12.17 42.14 -14.28
CA GLY C 100 12.17 40.70 -14.16
C GLY C 100 10.74 40.27 -13.92
N THR C 101 10.47 39.00 -14.19
CA THR C 101 9.14 38.45 -13.99
C THR C 101 9.07 37.51 -12.79
N ALA C 102 10.06 37.56 -11.92
CA ALA C 102 9.95 37.02 -10.57
C ALA C 102 10.26 38.12 -9.58
N PRO C 103 9.92 37.93 -8.30
CA PRO C 103 10.30 38.90 -7.27
C PRO C 103 11.80 39.11 -7.16
N ALA C 104 12.17 40.14 -6.42
CA ALA C 104 13.57 40.37 -6.09
C ALA C 104 14.13 39.21 -5.27
N GLU C 105 13.34 38.70 -4.33
CA GLU C 105 13.68 37.50 -3.58
C GLU C 105 12.46 36.58 -3.48
N GLY C 106 12.46 35.52 -4.28
CA GLY C 106 11.41 34.52 -4.22
C GLY C 106 12.00 33.13 -4.11
N ARG C 107 11.17 32.21 -3.62
CA ARG C 107 11.57 30.80 -3.53
C ARG C 107 11.65 30.21 -4.92
N ASP C 108 12.88 29.92 -5.35
CA ASP C 108 13.18 29.38 -6.68
C ASP C 108 12.73 30.36 -7.77
N ALA C 109 13.13 31.61 -7.59
CA ALA C 109 12.76 32.67 -8.53
C ALA C 109 13.51 32.50 -9.85
N ALA C 110 14.82 32.26 -9.77
CA ALA C 110 15.59 31.99 -10.97
C ALA C 110 15.20 30.65 -11.59
N LEU C 111 14.73 29.73 -10.78
CA LEU C 111 14.34 28.40 -11.24
C LEU C 111 13.06 28.35 -12.07
N ASN C 112 12.22 29.38 -11.96
CA ASN C 112 10.98 29.36 -12.73
C ASN C 112 10.78 30.51 -13.70
N ALA C 113 11.12 31.74 -13.33
CA ALA C 113 10.71 32.89 -14.13
C ALA C 113 11.89 33.61 -14.76
N MET C 114 11.57 34.51 -15.69
CA MET C 114 12.55 35.26 -16.45
C MET C 114 12.93 36.51 -15.67
N LEU C 115 13.96 36.39 -14.85
CA LEU C 115 14.60 37.56 -14.28
C LEU C 115 15.79 37.91 -15.16
N VAL C 116 15.99 39.20 -15.39
CA VAL C 116 17.02 39.71 -16.28
C VAL C 116 17.74 40.81 -15.50
N ASN C 117 18.86 40.45 -14.88
CA ASN C 117 19.61 41.39 -14.08
C ASN C 117 20.98 41.69 -14.65
N VAL C 118 21.62 42.71 -14.14
CA VAL C 118 23.01 42.98 -14.50
C VAL C 118 23.89 42.72 -13.28
N THR C 119 25.09 42.23 -13.54
CA THR C 119 26.09 41.95 -12.53
C THR C 119 27.34 42.70 -12.96
N GLU C 120 28.39 42.60 -12.13
CA GLU C 120 29.59 43.44 -12.26
C GLU C 120 30.24 43.31 -13.64
N THR C 121 30.38 42.09 -14.16
CA THR C 121 31.00 41.89 -15.46
C THR C 121 30.09 41.24 -16.50
N ARG C 122 28.79 41.06 -16.22
CA ARG C 122 27.94 40.35 -17.16
C ARG C 122 26.49 40.79 -17.02
N VAL C 123 25.71 40.55 -18.07
CA VAL C 123 24.26 40.62 -17.96
C VAL C 123 23.72 39.20 -18.13
N ASP C 124 22.58 38.90 -17.49
CA ASP C 124 22.00 37.56 -17.51
C ASP C 124 20.62 37.71 -18.14
N VAL C 125 20.21 36.73 -18.94
CA VAL C 125 18.84 36.75 -19.45
C VAL C 125 18.33 35.37 -19.10
N ILE C 126 18.93 34.81 -18.05
CA ILE C 126 18.68 33.52 -17.41
C ILE C 126 17.20 33.18 -17.26
N VAL C 127 16.84 31.97 -17.68
CA VAL C 127 15.48 31.45 -17.62
C VAL C 127 15.59 29.99 -17.21
N ARG C 128 14.83 29.60 -16.18
CA ARG C 128 14.66 28.21 -15.75
C ARG C 128 15.99 27.52 -15.41
N ASN C 129 16.95 28.30 -14.90
CA ASN C 129 18.35 27.91 -14.73
C ASN C 129 19.01 27.44 -16.02
N VAL C 130 18.68 28.09 -17.13
CA VAL C 130 19.31 27.86 -18.43
C VAL C 130 19.83 29.20 -18.89
N VAL C 131 21.15 29.32 -19.06
CA VAL C 131 21.81 30.59 -19.28
C VAL C 131 21.63 31.04 -20.73
N VAL C 132 21.38 32.33 -20.91
CA VAL C 132 21.13 32.95 -22.21
C VAL C 132 22.23 34.03 -22.30
N ALA C 133 22.04 35.08 -23.12
CA ALA C 133 23.02 36.10 -23.46
C ALA C 133 23.78 36.75 -22.31
N SER C 134 25.05 36.39 -22.21
CA SER C 134 25.94 36.82 -21.13
C SER C 134 26.99 37.78 -21.69
N VAL C 135 26.55 38.94 -22.14
CA VAL C 135 27.50 39.93 -22.65
C VAL C 135 28.07 40.74 -21.50
N ASN C 136 29.20 41.38 -21.74
CA ASN C 136 29.93 42.13 -20.72
C ASN C 136 29.18 43.40 -20.31
N ARG C 137 29.54 43.89 -19.12
CA ARG C 137 28.93 45.11 -18.60
C ARG C 137 29.47 46.34 -19.32
N ASP C 138 30.80 46.47 -19.41
CA ASP C 138 31.38 47.60 -20.12
C ASP C 138 31.06 47.58 -21.62
N ARG C 139 30.62 46.43 -22.10
CA ARG C 139 30.20 46.30 -23.49
C ARG C 139 28.83 46.98 -23.58
N VAL C 140 27.99 46.71 -22.58
CA VAL C 140 26.66 47.31 -22.49
C VAL C 140 26.70 48.46 -21.50
N CYS C 145 23.56 50.52 -28.35
CA CYS C 145 23.36 49.08 -28.51
C CYS C 145 22.02 48.72 -29.15
N GLN C 146 21.44 49.65 -29.91
CA GLN C 146 20.35 49.43 -30.86
C GLN C 146 19.05 48.87 -30.25
N ARG C 147 18.70 49.30 -29.03
CA ARG C 147 17.48 48.85 -28.31
C ARG C 147 17.28 47.32 -28.31
N ILE C 148 18.12 46.61 -27.55
CA ILE C 148 18.11 45.13 -27.46
C ILE C 148 16.75 44.53 -27.11
N GLU C 149 16.21 43.74 -28.04
CA GLU C 149 14.93 43.06 -27.92
C GLU C 149 15.06 41.59 -27.55
N ILE C 150 14.28 41.16 -26.56
CA ILE C 150 14.24 39.81 -26.03
C ILE C 150 12.89 39.21 -26.44
N THR C 151 12.92 37.95 -26.86
CA THR C 151 11.70 37.22 -27.18
C THR C 151 11.69 35.86 -26.50
N SER C 152 10.48 35.33 -26.35
CA SER C 152 10.26 34.00 -25.79
C SER C 152 8.94 33.41 -26.29
N ASN C 153 8.95 32.97 -27.54
CA ASN C 153 7.77 32.45 -28.22
C ASN C 153 7.65 30.95 -27.95
N LEU C 154 6.82 30.28 -28.76
CA LEU C 154 6.75 28.82 -28.73
C LEU C 154 8.07 28.23 -29.21
N ASP C 155 8.56 28.72 -30.34
CA ASP C 155 9.87 28.38 -30.89
C ASP C 155 10.58 29.72 -30.83
N GLY C 156 10.99 30.09 -29.62
CA GLY C 156 11.66 31.34 -29.34
C GLY C 156 12.81 31.16 -28.38
N THR C 157 12.89 32.09 -27.42
CA THR C 157 13.88 32.27 -26.34
C THR C 157 15.18 32.83 -26.87
N TYR C 158 15.23 33.22 -28.15
CA TYR C 158 16.42 33.79 -28.77
C TYR C 158 16.58 35.23 -28.32
N ALA C 159 17.06 35.40 -27.09
CA ALA C 159 17.26 36.75 -26.58
C ALA C 159 18.46 37.38 -27.27
N ASP C 160 18.22 38.07 -28.37
CA ASP C 160 19.27 38.52 -29.25
C ASP C 160 19.60 39.98 -29.01
N PHE C 161 20.85 40.35 -29.25
CA PHE C 161 21.26 41.75 -29.19
C PHE C 161 21.44 42.19 -30.63
N VAL C 162 20.47 42.95 -31.13
CA VAL C 162 20.47 43.47 -32.49
C VAL C 162 21.67 44.37 -32.74
N GLY C 163 22.42 44.08 -33.80
CA GLY C 163 23.50 44.97 -34.20
C GLY C 163 24.75 44.91 -33.35
N LEU C 164 24.94 43.85 -32.57
CA LEU C 164 26.12 43.72 -31.73
C LEU C 164 26.88 42.46 -32.10
N THR C 165 28.21 42.59 -32.13
CA THR C 165 29.13 41.49 -32.42
C THR C 165 29.72 40.93 -31.14
N GLN C 166 29.79 39.60 -31.08
CA GLN C 166 30.43 38.91 -29.99
C GLN C 166 31.95 39.10 -30.03
N ILE C 167 32.56 39.12 -28.85
CA ILE C 167 33.98 39.38 -28.72
C ILE C 167 34.81 38.10 -28.63
N SER C 168 34.31 37.07 -27.94
CA SER C 168 34.94 35.74 -27.95
C SER C 168 33.94 34.77 -28.54
N GLY C 169 34.44 33.79 -29.30
CA GLY C 169 33.57 32.80 -29.92
C GLY C 169 33.64 32.90 -31.42
N GLU C 170 32.56 32.49 -32.07
CA GLU C 170 32.46 32.54 -33.51
C GLU C 170 31.58 33.74 -33.79
N ASP C 171 31.64 34.28 -35.00
CA ASP C 171 30.77 35.43 -35.25
C ASP C 171 29.37 35.09 -35.74
N ALA C 172 29.20 33.98 -36.50
CA ALA C 172 27.89 33.52 -36.99
C ALA C 172 27.09 34.63 -37.67
N GLY C 173 27.81 35.50 -38.39
CA GLY C 173 27.25 36.68 -39.02
C GLY C 173 27.23 37.92 -38.14
N LYS C 174 27.72 37.83 -36.90
CA LYS C 174 27.84 38.95 -35.94
C LYS C 174 26.48 39.56 -35.59
N LEU C 175 25.52 38.71 -35.24
CA LEU C 175 24.20 39.21 -34.89
C LEU C 175 23.74 38.86 -33.48
N GLN C 176 24.52 38.07 -32.71
CA GLN C 176 24.24 37.73 -31.31
C GLN C 176 22.88 37.05 -31.14
N ARG C 177 22.50 36.21 -32.09
CA ARG C 177 21.28 35.42 -31.94
C ARG C 177 21.58 34.20 -31.08
N THR C 178 21.21 34.28 -29.80
CA THR C 178 21.58 33.28 -28.81
C THR C 178 20.33 32.83 -28.06
N GLY C 179 20.18 31.52 -27.92
CA GLY C 179 19.05 30.99 -27.17
C GLY C 179 18.90 29.51 -27.41
N TYR C 180 17.74 28.98 -27.04
CA TYR C 180 17.46 27.56 -27.20
C TYR C 180 16.08 27.40 -27.82
N PRO C 181 15.94 26.69 -28.93
CA PRO C 181 14.61 26.48 -29.51
C PRO C 181 13.81 25.48 -28.67
N ASP C 182 12.95 25.99 -27.80
CA ASP C 182 12.27 25.12 -26.85
C ASP C 182 11.05 25.81 -26.24
N PRO C 183 9.87 25.18 -26.33
CA PRO C 183 8.74 25.65 -25.53
C PRO C 183 8.80 25.21 -24.08
N ASN C 184 9.60 24.17 -23.79
CA ASN C 184 9.73 23.64 -22.43
C ASN C 184 10.28 24.69 -21.48
N LEU C 185 11.28 25.44 -21.93
CA LEU C 185 11.90 26.48 -21.11
C LEU C 185 11.28 27.87 -21.29
N ARG C 186 10.09 28.07 -20.73
CA ARG C 186 9.41 29.36 -20.80
C ARG C 186 9.31 29.90 -19.37
N PRO C 187 9.15 31.22 -19.22
CA PRO C 187 8.99 31.77 -17.87
C PRO C 187 7.59 31.56 -17.32
N ALA C 188 7.51 31.62 -15.99
CA ALA C 188 6.22 31.61 -15.30
C ALA C 188 5.97 33.04 -14.83
N ILE C 189 5.15 33.76 -15.57
CA ILE C 189 4.90 35.18 -15.29
C ILE C 189 3.99 35.29 -14.08
N VAL C 190 4.52 35.81 -12.97
CA VAL C 190 3.69 36.22 -11.85
C VAL C 190 3.44 37.72 -11.85
N GLY C 191 3.99 38.44 -12.80
CA GLY C 191 3.95 39.89 -12.88
C GLY C 191 5.22 40.38 -13.55
N VAL C 192 5.59 41.62 -13.24
CA VAL C 192 6.88 42.14 -13.70
C VAL C 192 7.37 43.13 -12.66
N PHE C 193 8.60 42.94 -12.18
CA PHE C 193 9.14 43.72 -11.07
C PHE C 193 10.47 44.36 -11.46
N THR C 194 10.66 45.61 -11.03
CA THR C 194 11.88 46.36 -11.29
C THR C 194 12.27 47.14 -10.04
N ASP C 195 13.40 47.85 -10.11
CA ASP C 195 13.81 48.76 -9.06
C ASP C 195 13.87 50.21 -9.51
N LEU C 196 14.14 50.45 -10.79
CA LEU C 196 14.12 51.80 -11.35
C LEU C 196 12.71 52.40 -11.28
N THR C 197 12.66 53.70 -11.03
CA THR C 197 11.41 54.42 -10.81
C THR C 197 11.41 55.69 -11.64
N GLY C 198 10.23 56.09 -12.11
CA GLY C 198 10.10 57.29 -12.90
C GLY C 198 9.95 57.00 -14.38
N PRO C 199 9.51 58.06 -15.16
CA PRO C 199 9.05 57.93 -16.56
C PRO C 199 9.80 56.99 -17.50
N ALA C 200 9.05 56.29 -18.34
CA ALA C 200 9.61 55.23 -19.17
C ALA C 200 10.52 55.79 -20.26
N PRO C 201 11.71 55.22 -20.43
CA PRO C 201 12.51 55.52 -21.62
C PRO C 201 11.85 54.93 -22.85
N GLN C 202 11.95 55.65 -23.96
CA GLN C 202 11.32 55.22 -25.20
C GLN C 202 12.03 53.96 -25.69
N GLY C 203 11.29 52.85 -25.77
CA GLY C 203 11.84 51.54 -26.02
C GLY C 203 11.54 50.53 -24.94
N LEU C 204 11.40 51.00 -23.69
CA LEU C 204 11.06 50.10 -22.59
C LEU C 204 9.58 49.73 -22.66
N SER C 205 9.28 48.48 -23.06
CA SER C 205 7.89 48.03 -23.13
C SER C 205 7.84 46.51 -23.11
N VAL C 206 7.57 45.93 -21.95
CA VAL C 206 7.31 44.50 -21.83
C VAL C 206 5.82 44.29 -22.08
N SER C 207 5.48 43.61 -23.18
CA SER C 207 4.10 43.42 -23.59
C SER C 207 3.86 41.92 -23.80
N ALA C 208 3.61 41.21 -22.72
CA ALA C 208 3.44 39.77 -22.83
C ALA C 208 1.99 39.39 -23.13
N GLU C 209 1.84 38.31 -23.92
CA GLU C 209 0.57 37.67 -24.21
C GLU C 209 0.32 36.56 -23.20
N ILE C 210 -0.71 36.72 -22.36
CA ILE C 210 -1.02 35.70 -21.37
C ILE C 210 -1.78 34.54 -22.02
N ASP C 211 -1.78 33.41 -21.31
CA ASP C 211 -2.48 32.20 -21.74
C ASP C 211 -3.98 32.36 -21.55
N THR C 212 -4.73 32.30 -22.65
CA THR C 212 -6.17 32.54 -22.62
C THR C 212 -6.92 31.51 -23.45
N ARG C 213 -6.62 30.22 -23.23
CA ARG C 213 -7.16 29.18 -24.11
C ARG C 213 -8.62 28.89 -23.79
N PHE C 214 -8.94 28.73 -22.52
CA PHE C 214 -10.21 28.16 -22.10
C PHE C 214 -11.28 29.20 -21.82
N THR C 215 -10.91 30.39 -21.37
CA THR C 215 -11.87 31.46 -21.09
C THR C 215 -12.50 31.95 -22.40
N THR C 216 -13.51 31.21 -22.85
CA THR C 216 -14.18 31.50 -24.11
C THR C 216 -15.68 31.44 -23.91
N HIS C 217 -16.41 32.03 -24.85
CA HIS C 217 -17.84 31.82 -24.93
C HIS C 217 -18.23 31.60 -26.39
N PRO C 218 -19.25 30.80 -26.65
CA PRO C 218 -19.57 30.44 -28.03
C PRO C 218 -20.21 31.58 -28.80
N THR C 219 -19.88 31.63 -30.10
CA THR C 219 -20.44 32.63 -30.99
C THR C 219 -21.90 32.31 -31.30
N ALA C 220 -22.52 33.18 -32.11
CA ALA C 220 -23.93 33.06 -32.45
C ALA C 220 -24.26 31.76 -33.19
N LEU C 221 -23.37 31.35 -34.10
CA LEU C 221 -23.52 30.08 -34.81
C LEU C 221 -23.56 28.89 -33.85
N LYS C 222 -22.61 28.80 -32.94
CA LYS C 222 -22.55 27.65 -32.03
C LYS C 222 -23.71 27.64 -31.04
N LEU C 223 -24.19 28.80 -30.64
CA LEU C 223 -25.35 28.88 -29.76
C LEU C 223 -26.62 28.44 -30.49
N ALA C 224 -26.81 28.93 -31.73
CA ALA C 224 -27.97 28.54 -32.52
C ALA C 224 -27.92 27.05 -32.84
N ALA C 225 -26.73 26.50 -33.06
CA ALA C 225 -26.56 25.07 -33.27
C ALA C 225 -26.94 24.27 -32.03
N MET C 226 -26.61 24.79 -30.83
CA MET C 226 -26.97 24.08 -29.61
C MET C 226 -28.48 24.07 -29.39
N LEU C 227 -29.10 25.26 -29.50
CA LEU C 227 -30.55 25.37 -29.36
C LEU C 227 -31.27 24.52 -30.39
N LEU C 228 -30.73 24.42 -31.60
CA LEU C 228 -31.38 23.64 -32.64
C LEU C 228 -31.20 22.15 -32.41
N ALA C 229 -30.03 21.72 -31.93
CA ALA C 229 -29.83 20.31 -31.60
C ALA C 229 -30.71 19.87 -30.44
N ILE C 230 -30.91 20.74 -29.45
CA ILE C 230 -31.79 20.41 -28.33
C ILE C 230 -33.24 20.32 -28.80
N VAL C 231 -33.71 21.32 -29.55
CA VAL C 231 -35.12 21.30 -29.97
C VAL C 231 -35.34 20.19 -30.99
N SER C 232 -34.31 19.85 -31.78
CA SER C 232 -34.44 18.77 -32.74
C SER C 232 -34.50 17.41 -32.06
N THR C 233 -33.71 17.20 -30.99
CA THR C 233 -33.81 15.92 -30.31
C THR C 233 -35.11 15.80 -29.51
N VAL C 234 -35.63 16.89 -28.95
CA VAL C 234 -36.91 16.77 -28.25
C VAL C 234 -38.05 16.55 -29.24
N ILE C 235 -37.98 17.20 -30.41
CA ILE C 235 -38.90 16.91 -31.51
C ILE C 235 -38.81 15.45 -31.94
N ALA C 236 -37.59 14.91 -32.06
CA ALA C 236 -37.42 13.51 -32.45
C ALA C 236 -37.92 12.56 -31.37
N LEU C 237 -37.73 12.91 -30.11
CA LEU C 237 -38.23 12.07 -29.02
C LEU C 237 -39.75 12.06 -28.97
N LEU C 238 -40.39 13.23 -29.13
CA LEU C 238 -41.84 13.24 -29.12
C LEU C 238 -42.43 12.65 -30.40
N ALA C 239 -41.70 12.70 -31.50
CA ALA C 239 -42.12 11.99 -32.70
C ALA C 239 -42.03 10.49 -32.52
N LEU C 240 -40.98 10.03 -31.83
CA LEU C 240 -40.88 8.62 -31.48
C LEU C 240 -42.01 8.20 -30.54
N TRP C 241 -42.34 9.04 -29.57
CA TRP C 241 -43.47 8.76 -28.68
C TRP C 241 -44.80 8.70 -29.44
N ARG C 242 -44.99 9.58 -30.43
CA ARG C 242 -46.19 9.50 -31.27
C ARG C 242 -46.22 8.26 -32.13
N LEU C 243 -45.10 7.91 -32.76
CA LEU C 243 -45.04 6.73 -33.62
C LEU C 243 -45.13 5.43 -32.82
N ASP C 244 -44.66 5.45 -31.60
CA ASP C 244 -44.57 4.24 -30.81
C ASP C 244 -45.94 3.83 -30.28
N ARG C 245 -46.85 4.78 -30.12
CA ARG C 245 -48.20 4.50 -29.65
C ARG C 245 -49.06 3.93 -30.78
N LEU C 246 -48.68 2.74 -31.24
CA LEU C 246 -49.48 1.98 -32.19
C LEU C 246 -50.05 0.72 -31.58
N ASP C 247 -49.61 0.36 -30.38
CA ASP C 247 -50.23 -0.70 -29.59
C ASP C 247 -51.32 -0.17 -28.67
N GLY C 248 -51.63 1.12 -28.78
CA GLY C 248 -52.53 1.76 -27.84
C GLY C 248 -51.83 2.00 -26.52
N ARG C 249 -52.43 1.49 -25.44
CA ARG C 249 -51.84 1.61 -24.11
C ARG C 249 -51.58 3.06 -23.74
N ARG C 250 -52.65 3.81 -23.49
CA ARG C 250 -52.53 5.20 -23.10
C ARG C 250 -52.12 5.31 -21.64
N MET C 251 -51.47 6.42 -21.32
CA MET C 251 -51.03 6.66 -19.95
C MET C 251 -52.22 7.02 -19.07
N HIS C 252 -52.80 6.01 -18.42
CA HIS C 252 -53.94 6.20 -17.54
C HIS C 252 -53.56 5.81 -16.12
N ARG C 253 -54.25 6.43 -15.16
CA ARG C 253 -53.98 6.34 -13.72
C ARG C 253 -52.52 6.65 -13.40
N LEU C 254 -52.18 7.93 -13.46
CA LEU C 254 -50.81 8.39 -13.18
C LEU C 254 -50.48 8.16 -11.72
N ILE C 255 -49.19 7.94 -11.45
CA ILE C 255 -48.62 7.47 -10.19
C ILE C 255 -49.20 6.10 -9.85
N PRO C 256 -48.66 5.02 -10.49
CA PRO C 256 -49.20 3.65 -10.40
C PRO C 256 -49.60 3.11 -9.02
N THR C 257 -50.53 2.14 -9.02
CA THR C 257 -51.18 1.65 -7.80
C THR C 257 -50.21 1.12 -6.76
N ARG C 258 -49.05 0.61 -7.18
CA ARG C 258 -48.03 0.20 -6.20
C ARG C 258 -47.35 1.39 -5.52
N TRP C 259 -47.53 2.59 -6.00
CA TRP C 259 -47.11 3.79 -5.28
C TRP C 259 -48.24 4.23 -4.35
N ARG C 260 -47.93 5.23 -3.53
CA ARG C 260 -48.73 5.88 -2.48
C ARG C 260 -49.11 4.96 -1.32
N THR C 261 -48.48 3.79 -1.21
CA THR C 261 -48.76 2.85 -0.12
C THR C 261 -47.62 2.92 0.89
N VAL C 262 -47.43 4.10 1.49
CA VAL C 262 -46.25 4.34 2.31
C VAL C 262 -46.30 3.52 3.61
N THR C 263 -45.15 2.97 3.96
CA THR C 263 -44.97 2.04 5.06
C THR C 263 -43.82 2.52 5.93
N ALA C 264 -43.53 1.76 6.99
CA ALA C 264 -42.57 2.18 8.00
C ALA C 264 -41.15 2.30 7.46
N VAL C 265 -40.77 1.47 6.47
CA VAL C 265 -39.43 1.58 5.92
C VAL C 265 -39.26 2.90 5.17
N ASP C 266 -40.33 3.41 4.55
CA ASP C 266 -40.23 4.69 3.88
C ASP C 266 -40.01 5.82 4.88
N GLY C 267 -40.75 5.79 5.99
CA GLY C 267 -40.52 6.79 7.03
C GLY C 267 -39.16 6.70 7.67
N VAL C 268 -38.58 5.50 7.72
CA VAL C 268 -37.25 5.35 8.30
C VAL C 268 -36.18 5.87 7.35
N VAL C 269 -36.24 5.47 6.08
CA VAL C 269 -35.19 5.80 5.13
C VAL C 269 -35.47 7.20 4.53
N VAL C 270 -36.49 7.87 5.03
CA VAL C 270 -36.66 9.30 4.77
C VAL C 270 -36.22 10.14 5.97
N GLY C 271 -36.70 9.79 7.18
CA GLY C 271 -36.29 10.52 8.37
C GLY C 271 -34.82 10.38 8.69
N GLY C 272 -34.30 9.16 8.64
CA GLY C 272 -32.88 8.97 8.88
C GLY C 272 -32.01 9.55 7.79
N MET C 273 -32.50 9.58 6.56
CA MET C 273 -31.77 10.27 5.50
C MET C 273 -31.75 11.79 5.72
N ALA C 274 -32.85 12.35 6.22
CA ALA C 274 -32.85 13.79 6.55
C ALA C 274 -31.94 14.09 7.74
N ILE C 275 -31.90 13.18 8.72
CA ILE C 275 -31.08 13.40 9.90
C ILE C 275 -29.61 13.27 9.53
N TRP C 276 -29.28 12.33 8.64
CA TRP C 276 -27.92 12.26 8.12
C TRP C 276 -27.58 13.46 7.25
N TYR C 277 -28.55 13.97 6.48
CA TYR C 277 -28.30 15.19 5.71
C TYR C 277 -27.96 16.36 6.60
N VAL C 278 -28.59 16.46 7.77
CA VAL C 278 -28.24 17.54 8.69
C VAL C 278 -26.92 17.28 9.40
N ILE C 279 -26.86 16.24 10.25
CA ILE C 279 -25.71 16.06 11.13
C ILE C 279 -24.57 15.22 10.54
N GLY C 280 -24.80 14.52 9.45
CA GLY C 280 -23.86 13.52 8.96
C GLY C 280 -22.57 14.06 8.38
N ALA C 281 -21.71 13.12 8.01
CA ALA C 281 -20.39 13.41 7.50
C ALA C 281 -20.45 13.91 6.05
N ASN C 282 -19.41 14.63 5.68
CA ASN C 282 -19.19 15.09 4.32
C ASN C 282 -18.30 14.10 3.58
N SER C 283 -18.11 14.33 2.29
CA SER C 283 -17.20 13.49 1.53
C SER C 283 -15.78 14.02 1.67
N SER C 284 -14.83 13.30 1.08
CA SER C 284 -13.44 13.73 1.13
C SER C 284 -13.18 14.95 0.27
N ASP C 285 -13.71 14.97 -0.95
CA ASP C 285 -13.48 16.06 -1.90
C ASP C 285 -14.62 17.07 -1.91
N ASP C 286 -15.25 17.32 -0.77
CA ASP C 286 -16.35 18.28 -0.70
C ASP C 286 -15.88 19.70 -0.97
N GLY C 287 -14.77 20.10 -0.37
CA GLY C 287 -14.23 21.42 -0.61
C GLY C 287 -13.66 21.58 -2.00
N TYR C 288 -13.09 20.49 -2.54
CA TYR C 288 -12.55 20.49 -3.89
C TYR C 288 -13.61 20.84 -4.92
N ILE C 289 -14.82 20.34 -4.74
CA ILE C 289 -15.91 20.64 -5.67
C ILE C 289 -16.49 22.01 -5.39
N LEU C 290 -16.69 22.33 -4.10
CA LEU C 290 -17.31 23.60 -3.72
C LEU C 290 -16.50 24.80 -4.18
N GLN C 291 -15.18 24.78 -3.96
CA GLN C 291 -14.34 25.93 -4.27
C GLN C 291 -14.32 26.23 -5.76
N MET C 292 -14.18 25.20 -6.59
CA MET C 292 -14.17 25.43 -8.03
C MET C 292 -15.56 25.80 -8.53
N ALA C 293 -16.61 25.35 -7.84
CA ALA C 293 -17.94 25.79 -8.22
C ALA C 293 -18.15 27.27 -7.91
N ARG C 294 -17.61 27.73 -6.78
CA ARG C 294 -17.70 29.14 -6.44
C ARG C 294 -16.92 30.03 -7.41
N THR C 295 -15.69 29.64 -7.76
CA THR C 295 -14.92 30.50 -8.67
C THR C 295 -15.35 30.40 -10.12
N ALA C 296 -16.01 29.31 -10.51
CA ALA C 296 -16.33 29.08 -11.92
C ALA C 296 -17.31 30.09 -12.49
N GLU C 297 -18.17 30.68 -11.67
CA GLU C 297 -19.13 31.65 -12.21
C GLU C 297 -18.41 32.91 -12.68
N HIS C 298 -17.52 33.44 -11.86
CA HIS C 298 -16.79 34.64 -12.23
C HIS C 298 -15.74 34.36 -13.30
N ALA C 299 -15.03 33.22 -13.19
CA ALA C 299 -14.07 32.86 -14.23
C ALA C 299 -14.76 32.52 -15.54
N GLY C 300 -15.84 31.75 -15.48
CA GLY C 300 -16.62 31.45 -16.65
C GLY C 300 -16.12 30.34 -17.52
N TYR C 301 -15.37 29.37 -16.95
CA TYR C 301 -15.03 28.21 -17.78
C TYR C 301 -14.87 26.90 -16.99
N MET C 302 -15.38 26.81 -15.76
CA MET C 302 -15.28 25.65 -14.88
C MET C 302 -13.85 25.13 -14.76
N ALA C 303 -13.02 25.94 -14.10
CA ALA C 303 -11.63 25.57 -13.95
C ALA C 303 -11.44 24.52 -12.87
N ASN C 304 -10.63 23.51 -13.17
CA ASN C 304 -10.15 22.63 -12.11
C ASN C 304 -9.17 23.47 -11.33
N TYR C 305 -9.68 24.08 -10.27
CA TYR C 305 -9.05 25.21 -9.59
C TYR C 305 -7.64 24.89 -9.12
N PHE C 306 -7.48 23.81 -8.36
CA PHE C 306 -6.23 23.62 -7.63
C PHE C 306 -5.12 22.99 -8.47
N ARG C 307 -5.28 21.73 -8.87
CA ARG C 307 -4.17 20.93 -9.35
C ARG C 307 -3.59 21.41 -10.67
N TRP C 308 -4.30 21.24 -11.79
CA TRP C 308 -3.66 21.46 -13.07
C TRP C 308 -3.61 22.94 -13.42
N PHE C 309 -2.91 23.26 -14.51
CA PHE C 309 -2.61 24.64 -14.89
C PHE C 309 -3.85 25.39 -15.31
N GLY C 310 -4.74 25.68 -14.36
CA GLY C 310 -6.05 26.23 -14.62
C GLY C 310 -6.84 25.53 -15.71
N SER C 311 -6.64 24.22 -15.86
CA SER C 311 -7.26 23.53 -16.97
C SER C 311 -8.70 23.18 -16.60
N PRO C 312 -9.63 23.33 -17.53
CA PRO C 312 -11.03 23.02 -17.22
C PRO C 312 -11.29 21.53 -17.26
N GLU C 313 -11.86 20.98 -16.19
CA GLU C 313 -12.19 19.56 -16.23
C GLU C 313 -13.60 19.48 -16.81
N ASP C 314 -13.61 20.18 -17.95
CA ASP C 314 -14.77 20.45 -18.80
C ASP C 314 -14.91 19.42 -19.89
N PRO C 315 -14.09 18.35 -19.79
CA PRO C 315 -14.21 17.21 -20.70
C PRO C 315 -15.50 16.53 -20.26
N PHE C 316 -15.69 16.44 -18.95
CA PHE C 316 -16.90 15.90 -18.37
C PHE C 316 -17.52 16.77 -17.27
N GLY C 317 -17.18 18.06 -17.07
CA GLY C 317 -17.93 18.65 -15.98
C GLY C 317 -19.09 19.58 -16.27
N TRP C 318 -20.31 19.03 -16.33
CA TRP C 318 -21.49 19.85 -16.40
C TRP C 318 -22.24 19.94 -15.07
N TYR C 319 -22.15 18.92 -14.22
CA TYR C 319 -22.83 18.95 -12.92
C TYR C 319 -22.28 20.05 -12.03
N TYR C 320 -21.01 20.38 -12.23
CA TYR C 320 -20.44 21.48 -11.50
C TYR C 320 -21.02 22.80 -11.96
N ASN C 321 -21.49 22.88 -13.21
CA ASN C 321 -22.21 24.08 -13.63
C ASN C 321 -23.57 24.18 -12.95
N VAL C 322 -24.18 23.04 -12.60
CA VAL C 322 -25.39 23.07 -11.82
C VAL C 322 -25.11 23.59 -10.41
N LEU C 323 -24.01 23.12 -9.81
CA LEU C 323 -23.60 23.65 -8.51
C LEU C 323 -23.19 25.13 -8.60
N ALA C 324 -22.54 25.53 -9.69
CA ALA C 324 -22.18 26.92 -9.90
C ALA C 324 -23.40 27.83 -10.02
N LEU C 325 -24.44 27.36 -10.71
CA LEU C 325 -25.69 28.11 -10.75
C LEU C 325 -26.36 28.13 -9.38
N MET C 326 -26.25 27.02 -8.64
CA MET C 326 -26.79 26.95 -7.29
C MET C 326 -26.10 27.93 -6.36
N THR C 327 -24.80 28.13 -6.52
CA THR C 327 -24.02 29.03 -5.66
C THR C 327 -24.32 30.51 -5.86
N LYS C 328 -25.20 30.88 -6.79
CA LYS C 328 -25.66 32.27 -6.87
C LYS C 328 -26.37 32.66 -5.57
N VAL C 329 -27.12 31.73 -4.99
CA VAL C 329 -27.69 31.89 -3.67
C VAL C 329 -26.63 31.40 -2.69
N SER C 330 -26.75 31.83 -1.42
CA SER C 330 -25.85 31.51 -0.31
C SER C 330 -25.40 30.05 -0.29
N ASP C 331 -24.11 29.85 -0.01
CA ASP C 331 -23.45 28.56 -0.14
C ASP C 331 -23.19 27.89 1.20
N ALA C 332 -24.21 27.87 2.06
CA ALA C 332 -24.11 27.12 3.30
C ALA C 332 -24.14 25.63 3.00
N SER C 333 -23.47 24.86 3.85
CA SER C 333 -23.38 23.42 3.69
C SER C 333 -24.73 22.73 3.83
N ILE C 334 -25.65 23.32 4.60
CA ILE C 334 -27.01 22.81 4.69
C ILE C 334 -27.76 22.93 3.36
N TRP C 335 -27.40 23.91 2.53
CA TRP C 335 -28.18 24.17 1.33
C TRP C 335 -27.52 23.74 0.02
N ILE C 336 -26.21 23.89 -0.13
CA ILE C 336 -25.59 23.50 -1.39
C ILE C 336 -25.58 21.99 -1.59
N ARG C 337 -25.68 21.20 -0.52
CA ARG C 337 -25.78 19.76 -0.65
C ARG C 337 -27.20 19.27 -0.89
N LEU C 338 -28.12 20.17 -1.27
CA LEU C 338 -29.49 19.77 -1.54
C LEU C 338 -29.67 18.74 -2.67
N PRO C 339 -28.85 18.71 -3.74
CA PRO C 339 -28.94 17.56 -4.64
C PRO C 339 -28.64 16.23 -4.00
N ASP C 340 -27.75 16.17 -3.01
CA ASP C 340 -27.52 14.91 -2.32
C ASP C 340 -28.70 14.47 -1.46
N LEU C 341 -29.60 15.37 -1.08
CA LEU C 341 -30.83 14.97 -0.42
C LEU C 341 -31.89 14.58 -1.45
N ILE C 342 -32.04 15.39 -2.50
CA ILE C 342 -33.09 15.17 -3.49
C ILE C 342 -32.84 13.87 -4.27
N CYS C 343 -31.60 13.64 -4.69
CA CYS C 343 -31.30 12.38 -5.36
C CYS C 343 -31.34 11.19 -4.43
N ALA C 344 -31.20 11.38 -3.12
CA ALA C 344 -31.43 10.29 -2.18
C ALA C 344 -32.91 9.97 -2.07
N LEU C 345 -33.74 11.00 -2.04
CA LEU C 345 -35.18 10.78 -1.90
C LEU C 345 -35.76 10.14 -3.15
N ILE C 346 -35.43 10.67 -4.33
CA ILE C 346 -35.92 10.04 -5.55
C ILE C 346 -35.23 8.70 -5.81
N CYS C 347 -34.03 8.48 -5.28
CA CYS C 347 -33.42 7.15 -5.33
C CYS C 347 -34.22 6.13 -4.55
N TRP C 348 -34.55 6.47 -3.29
CA TRP C 348 -35.39 5.59 -2.48
C TRP C 348 -36.77 5.40 -3.12
N LEU C 349 -37.39 6.49 -3.54
CA LEU C 349 -38.74 6.42 -4.08
C LEU C 349 -38.80 5.68 -5.40
N LEU C 350 -37.70 5.62 -6.15
CA LEU C 350 -37.63 4.71 -7.29
C LEU C 350 -37.38 3.27 -6.86
N LEU C 351 -36.46 3.06 -5.92
CA LEU C 351 -36.07 1.73 -5.49
C LEU C 351 -37.21 0.95 -4.88
N SER C 352 -37.90 1.55 -3.91
CA SER C 352 -38.97 0.83 -3.22
C SER C 352 -40.19 0.63 -4.09
N ARG C 353 -40.55 1.65 -4.87
CA ARG C 353 -41.79 1.59 -5.64
C ARG C 353 -41.74 1.19 -7.11
N GLU C 354 -40.58 1.24 -7.74
CA GLU C 354 -40.55 0.89 -9.14
C GLU C 354 -39.50 -0.15 -9.49
N VAL C 355 -38.43 -0.27 -8.70
CA VAL C 355 -37.45 -1.32 -8.95
C VAL C 355 -37.89 -2.64 -8.34
N LEU C 356 -38.21 -2.64 -7.06
CA LEU C 356 -38.50 -3.88 -6.34
C LEU C 356 -39.80 -4.57 -6.77
N PRO C 357 -40.92 -3.89 -7.08
CA PRO C 357 -42.01 -4.63 -7.72
C PRO C 357 -41.67 -5.19 -9.08
N ARG C 358 -40.83 -4.51 -9.85
CA ARG C 358 -40.35 -5.07 -11.12
C ARG C 358 -39.50 -6.30 -10.88
N LEU C 359 -38.74 -6.33 -9.79
CA LEU C 359 -37.87 -7.46 -9.49
C LEU C 359 -38.63 -8.74 -9.18
N GLY C 360 -39.90 -8.64 -8.77
CA GLY C 360 -40.73 -9.82 -8.69
C GLY C 360 -41.83 -9.71 -7.65
N PRO C 361 -42.76 -10.65 -7.68
CA PRO C 361 -43.77 -10.70 -6.60
C PRO C 361 -43.20 -11.09 -5.25
N ALA C 362 -42.14 -11.90 -5.22
CA ALA C 362 -41.58 -12.35 -3.94
C ALA C 362 -40.92 -11.22 -3.18
N VAL C 363 -40.05 -10.45 -3.85
CA VAL C 363 -39.41 -9.30 -3.21
C VAL C 363 -40.40 -8.23 -2.79
N ALA C 364 -41.52 -8.07 -3.51
CA ALA C 364 -42.51 -7.11 -3.07
C ALA C 364 -43.35 -7.62 -1.92
N GLY C 365 -43.64 -8.93 -1.91
CA GLY C 365 -44.47 -9.50 -0.86
C GLY C 365 -43.78 -9.52 0.49
N SER C 366 -42.50 -9.84 0.51
CA SER C 366 -41.73 -9.92 1.74
C SER C 366 -41.44 -8.54 2.28
N ARG C 367 -41.72 -8.33 3.57
CA ARG C 367 -41.41 -7.03 4.14
C ARG C 367 -39.91 -6.90 4.35
N ALA C 368 -39.27 -7.99 4.80
CA ALA C 368 -37.83 -8.02 5.05
C ALA C 368 -37.02 -7.59 3.85
N ALA C 369 -37.51 -7.86 2.64
CA ALA C 369 -36.79 -7.47 1.43
C ALA C 369 -36.78 -5.97 1.23
N MET C 370 -37.92 -5.31 1.39
CA MET C 370 -37.96 -3.85 1.29
C MET C 370 -37.22 -3.21 2.45
N TRP C 371 -37.23 -3.85 3.61
CA TRP C 371 -36.53 -3.30 4.76
C TRP C 371 -35.02 -3.38 4.56
N ALA C 372 -34.56 -4.49 3.98
CA ALA C 372 -33.14 -4.64 3.66
C ALA C 372 -32.71 -3.68 2.58
N ALA C 373 -33.55 -3.46 1.57
CA ALA C 373 -33.23 -2.49 0.53
C ALA C 373 -33.11 -1.10 1.11
N GLY C 374 -33.99 -0.76 2.05
CA GLY C 374 -33.93 0.56 2.67
C GLY C 374 -32.70 0.73 3.53
N LEU C 375 -32.39 -0.26 4.36
CA LEU C 375 -31.24 -0.09 5.26
C LEU C 375 -29.92 -0.20 4.53
N VAL C 376 -29.83 -1.01 3.48
CA VAL C 376 -28.60 -1.06 2.69
C VAL C 376 -28.42 0.20 1.87
N LEU C 377 -29.51 0.75 1.30
CA LEU C 377 -29.50 2.07 0.68
C LEU C 377 -28.95 3.12 1.62
N LEU C 378 -29.57 3.26 2.80
CA LEU C 378 -29.16 4.29 3.75
C LEU C 378 -27.74 4.07 4.24
N GLY C 379 -27.36 2.82 4.49
CA GLY C 379 -26.01 2.49 4.95
C GLY C 379 -24.94 2.71 3.91
N ALA C 380 -25.27 2.54 2.64
CA ALA C 380 -24.32 2.81 1.58
C ALA C 380 -24.32 4.26 1.16
N TRP C 381 -25.43 4.96 1.37
CA TRP C 381 -25.53 6.36 0.99
C TRP C 381 -24.80 7.24 1.98
N MET C 382 -25.00 6.99 3.28
CA MET C 382 -24.54 7.93 4.28
C MET C 382 -23.03 8.17 4.40
N PRO C 383 -22.09 7.21 4.18
CA PRO C 383 -20.68 7.61 4.30
C PRO C 383 -20.15 8.38 3.12
N PHE C 384 -20.50 7.95 1.90
CA PHE C 384 -19.79 8.40 0.70
C PHE C 384 -20.40 9.61 0.04
N ASN C 385 -21.71 9.59 -0.21
CA ASN C 385 -22.25 10.67 -1.00
C ASN C 385 -23.25 11.51 -0.23
N ASN C 386 -22.82 12.04 0.90
CA ASN C 386 -23.54 13.10 1.58
C ASN C 386 -22.64 14.31 1.69
N GLY C 387 -21.87 14.54 0.64
CA GLY C 387 -20.98 15.68 0.55
C GLY C 387 -21.30 16.43 -0.73
N LEU C 388 -20.27 16.75 -1.51
CA LEU C 388 -20.47 17.33 -2.82
C LEU C 388 -19.79 16.50 -3.90
N ARG C 389 -19.06 15.48 -3.53
CA ARG C 389 -18.49 14.55 -4.49
C ARG C 389 -19.61 13.80 -5.18
N PRO C 390 -19.77 13.94 -6.49
CA PRO C 390 -21.06 13.67 -7.12
C PRO C 390 -21.26 12.19 -7.43
N GLU C 391 -21.28 11.36 -6.39
CA GLU C 391 -21.53 9.94 -6.55
C GLU C 391 -22.91 9.54 -6.10
N GLY C 392 -23.66 10.43 -5.46
CA GLY C 392 -25.07 10.20 -5.28
C GLY C 392 -25.85 10.42 -6.56
N GLN C 393 -25.39 11.39 -7.37
CA GLN C 393 -26.06 11.66 -8.62
C GLN C 393 -25.78 10.59 -9.65
N ILE C 394 -24.57 10.04 -9.66
CA ILE C 394 -24.27 8.93 -10.57
C ILE C 394 -25.04 7.68 -10.18
N ALA C 395 -25.15 7.40 -8.87
CA ALA C 395 -25.97 6.30 -8.40
C ALA C 395 -27.43 6.48 -8.81
N THR C 396 -27.95 7.70 -8.64
CA THR C 396 -29.33 7.99 -9.01
C THR C 396 -29.54 7.87 -10.51
N GLY C 397 -28.61 8.37 -11.31
CA GLY C 397 -28.75 8.26 -12.75
C GLY C 397 -28.62 6.85 -13.27
N ALA C 398 -27.73 6.04 -12.69
CA ALA C 398 -27.66 4.63 -13.04
C ALA C 398 -28.92 3.89 -12.64
N LEU C 399 -29.55 4.30 -11.54
CA LEU C 399 -30.83 3.71 -11.17
C LEU C 399 -31.93 4.14 -12.11
N ILE C 400 -31.90 5.40 -12.55
CA ILE C 400 -32.89 5.91 -13.49
C ILE C 400 -32.81 5.18 -14.83
N THR C 401 -31.60 5.10 -15.41
CA THR C 401 -31.47 4.38 -16.68
C THR C 401 -31.75 2.89 -16.54
N TYR C 402 -31.53 2.30 -15.36
CA TYR C 402 -31.93 0.91 -15.19
C TYR C 402 -33.44 0.77 -15.12
N VAL C 403 -34.11 1.63 -14.37
CA VAL C 403 -35.55 1.48 -14.24
C VAL C 403 -36.25 1.91 -15.52
N LEU C 404 -35.63 2.79 -16.32
CA LEU C 404 -36.20 3.14 -17.60
C LEU C 404 -36.03 2.03 -18.62
N ILE C 405 -34.88 1.34 -18.61
CA ILE C 405 -34.73 0.20 -19.49
C ILE C 405 -35.66 -0.93 -19.05
N GLU C 406 -35.95 -1.01 -17.75
CA GLU C 406 -36.98 -1.92 -17.26
C GLU C 406 -38.36 -1.55 -17.76
N ARG C 407 -38.68 -0.25 -17.77
CA ARG C 407 -39.96 0.22 -18.25
C ARG C 407 -40.09 -0.12 -19.73
N ALA C 408 -39.00 0.05 -20.46
CA ALA C 408 -38.98 -0.24 -21.89
C ALA C 408 -39.21 -1.72 -22.17
N VAL C 409 -38.66 -2.59 -21.32
CA VAL C 409 -38.90 -4.02 -21.53
C VAL C 409 -40.32 -4.39 -21.15
N THR C 410 -40.77 -3.97 -19.98
CA THR C 410 -42.06 -4.43 -19.47
C THR C 410 -43.22 -3.83 -20.25
N SER C 411 -43.08 -2.60 -20.77
CA SER C 411 -44.19 -2.00 -21.48
C SER C 411 -44.18 -2.35 -22.96
N GLY C 412 -43.03 -2.73 -23.51
CA GLY C 412 -42.98 -2.91 -24.95
C GLY C 412 -42.99 -1.61 -25.74
N ARG C 413 -42.35 -0.58 -25.23
CA ARG C 413 -42.28 0.70 -25.93
C ARG C 413 -40.81 0.95 -26.23
N LEU C 414 -40.49 2.08 -26.85
CA LEU C 414 -39.10 2.45 -27.12
C LEU C 414 -38.70 3.80 -26.56
N THR C 415 -39.67 4.69 -26.30
CA THR C 415 -39.32 5.97 -25.73
C THR C 415 -38.78 5.93 -24.29
N PRO C 416 -39.10 4.97 -23.39
CA PRO C 416 -38.33 4.94 -22.14
C PRO C 416 -36.90 4.51 -22.38
N ALA C 417 -36.67 3.60 -23.33
CA ALA C 417 -35.30 3.26 -23.70
C ALA C 417 -34.56 4.45 -24.28
N ALA C 418 -35.23 5.21 -25.16
CA ALA C 418 -34.63 6.42 -25.72
C ALA C 418 -34.33 7.47 -24.67
N LEU C 419 -35.14 7.57 -23.62
CA LEU C 419 -34.77 8.43 -22.50
C LEU C 419 -33.63 7.84 -21.68
N ALA C 420 -33.62 6.52 -21.50
CA ALA C 420 -32.52 5.87 -20.81
C ALA C 420 -31.19 6.01 -21.53
N ILE C 421 -31.19 6.19 -22.85
CA ILE C 421 -29.95 6.45 -23.58
C ILE C 421 -29.37 7.80 -23.16
N THR C 422 -30.17 8.87 -23.25
CA THR C 422 -29.64 10.19 -22.90
C THR C 422 -29.42 10.34 -21.41
N THR C 423 -30.17 9.62 -20.58
CA THR C 423 -29.90 9.62 -19.15
C THR C 423 -28.58 8.94 -18.83
N ALA C 424 -28.30 7.81 -19.49
CA ALA C 424 -27.00 7.17 -19.36
C ALA C 424 -25.89 8.08 -19.89
N ALA C 425 -26.19 8.86 -20.93
CA ALA C 425 -25.21 9.81 -21.44
C ALA C 425 -24.93 10.93 -20.43
N PHE C 426 -25.97 11.41 -19.74
CA PHE C 426 -25.78 12.45 -18.73
C PHE C 426 -25.04 11.92 -17.52
N THR C 427 -25.37 10.72 -17.08
CA THR C 427 -24.67 10.15 -15.94
C THR C 427 -23.25 9.69 -16.31
N LEU C 428 -23.01 9.38 -17.57
CA LEU C 428 -21.64 9.28 -18.05
C LEU C 428 -20.99 10.64 -18.09
N GLY C 429 -21.78 11.66 -18.40
CA GLY C 429 -21.33 13.03 -18.38
C GLY C 429 -20.99 13.60 -17.02
N ILE C 430 -21.45 13.03 -15.92
CA ILE C 430 -21.12 13.64 -14.63
C ILE C 430 -19.67 13.42 -14.26
N GLN C 431 -19.21 12.17 -14.28
CA GLN C 431 -17.84 11.83 -13.94
C GLN C 431 -17.39 10.70 -14.85
N PRO C 432 -16.08 10.49 -15.00
CA PRO C 432 -15.62 9.28 -15.70
C PRO C 432 -15.89 8.00 -14.96
N THR C 433 -16.15 8.05 -13.66
CA THR C 433 -16.74 6.92 -12.95
C THR C 433 -18.25 6.88 -13.06
N GLY C 434 -18.82 7.43 -14.12
CA GLY C 434 -20.22 7.29 -14.40
C GLY C 434 -20.44 6.28 -15.50
N LEU C 435 -19.52 5.34 -15.61
CA LEU C 435 -19.61 4.25 -16.57
C LEU C 435 -20.58 3.16 -16.14
N ILE C 436 -21.00 3.16 -14.88
CA ILE C 436 -22.08 2.28 -14.42
C ILE C 436 -23.37 2.48 -15.22
N ALA C 437 -23.67 3.71 -15.65
CA ALA C 437 -24.87 3.92 -16.46
C ALA C 437 -24.74 3.31 -17.84
N VAL C 438 -23.54 3.37 -18.43
CA VAL C 438 -23.29 2.69 -19.69
C VAL C 438 -23.34 1.18 -19.50
N ALA C 439 -22.81 0.69 -18.38
CA ALA C 439 -22.87 -0.74 -18.06
C ALA C 439 -24.31 -1.21 -17.92
N ALA C 440 -25.17 -0.39 -17.33
CA ALA C 440 -26.59 -0.74 -17.25
C ALA C 440 -27.25 -0.74 -18.61
N LEU C 441 -26.88 0.20 -19.47
CA LEU C 441 -27.42 0.24 -20.82
C LEU C 441 -26.96 -0.95 -21.66
N LEU C 442 -25.71 -1.38 -21.48
CA LEU C 442 -25.22 -2.56 -22.16
C LEU C 442 -25.89 -3.80 -21.63
N ALA C 443 -25.98 -3.94 -20.32
CA ALA C 443 -26.59 -5.16 -19.79
C ALA C 443 -28.10 -5.09 -19.80
N GLY C 444 -28.70 -4.08 -20.41
CA GLY C 444 -30.09 -4.18 -20.74
C GLY C 444 -30.28 -3.88 -22.21
N GLY C 445 -29.24 -4.16 -22.99
CA GLY C 445 -29.24 -3.89 -24.41
C GLY C 445 -29.93 -4.95 -25.25
N ARG C 446 -29.80 -6.21 -24.86
CA ARG C 446 -30.43 -7.30 -25.62
C ARG C 446 -31.96 -7.24 -25.71
N PRO C 447 -32.74 -6.95 -24.65
CA PRO C 447 -34.19 -6.77 -24.87
C PRO C 447 -34.53 -5.52 -25.66
N ILE C 448 -33.78 -4.43 -25.49
CA ILE C 448 -33.99 -3.24 -26.32
C ILE C 448 -33.81 -3.57 -27.79
N LEU C 449 -32.76 -4.32 -28.12
CA LEU C 449 -32.57 -4.69 -29.52
C LEU C 449 -33.64 -5.67 -29.98
N ARG C 450 -34.19 -6.48 -29.07
CA ARG C 450 -35.35 -7.29 -29.40
C ARG C 450 -36.57 -6.42 -29.69
N ILE C 451 -36.78 -5.36 -28.91
CA ILE C 451 -37.87 -4.42 -29.15
C ILE C 451 -37.67 -3.67 -30.46
N VAL C 452 -36.42 -3.37 -30.81
CA VAL C 452 -36.10 -2.76 -32.11
C VAL C 452 -36.47 -3.71 -33.24
N MET C 453 -36.03 -4.97 -33.14
CA MET C 453 -36.37 -5.98 -34.15
C MET C 453 -37.87 -6.25 -34.18
N ARG C 454 -38.54 -5.96 -33.07
CA ARG C 454 -39.98 -6.14 -32.96
C ARG C 454 -40.73 -5.04 -33.72
N ARG C 455 -40.26 -3.80 -33.60
CA ARG C 455 -40.90 -2.69 -34.30
C ARG C 455 -40.31 -2.45 -35.68
N ARG C 456 -39.32 -3.24 -36.07
CA ARG C 456 -38.71 -3.11 -37.39
C ARG C 456 -39.70 -3.52 -38.47
N ARG C 457 -40.54 -4.52 -38.20
CA ARG C 457 -41.46 -5.00 -39.21
C ARG C 457 -42.50 -3.97 -39.64
N LEU C 458 -43.11 -3.31 -38.65
CA LEU C 458 -44.15 -2.32 -38.91
C LEU C 458 -43.64 -1.02 -39.53
N VAL C 459 -42.71 -0.35 -38.86
CA VAL C 459 -42.18 0.92 -39.36
C VAL C 459 -40.82 0.67 -40.00
N GLY C 460 -40.18 1.69 -40.55
CA GLY C 460 -38.81 1.54 -41.02
C GLY C 460 -37.84 1.30 -39.89
N THR C 461 -36.74 0.61 -40.20
CA THR C 461 -35.71 0.38 -39.20
C THR C 461 -34.98 1.66 -38.85
N TRP C 462 -34.91 2.59 -39.78
CA TRP C 462 -34.12 3.81 -39.63
C TRP C 462 -34.80 4.86 -38.73
N PRO C 463 -36.12 5.14 -38.82
CA PRO C 463 -36.72 6.09 -37.86
C PRO C 463 -36.79 5.60 -36.42
N LEU C 464 -36.39 4.37 -36.11
CA LEU C 464 -36.28 3.94 -34.72
C LEU C 464 -34.86 4.06 -34.19
N ILE C 465 -33.87 3.66 -34.98
CA ILE C 465 -32.48 3.81 -34.56
C ILE C 465 -32.05 5.28 -34.58
N ALA C 466 -32.66 6.12 -35.41
CA ALA C 466 -32.24 7.53 -35.49
C ALA C 466 -32.46 8.34 -34.20
N PRO C 467 -33.62 8.34 -33.53
CA PRO C 467 -33.70 9.09 -32.26
C PRO C 467 -32.89 8.49 -31.14
N LEU C 468 -32.55 7.20 -31.21
CA LEU C 468 -31.67 6.60 -30.21
C LEU C 468 -30.29 7.20 -30.27
N LEU C 469 -29.67 7.19 -31.45
CA LEU C 469 -28.36 7.81 -31.60
C LEU C 469 -28.42 9.34 -31.49
N ALA C 470 -29.60 9.94 -31.70
CA ALA C 470 -29.77 11.36 -31.40
C ALA C 470 -29.63 11.61 -29.91
N ALA C 471 -30.38 10.88 -29.09
CA ALA C 471 -30.30 11.06 -27.65
C ALA C 471 -28.98 10.58 -27.11
N GLY C 472 -28.29 9.69 -27.82
CA GLY C 472 -26.95 9.31 -27.43
C GLY C 472 -25.94 10.40 -27.65
N THR C 473 -26.15 11.25 -28.65
CA THR C 473 -25.15 12.27 -28.96
C THR C 473 -25.49 13.66 -28.45
N VAL C 474 -26.68 13.88 -27.89
CA VAL C 474 -27.04 15.20 -27.38
C VAL C 474 -26.29 15.57 -26.09
N ILE C 475 -25.67 14.59 -25.43
CA ILE C 475 -24.67 14.85 -24.39
C ILE C 475 -23.57 15.84 -24.85
N LEU C 476 -23.19 15.77 -26.13
CA LEU C 476 -22.18 16.68 -26.66
C LEU C 476 -22.65 18.12 -26.70
N ALA C 477 -23.95 18.36 -26.86
CA ALA C 477 -24.48 19.73 -26.81
C ALA C 477 -24.30 20.37 -25.44
N VAL C 478 -24.42 19.59 -24.38
CA VAL C 478 -24.29 20.14 -23.03
C VAL C 478 -22.85 20.16 -22.55
N VAL C 479 -22.11 19.08 -22.81
CA VAL C 479 -20.73 18.99 -22.34
C VAL C 479 -19.84 19.99 -23.07
N PHE C 480 -20.02 20.15 -24.37
CA PHE C 480 -19.22 21.10 -25.12
C PHE C 480 -19.95 22.42 -25.27
N ALA C 481 -20.30 23.00 -24.12
CA ALA C 481 -21.06 24.24 -24.11
C ALA C 481 -20.15 25.43 -24.38
N ASP C 482 -19.04 25.52 -23.68
CA ASP C 482 -18.07 26.59 -23.93
C ASP C 482 -16.67 26.03 -24.08
N GLN C 483 -16.54 24.78 -24.46
CA GLN C 483 -15.23 24.15 -24.62
C GLN C 483 -15.11 23.54 -26.00
N THR C 484 -14.15 24.01 -26.78
CA THR C 484 -13.83 23.45 -28.08
C THR C 484 -13.02 22.18 -27.87
N ILE C 485 -13.23 21.19 -28.77
CA ILE C 485 -12.57 19.89 -28.75
C ILE C 485 -11.05 19.99 -28.61
N ALA C 486 -10.46 21.03 -29.22
CA ALA C 486 -9.04 21.32 -29.04
C ALA C 486 -8.68 21.54 -27.58
N THR C 487 -9.46 22.38 -26.88
CA THR C 487 -9.14 22.67 -25.49
C THR C 487 -9.44 21.50 -24.55
N VAL C 488 -10.43 20.65 -24.88
CA VAL C 488 -10.66 19.49 -24.03
C VAL C 488 -9.55 18.47 -24.21
N LEU C 489 -9.08 18.25 -25.46
CA LEU C 489 -7.93 17.37 -25.65
C LEU C 489 -6.67 17.93 -25.02
N GLU C 490 -6.55 19.25 -24.95
CA GLU C 490 -5.42 19.86 -24.25
C GLU C 490 -5.52 19.64 -22.75
N ALA C 491 -6.73 19.75 -22.18
CA ALA C 491 -6.93 19.46 -20.77
C ALA C 491 -6.70 17.99 -20.47
N THR C 492 -7.08 17.12 -21.41
CA THR C 492 -6.87 15.69 -21.24
C THR C 492 -5.39 15.37 -21.23
N ARG C 493 -4.63 15.99 -22.14
CA ARG C 493 -3.21 15.68 -22.21
C ARG C 493 -2.42 16.32 -21.09
N ILE C 494 -2.95 17.37 -20.46
CA ILE C 494 -2.33 17.85 -19.23
C ILE C 494 -2.63 16.92 -18.07
N ARG C 495 -3.89 16.47 -17.97
CA ARG C 495 -4.32 15.59 -16.89
C ARG C 495 -3.62 14.25 -16.94
N THR C 496 -3.33 13.74 -18.13
CA THR C 496 -2.56 12.50 -18.21
C THR C 496 -1.07 12.76 -18.06
N ALA C 497 -0.60 13.97 -18.44
CA ALA C 497 0.82 14.27 -18.36
C ALA C 497 1.31 14.32 -16.91
N ILE C 498 0.60 15.04 -16.04
CA ILE C 498 1.09 15.25 -14.68
C ILE C 498 0.17 14.71 -13.60
N GLY C 499 -1.03 14.23 -13.93
CA GLY C 499 -1.88 13.65 -12.92
C GLY C 499 -1.49 12.22 -12.61
N PRO C 500 -2.33 11.52 -11.86
CA PRO C 500 -2.06 10.10 -11.62
C PRO C 500 -2.44 9.21 -12.80
N SER C 501 -1.45 8.84 -13.60
CA SER C 501 -1.65 8.00 -14.78
C SER C 501 -1.77 6.54 -14.34
N GLN C 502 -2.98 6.18 -13.89
CA GLN C 502 -3.36 4.84 -13.43
C GLN C 502 -2.54 4.35 -12.25
N GLY C 521 -9.94 2.38 4.78
CA GLY C 521 -9.22 2.25 6.03
C GLY C 521 -9.86 2.92 7.24
N ALA C 522 -11.16 2.71 7.42
CA ALA C 522 -11.85 3.24 8.58
C ALA C 522 -13.01 2.30 8.90
N ILE C 523 -13.62 2.49 10.07
CA ILE C 523 -14.68 1.60 10.56
C ILE C 523 -15.90 1.60 9.67
N SER C 524 -16.16 2.69 8.98
CA SER C 524 -17.29 2.69 8.06
C SER C 524 -16.94 3.29 6.72
N ARG C 525 -15.73 3.00 6.24
CA ARG C 525 -15.40 3.32 4.85
C ARG C 525 -14.98 2.07 4.11
N ARG C 526 -14.92 0.94 4.81
CA ARG C 526 -14.59 -0.35 4.21
C ARG C 526 -15.89 -1.16 4.12
N VAL C 527 -16.99 -0.42 4.11
CA VAL C 527 -18.34 -0.96 4.06
C VAL C 527 -18.58 -1.64 2.72
N ALA C 528 -17.89 -1.19 1.66
CA ALA C 528 -18.05 -1.70 0.31
C ALA C 528 -17.98 -3.23 0.21
N PHE C 529 -17.05 -3.84 0.95
CA PHE C 529 -17.08 -5.27 1.24
C PHE C 529 -18.31 -5.78 2.01
N VAL C 530 -19.01 -4.94 2.78
CA VAL C 530 -20.22 -5.45 3.43
C VAL C 530 -21.44 -5.47 2.52
N PHE C 531 -21.61 -4.54 1.59
CA PHE C 531 -22.97 -4.34 1.08
C PHE C 531 -23.07 -4.61 -0.41
N THR C 532 -22.02 -5.12 -1.02
CA THR C 532 -22.15 -5.76 -2.32
C THR C 532 -21.41 -7.08 -2.29
N ALA C 533 -20.19 -7.06 -1.75
CA ALA C 533 -19.36 -8.24 -1.73
C ALA C 533 -19.81 -9.38 -0.83
N MET C 534 -20.78 -9.21 0.08
CA MET C 534 -21.37 -10.43 0.63
C MET C 534 -22.88 -10.49 0.44
N CYS C 535 -23.47 -9.59 -0.33
CA CYS C 535 -24.85 -9.79 -0.77
C CYS C 535 -24.94 -10.21 -2.22
N LEU C 536 -24.11 -9.66 -3.10
CA LEU C 536 -24.28 -9.99 -4.51
C LEU C 536 -23.74 -11.39 -4.80
N PHE C 537 -22.66 -11.80 -4.13
CA PHE C 537 -22.11 -13.13 -4.38
C PHE C 537 -23.02 -14.28 -3.92
N PRO C 538 -23.61 -14.27 -2.70
CA PRO C 538 -24.57 -15.36 -2.39
C PRO C 538 -25.82 -15.32 -3.24
N SER C 539 -26.28 -14.13 -3.62
CA SER C 539 -27.44 -14.04 -4.50
C SER C 539 -27.11 -14.57 -5.88
N LEU C 540 -25.88 -14.32 -6.35
CA LEU C 540 -25.41 -14.89 -7.61
C LEU C 540 -25.39 -16.40 -7.55
N PHE C 541 -24.83 -16.96 -6.47
CA PHE C 541 -24.78 -18.41 -6.34
C PHE C 541 -26.17 -19.03 -6.23
N MET C 542 -27.10 -18.34 -5.58
CA MET C 542 -28.46 -18.84 -5.52
C MET C 542 -29.16 -18.76 -6.87
N MET C 543 -28.97 -17.65 -7.59
CA MET C 543 -29.56 -17.51 -8.91
C MET C 543 -28.98 -18.51 -9.89
N LEU C 544 -27.74 -18.93 -9.70
CA LEU C 544 -27.15 -19.93 -10.57
C LEU C 544 -27.66 -21.33 -10.23
N ARG C 545 -27.58 -21.71 -8.95
CA ARG C 545 -27.93 -23.07 -8.53
C ARG C 545 -29.40 -23.38 -8.81
N ARG C 546 -30.30 -22.52 -8.34
CA ARG C 546 -31.72 -22.66 -8.67
C ARG C 546 -31.97 -22.02 -10.03
N LYS C 547 -32.38 -22.82 -11.00
CA LYS C 547 -32.61 -22.29 -12.34
C LYS C 547 -33.88 -21.47 -12.43
N HIS C 548 -34.95 -21.89 -11.76
CA HIS C 548 -36.17 -21.10 -11.67
C HIS C 548 -36.67 -21.07 -10.24
N ILE C 549 -36.58 -19.90 -9.61
CA ILE C 549 -37.06 -19.70 -8.25
C ILE C 549 -38.49 -19.20 -8.35
N ALA C 550 -39.21 -19.27 -7.24
CA ALA C 550 -40.61 -18.86 -7.21
C ALA C 550 -40.76 -17.54 -6.46
N GLY C 551 -40.92 -16.46 -7.23
CA GLY C 551 -41.07 -15.15 -6.65
C GLY C 551 -40.06 -14.17 -7.18
N VAL C 552 -39.00 -14.67 -7.82
CA VAL C 552 -37.98 -13.77 -8.34
C VAL C 552 -38.09 -13.77 -9.86
N ALA C 553 -38.31 -12.59 -10.44
CA ALA C 553 -38.30 -12.47 -11.89
C ALA C 553 -36.88 -12.60 -12.38
N ARG C 554 -36.61 -13.64 -13.19
CA ARG C 554 -35.23 -14.00 -13.53
C ARG C 554 -34.57 -12.98 -14.44
N GLY C 555 -35.34 -12.33 -15.31
CA GLY C 555 -34.85 -11.33 -16.23
C GLY C 555 -34.24 -10.09 -15.59
N PRO C 556 -35.07 -9.31 -14.88
CA PRO C 556 -34.53 -8.10 -14.27
C PRO C 556 -33.58 -8.38 -13.12
N ALA C 557 -33.73 -9.51 -12.43
CA ALA C 557 -32.74 -9.88 -11.42
C ALA C 557 -31.38 -10.12 -12.06
N TRP C 558 -31.35 -10.77 -13.23
CA TRP C 558 -30.06 -10.97 -13.87
C TRP C 558 -29.49 -9.68 -14.44
N ARG C 559 -30.34 -8.78 -14.92
CA ARG C 559 -29.82 -7.47 -15.33
C ARG C 559 -29.31 -6.66 -14.14
N LEU C 560 -29.93 -6.84 -12.98
CA LEU C 560 -29.46 -6.19 -11.76
C LEU C 560 -28.12 -6.74 -11.31
N MET C 561 -27.87 -8.03 -11.56
CA MET C 561 -26.54 -8.58 -11.30
C MET C 561 -25.52 -8.04 -12.29
N GLY C 562 -25.87 -8.12 -13.58
CA GLY C 562 -24.99 -7.66 -14.64
C GLY C 562 -24.55 -6.21 -14.53
N ILE C 563 -25.36 -5.35 -13.94
CA ILE C 563 -24.92 -3.97 -13.71
C ILE C 563 -23.74 -3.93 -12.74
N ILE C 564 -23.85 -4.68 -11.64
CA ILE C 564 -22.85 -4.63 -10.59
C ILE C 564 -21.59 -5.35 -11.03
N PHE C 565 -21.76 -6.42 -11.80
CA PHE C 565 -20.58 -7.15 -12.25
C PHE C 565 -19.88 -6.42 -13.38
N ALA C 566 -20.63 -5.93 -14.37
CA ALA C 566 -20.04 -5.30 -15.55
C ALA C 566 -19.37 -3.98 -15.21
N THR C 567 -19.88 -3.23 -14.24
CA THR C 567 -19.18 -1.99 -13.87
C THR C 567 -17.78 -2.27 -13.28
N MET C 568 -17.61 -3.40 -12.58
CA MET C 568 -16.30 -3.76 -12.01
C MET C 568 -15.24 -3.97 -13.09
N PHE C 569 -15.57 -4.63 -14.19
CA PHE C 569 -14.58 -5.02 -15.18
C PHE C 569 -14.15 -3.88 -16.11
N PHE C 570 -14.79 -2.72 -16.06
CA PHE C 570 -14.18 -1.57 -16.74
C PHE C 570 -14.34 -0.30 -15.91
N LEU C 571 -14.46 -0.43 -14.62
CA LEU C 571 -14.39 0.71 -13.73
C LEU C 571 -13.48 0.47 -12.54
N MET C 572 -13.47 -0.74 -12.00
CA MET C 572 -12.75 -0.97 -10.76
C MET C 572 -11.24 -1.14 -11.00
N PHE C 573 -10.89 -1.93 -12.01
CA PHE C 573 -9.53 -2.31 -12.40
C PHE C 573 -8.90 -1.44 -13.47
N THR C 574 -9.65 -1.08 -14.52
CA THR C 574 -9.11 -0.29 -15.63
C THR C 574 -9.18 1.22 -15.35
N PRO C 575 -10.28 1.75 -14.87
CA PRO C 575 -10.33 3.20 -14.62
C PRO C 575 -9.52 3.57 -13.38
N THR C 576 -8.96 4.77 -13.42
CA THR C 576 -8.11 5.33 -12.37
C THR C 576 -8.98 6.37 -11.68
N LYS C 577 -9.45 5.89 -10.54
CA LYS C 577 -10.27 6.53 -9.56
C LYS C 577 -9.92 5.66 -8.37
N TRP C 578 -9.44 6.28 -7.30
CA TRP C 578 -9.08 5.56 -6.10
C TRP C 578 -10.07 4.46 -5.78
N ILE C 579 -9.55 3.30 -5.39
CA ILE C 579 -10.39 2.16 -5.05
C ILE C 579 -11.17 2.47 -3.77
N HIS C 580 -11.96 1.49 -3.32
CA HIS C 580 -12.75 1.64 -2.10
C HIS C 580 -14.04 2.43 -2.29
N HIS C 581 -14.64 2.31 -3.47
CA HIS C 581 -15.89 3.03 -3.74
C HIS C 581 -17.17 2.25 -3.41
N PHE C 582 -18.14 2.96 -2.83
CA PHE C 582 -19.42 2.37 -2.45
C PHE C 582 -20.56 3.31 -2.82
N GLY C 583 -20.23 4.57 -3.12
CA GLY C 583 -21.22 5.56 -3.49
C GLY C 583 -22.11 5.09 -4.62
N LEU C 584 -21.49 4.82 -5.78
CA LEU C 584 -22.21 4.37 -6.96
C LEU C 584 -23.20 3.24 -6.72
N PHE C 585 -22.75 2.20 -6.00
CA PHE C 585 -23.62 1.06 -5.74
C PHE C 585 -24.57 1.36 -4.61
N ALA C 586 -24.68 2.62 -4.18
CA ALA C 586 -25.67 2.94 -3.17
C ALA C 586 -27.07 2.72 -3.69
N ALA C 587 -27.31 3.05 -4.96
CA ALA C 587 -28.65 2.87 -5.51
C ALA C 587 -28.91 1.42 -5.91
N VAL C 588 -28.19 0.96 -6.93
CA VAL C 588 -28.51 -0.34 -7.52
C VAL C 588 -28.02 -1.49 -6.66
N GLY C 589 -26.92 -1.30 -5.93
CA GLY C 589 -26.52 -2.31 -4.97
C GLY C 589 -27.38 -2.32 -3.74
N GLY C 590 -28.24 -1.32 -3.58
CA GLY C 590 -29.29 -1.43 -2.59
C GLY C 590 -30.29 -2.48 -2.97
N ALA C 591 -30.77 -2.45 -4.22
CA ALA C 591 -31.75 -3.44 -4.67
C ALA C 591 -31.16 -4.83 -4.75
N MET C 592 -29.85 -4.92 -4.96
CA MET C 592 -29.15 -6.21 -4.92
C MET C 592 -29.30 -6.87 -3.57
N ALA C 593 -29.27 -6.08 -2.49
CA ALA C 593 -29.47 -6.64 -1.17
C ALA C 593 -30.88 -7.15 -1.02
N ALA C 594 -31.85 -6.43 -1.58
CA ALA C 594 -33.23 -6.90 -1.56
C ALA C 594 -33.38 -8.18 -2.35
N LEU C 595 -32.60 -8.33 -3.40
CA LEU C 595 -32.56 -9.62 -4.08
C LEU C 595 -31.92 -10.69 -3.20
N ALA C 596 -30.83 -10.36 -2.52
CA ALA C 596 -30.11 -11.34 -1.72
C ALA C 596 -30.93 -11.86 -0.54
N THR C 597 -31.62 -10.97 0.16
CA THR C 597 -32.30 -11.35 1.40
C THR C 597 -33.47 -12.30 1.16
N VAL C 598 -34.16 -12.20 0.03
CA VAL C 598 -35.20 -13.19 -0.23
C VAL C 598 -34.57 -14.48 -0.73
N LEU C 599 -33.39 -14.41 -1.35
CA LEU C 599 -32.67 -15.62 -1.77
C LEU C 599 -32.21 -16.44 -0.57
N VAL C 600 -31.58 -15.81 0.41
CA VAL C 600 -31.10 -16.50 1.59
C VAL C 600 -32.18 -16.62 2.65
N SER C 601 -33.41 -16.24 2.33
CA SER C 601 -34.52 -16.41 3.25
C SER C 601 -34.79 -17.91 3.46
N PRO C 602 -35.38 -18.29 4.59
CA PRO C 602 -35.60 -19.72 4.87
C PRO C 602 -36.61 -20.39 3.96
N THR C 603 -37.43 -19.63 3.23
CA THR C 603 -38.39 -20.27 2.35
C THR C 603 -37.78 -20.64 1.00
N VAL C 604 -36.72 -19.97 0.57
CA VAL C 604 -36.06 -20.33 -0.68
C VAL C 604 -34.93 -21.32 -0.43
N LEU C 605 -33.98 -20.96 0.43
CA LEU C 605 -32.92 -21.89 0.80
C LEU C 605 -33.47 -22.93 1.75
N ARG C 606 -33.52 -24.19 1.30
CA ARG C 606 -34.12 -25.23 2.11
C ARG C 606 -33.14 -25.77 3.15
N SER C 607 -31.87 -25.90 2.78
CA SER C 607 -30.86 -26.46 3.67
C SER C 607 -30.47 -25.46 4.74
N ALA C 608 -30.61 -25.87 6.00
CA ALA C 608 -30.16 -25.04 7.11
C ALA C 608 -28.65 -24.89 7.16
N ARG C 609 -27.90 -25.83 6.57
CA ARG C 609 -26.45 -25.71 6.52
C ARG C 609 -26.01 -24.48 5.76
N ASN C 610 -26.58 -24.26 4.58
CA ASN C 610 -26.20 -23.12 3.75
C ASN C 610 -26.57 -21.80 4.41
N ARG C 611 -27.75 -21.74 5.01
CA ARG C 611 -28.18 -20.53 5.71
C ARG C 611 -27.30 -20.23 6.91
N MET C 612 -26.89 -21.27 7.66
CA MET C 612 -26.02 -21.02 8.80
C MET C 612 -24.62 -20.63 8.37
N ALA C 613 -24.14 -21.18 7.25
CA ALA C 613 -22.88 -20.72 6.69
C ALA C 613 -22.96 -19.29 6.21
N PHE C 614 -24.13 -18.89 5.67
CA PHE C 614 -24.29 -17.50 5.27
C PHE C 614 -24.34 -16.56 6.46
N LEU C 615 -24.96 -16.98 7.56
CA LEU C 615 -24.93 -16.16 8.78
C LEU C 615 -23.51 -16.04 9.32
N SER C 616 -22.71 -17.10 9.15
CA SER C 616 -21.31 -17.01 9.52
C SER C 616 -20.56 -16.03 8.63
N LEU C 617 -20.90 -16.01 7.34
CA LEU C 617 -20.31 -15.03 6.43
C LEU C 617 -20.72 -13.60 6.80
N VAL C 618 -21.95 -13.42 7.28
CA VAL C 618 -22.41 -12.10 7.73
C VAL C 618 -21.58 -11.62 8.90
N LEU C 619 -21.41 -12.48 9.90
CA LEU C 619 -20.64 -12.06 11.08
C LEU C 619 -19.16 -11.93 10.80
N PHE C 620 -18.59 -12.74 9.90
CA PHE C 620 -17.20 -12.55 9.50
C PHE C 620 -16.98 -11.22 8.80
N VAL C 621 -17.90 -10.82 7.90
CA VAL C 621 -17.71 -9.56 7.21
C VAL C 621 -17.92 -8.38 8.16
N LEU C 622 -18.86 -8.49 9.11
CA LEU C 622 -19.00 -7.43 10.10
C LEU C 622 -17.77 -7.34 11.01
N ALA C 623 -17.10 -8.46 11.25
CA ALA C 623 -15.81 -8.42 11.96
C ALA C 623 -14.74 -7.75 11.13
N PHE C 624 -14.75 -8.00 9.83
CA PHE C 624 -13.80 -7.33 8.94
C PHE C 624 -14.06 -5.84 8.88
N CYS C 625 -15.32 -5.43 8.98
CA CYS C 625 -15.65 -4.02 8.87
C CYS C 625 -15.29 -3.25 10.13
N PHE C 626 -15.51 -3.84 11.30
CA PHE C 626 -15.20 -3.10 12.53
C PHE C 626 -13.73 -3.06 12.90
N ALA C 627 -12.86 -3.78 12.18
CA ALA C 627 -11.43 -3.85 12.51
C ALA C 627 -10.73 -2.49 12.52
N SER C 628 -11.07 -1.61 11.60
CA SER C 628 -10.41 -0.32 11.54
C SER C 628 -11.02 0.69 12.52
N THR C 629 -10.34 1.84 12.62
CA THR C 629 -10.72 2.95 13.49
C THR C 629 -11.87 3.77 12.92
N ASN C 630 -12.75 4.25 13.80
CA ASN C 630 -13.94 5.00 13.40
C ASN C 630 -13.58 6.45 13.04
N GLY C 631 -12.91 6.58 11.90
CA GLY C 631 -12.35 7.85 11.51
C GLY C 631 -12.96 8.43 10.26
N TRP C 632 -13.60 9.58 10.39
CA TRP C 632 -14.18 10.29 9.27
C TRP C 632 -13.17 11.25 8.68
N TRP C 633 -13.48 11.72 7.46
CA TRP C 633 -12.46 12.31 6.57
C TRP C 633 -11.75 13.53 7.16
N TYR C 634 -12.48 14.61 7.48
CA TYR C 634 -11.74 15.78 7.94
C TYR C 634 -12.33 16.53 9.15
N VAL C 635 -13.51 17.10 9.00
CA VAL C 635 -14.19 17.80 10.09
C VAL C 635 -15.37 17.03 10.63
N SER C 636 -15.71 15.90 10.03
CA SER C 636 -16.76 15.09 10.59
C SER C 636 -16.25 14.39 11.83
N ASN C 637 -14.95 14.21 11.78
CA ASN C 637 -14.16 13.58 12.75
C ASN C 637 -14.00 14.37 14.01
N PHE C 638 -14.92 15.31 14.25
CA PHE C 638 -14.87 16.14 15.45
C PHE C 638 -15.70 15.54 16.58
N GLY C 639 -15.04 14.78 17.45
CA GLY C 639 -15.71 14.16 18.57
C GLY C 639 -16.39 12.86 18.19
N ALA C 640 -15.59 11.86 17.83
CA ALA C 640 -16.12 10.55 17.44
C ALA C 640 -15.70 9.47 18.42
N PRO C 641 -16.61 8.53 18.71
CA PRO C 641 -16.37 7.40 19.63
C PRO C 641 -14.96 6.82 19.59
N PHE C 642 -14.47 6.44 18.41
CA PHE C 642 -13.18 5.78 18.29
C PHE C 642 -12.47 6.28 17.03
N ASN C 643 -12.25 7.60 16.96
CA ASN C 643 -11.51 8.15 15.83
C ASN C 643 -10.03 7.81 15.89
N ASN C 644 -9.49 7.62 17.08
CA ASN C 644 -8.06 7.35 17.26
C ASN C 644 -7.73 5.88 17.40
N SER C 645 -8.56 5.10 18.09
CA SER C 645 -8.28 3.70 18.35
C SER C 645 -9.32 2.80 17.70
N VAL C 646 -9.07 1.50 17.82
CA VAL C 646 -10.00 0.47 17.36
C VAL C 646 -11.19 0.43 18.31
N PRO C 647 -12.43 0.27 17.83
CA PRO C 647 -13.58 0.22 18.73
C PRO C 647 -13.55 -0.99 19.66
N LYS C 648 -13.47 -0.71 20.96
CA LYS C 648 -13.41 -1.73 22.00
C LYS C 648 -14.51 -1.44 23.02
N VAL C 649 -15.59 -2.21 22.97
CA VAL C 649 -16.65 -2.13 23.96
C VAL C 649 -16.40 -3.22 24.99
N GLY C 650 -16.18 -2.81 26.24
CA GLY C 650 -15.98 -3.76 27.32
C GLY C 650 -14.61 -4.41 27.28
N GLY C 651 -13.56 -3.60 27.20
CA GLY C 651 -12.22 -4.13 27.25
C GLY C 651 -11.74 -4.66 25.91
N VAL C 652 -12.15 -5.89 25.56
CA VAL C 652 -11.74 -6.47 24.30
C VAL C 652 -12.51 -5.82 23.14
N GLN C 653 -11.87 -5.75 21.98
CA GLN C 653 -12.44 -5.10 20.81
C GLN C 653 -13.68 -5.83 20.30
N ILE C 654 -14.61 -5.06 19.73
CA ILE C 654 -15.84 -5.63 19.20
C ILE C 654 -15.59 -6.47 17.95
N SER C 655 -14.48 -6.24 17.26
CA SER C 655 -14.06 -7.11 16.17
C SER C 655 -13.86 -8.55 16.66
N ALA C 656 -13.31 -8.70 17.86
CA ALA C 656 -13.16 -10.03 18.44
C ALA C 656 -14.51 -10.64 18.75
N ILE C 657 -15.49 -9.82 19.13
CA ILE C 657 -16.82 -10.32 19.44
C ILE C 657 -17.49 -10.84 18.17
N PHE C 658 -17.32 -10.12 17.07
CA PHE C 658 -17.90 -10.58 15.81
C PHE C 658 -17.15 -11.80 15.28
N PHE C 659 -15.81 -11.84 15.42
CA PHE C 659 -15.07 -13.03 15.01
C PHE C 659 -15.39 -14.25 15.86
N ALA C 660 -15.68 -14.07 17.17
CA ALA C 660 -16.07 -15.20 17.99
C ALA C 660 -17.44 -15.70 17.59
N LEU C 661 -18.39 -14.79 17.36
CA LEU C 661 -19.70 -15.24 16.95
C LEU C 661 -19.71 -15.79 15.52
N SER C 662 -18.81 -15.31 14.65
CA SER C 662 -18.64 -15.90 13.33
C SER C 662 -18.06 -17.31 13.39
N ALA C 663 -17.07 -17.53 14.26
CA ALA C 663 -16.54 -18.88 14.42
C ALA C 663 -17.55 -19.82 15.06
N ILE C 664 -18.38 -19.30 15.96
CA ILE C 664 -19.47 -20.10 16.54
C ILE C 664 -20.46 -20.50 15.45
N ALA C 665 -20.86 -19.55 14.61
CA ALA C 665 -21.77 -19.88 13.51
C ALA C 665 -21.11 -20.80 12.48
N ALA C 666 -19.80 -20.68 12.30
CA ALA C 666 -19.07 -21.55 11.36
C ALA C 666 -19.06 -22.98 11.86
N LEU C 667 -18.74 -23.19 13.13
CA LEU C 667 -18.76 -24.55 13.68
C LEU C 667 -20.17 -25.09 13.79
N TRP C 668 -21.16 -24.23 14.07
CA TRP C 668 -22.55 -24.65 14.05
C TRP C 668 -23.00 -25.04 12.66
N ALA C 669 -22.42 -24.45 11.63
CA ALA C 669 -22.71 -24.87 10.27
C ALA C 669 -22.00 -26.17 9.92
N PHE C 670 -20.74 -26.30 10.32
CA PHE C 670 -19.99 -27.52 10.02
C PHE C 670 -20.55 -28.74 10.73
N TRP C 671 -21.11 -28.56 11.93
CA TRP C 671 -21.75 -29.70 12.59
C TRP C 671 -23.00 -30.12 11.85
N LEU C 672 -23.72 -29.18 11.24
CA LEU C 672 -24.86 -29.54 10.41
C LEU C 672 -24.40 -30.15 9.10
N HIS C 673 -23.21 -29.79 8.64
CA HIS C 673 -22.66 -30.46 7.46
C HIS C 673 -22.36 -31.92 7.76
N LEU C 674 -21.78 -32.20 8.92
CA LEU C 674 -21.41 -33.57 9.24
C LEU C 674 -22.63 -34.42 9.56
N THR C 675 -23.45 -33.97 10.51
CA THR C 675 -24.63 -34.74 10.89
C THR C 675 -25.72 -34.75 9.84
N ARG C 676 -25.75 -33.74 8.96
CA ARG C 676 -26.70 -33.62 7.84
C ARG C 676 -28.13 -33.41 8.34
N ARG C 677 -28.32 -32.40 9.21
CA ARG C 677 -29.65 -32.21 9.79
C ARG C 677 -30.58 -31.56 8.78
N THR C 678 -30.29 -30.30 8.43
CA THR C 678 -31.09 -29.39 7.58
C THR C 678 -32.46 -28.95 8.14
N GLU C 679 -32.91 -29.50 9.27
CA GLU C 679 -34.21 -29.14 9.84
C GLU C 679 -34.28 -28.48 11.21
N SER C 680 -33.17 -28.30 11.94
CA SER C 680 -33.27 -27.67 13.26
C SER C 680 -33.80 -26.24 13.23
N ARG C 681 -34.96 -26.04 13.87
CA ARG C 681 -35.62 -24.73 13.92
C ARG C 681 -34.70 -23.62 14.41
N VAL C 682 -33.89 -23.90 15.43
CA VAL C 682 -32.99 -22.88 15.97
C VAL C 682 -32.30 -22.08 14.87
N VAL C 683 -31.96 -22.74 13.76
CA VAL C 683 -31.33 -22.05 12.64
C VAL C 683 -32.35 -21.16 11.95
N ASP C 684 -33.56 -21.68 11.70
CA ASP C 684 -34.66 -20.91 11.10
C ASP C 684 -34.94 -19.63 11.87
N ARG C 685 -35.04 -19.73 13.19
CA ARG C 685 -35.30 -18.55 14.00
C ARG C 685 -34.08 -17.62 14.03
N LEU C 686 -32.88 -18.18 13.87
CA LEU C 686 -31.68 -17.33 13.90
C LEU C 686 -31.44 -16.62 12.57
N THR C 687 -31.51 -17.33 11.44
CA THR C 687 -31.11 -16.76 10.16
C THR C 687 -32.27 -16.14 9.38
N ALA C 688 -33.39 -15.86 10.03
CA ALA C 688 -34.49 -15.18 9.35
C ALA C 688 -34.11 -13.73 9.07
N ALA C 689 -33.68 -13.47 7.83
CA ALA C 689 -33.25 -12.20 7.27
C ALA C 689 -32.02 -11.62 7.99
N PRO C 690 -30.82 -12.13 7.73
CA PRO C 690 -29.64 -11.58 8.40
C PRO C 690 -29.08 -10.34 7.73
N ILE C 691 -29.38 -10.12 6.45
CA ILE C 691 -28.91 -8.91 5.76
C ILE C 691 -29.49 -7.62 6.35
N PRO C 692 -30.81 -7.47 6.54
CA PRO C 692 -31.27 -6.23 7.17
C PRO C 692 -30.87 -6.08 8.63
N VAL C 693 -30.60 -7.16 9.35
CA VAL C 693 -30.06 -7.04 10.70
C VAL C 693 -28.64 -6.47 10.67
N ALA C 694 -27.81 -6.96 9.75
CA ALA C 694 -26.45 -6.43 9.62
C ALA C 694 -26.48 -4.98 9.16
N ALA C 695 -27.32 -4.66 8.19
CA ALA C 695 -27.40 -3.30 7.69
C ALA C 695 -27.97 -2.36 8.75
N GLY C 696 -28.91 -2.83 9.56
CA GLY C 696 -29.41 -2.03 10.66
C GLY C 696 -28.35 -1.76 11.70
N PHE C 697 -27.47 -2.74 11.92
CA PHE C 697 -26.40 -2.51 12.88
C PHE C 697 -25.39 -1.50 12.35
N MET C 698 -25.06 -1.56 11.05
CA MET C 698 -24.13 -0.58 10.48
C MET C 698 -24.74 0.82 10.46
N VAL C 699 -26.01 0.94 10.06
CA VAL C 699 -26.71 2.22 10.07
C VAL C 699 -26.76 2.81 11.47
N VAL C 700 -27.07 1.98 12.47
CA VAL C 700 -27.22 2.48 13.83
C VAL C 700 -25.87 2.89 14.40
N VAL C 701 -24.82 2.09 14.15
CA VAL C 701 -23.51 2.47 14.68
C VAL C 701 -22.97 3.73 14.01
N MET C 702 -23.28 3.97 12.72
CA MET C 702 -22.84 5.22 12.09
C MET C 702 -23.62 6.43 12.59
N MET C 703 -24.95 6.30 12.70
CA MET C 703 -25.74 7.41 13.19
C MET C 703 -25.50 7.67 14.67
N ALA C 704 -25.10 6.64 15.42
CA ALA C 704 -24.70 6.85 16.80
C ALA C 704 -23.35 7.53 16.89
N SER C 705 -22.41 7.13 16.03
CA SER C 705 -21.10 7.77 15.97
C SER C 705 -21.22 9.26 15.73
N MET C 706 -22.06 9.64 14.77
CA MET C 706 -22.18 11.07 14.50
C MET C 706 -23.09 11.80 15.47
N ALA C 707 -24.07 11.11 16.09
CA ALA C 707 -24.85 11.75 17.14
C ALA C 707 -24.01 12.02 18.39
N ILE C 708 -23.17 11.07 18.77
CA ILE C 708 -22.24 11.30 19.86
C ILE C 708 -21.24 12.37 19.49
N GLY C 709 -20.86 12.44 18.20
CA GLY C 709 -20.01 13.51 17.74
C GLY C 709 -20.60 14.91 17.90
N VAL C 710 -21.87 15.08 17.52
CA VAL C 710 -22.47 16.41 17.64
C VAL C 710 -22.77 16.76 19.10
N VAL C 711 -23.32 15.83 19.90
CA VAL C 711 -23.64 16.23 21.28
C VAL C 711 -22.41 16.28 22.19
N ARG C 712 -21.34 15.52 21.90
CA ARG C 712 -20.09 15.66 22.65
C ARG C 712 -19.52 17.07 22.50
N GLN C 713 -19.30 17.49 21.27
CA GLN C 713 -18.72 18.80 20.98
C GLN C 713 -19.81 19.81 20.66
N TYR C 714 -20.66 20.08 21.65
CA TYR C 714 -21.79 20.97 21.41
C TYR C 714 -21.46 22.47 21.38
N PRO C 715 -20.82 23.09 22.38
CA PRO C 715 -20.60 24.55 22.28
C PRO C 715 -19.57 24.96 21.25
N THR C 716 -18.81 24.01 20.71
CA THR C 716 -17.84 24.26 19.66
C THR C 716 -18.37 23.79 18.33
N TYR C 717 -17.49 23.67 17.35
CA TYR C 717 -17.90 23.27 16.00
C TYR C 717 -17.98 21.78 15.63
N SER C 718 -19.21 21.31 15.43
CA SER C 718 -19.47 19.96 14.99
C SER C 718 -19.96 20.08 13.55
N ASN C 719 -20.21 18.96 12.89
CA ASN C 719 -20.81 19.04 11.57
C ASN C 719 -22.28 19.42 11.68
N GLY C 720 -22.95 18.88 12.70
CA GLY C 720 -24.37 19.12 12.86
C GLY C 720 -24.65 20.53 13.36
N TRP C 721 -23.91 20.97 14.38
CA TRP C 721 -24.16 22.30 14.89
C TRP C 721 -23.83 23.37 13.87
N ALA C 722 -22.86 23.11 13.00
CA ALA C 722 -22.56 24.02 11.90
C ALA C 722 -23.71 24.08 10.90
N ASN C 723 -24.28 22.94 10.55
CA ASN C 723 -25.36 22.96 9.58
C ASN C 723 -26.65 23.55 10.17
N ILE C 724 -26.87 23.38 11.47
CA ILE C 724 -28.03 24.00 12.10
C ILE C 724 -27.84 25.50 12.22
N ARG C 725 -26.66 25.94 12.66
CA ARG C 725 -26.34 27.35 12.81
C ARG C 725 -26.21 28.08 11.48
N ALA C 726 -26.02 27.35 10.37
CA ALA C 726 -26.01 27.96 9.04
C ALA C 726 -27.32 28.65 8.69
N PHE C 727 -28.44 28.20 9.27
CA PHE C 727 -29.70 28.92 9.11
C PHE C 727 -29.66 30.30 9.74
N ALA C 728 -28.94 30.46 10.85
CA ALA C 728 -28.80 31.73 11.53
C ALA C 728 -27.87 32.72 10.81
N GLY C 729 -27.34 32.39 9.63
CA GLY C 729 -26.45 33.31 8.94
C GLY C 729 -25.05 33.30 9.50
N GLY C 730 -24.58 32.15 9.97
CA GLY C 730 -23.26 32.02 10.56
C GLY C 730 -22.38 31.12 9.72
N CYS C 731 -21.06 31.35 9.80
CA CYS C 731 -20.12 30.51 9.10
C CYS C 731 -20.01 29.15 9.78
N GLY C 732 -19.53 28.16 9.03
CA GLY C 732 -19.39 26.84 9.61
C GLY C 732 -18.29 26.67 10.62
N LEU C 733 -17.05 26.98 10.23
CA LEU C 733 -15.91 26.81 11.11
C LEU C 733 -15.27 28.11 11.51
N ALA C 734 -15.48 29.16 10.72
CA ALA C 734 -14.84 30.44 10.94
C ALA C 734 -15.35 31.12 12.20
N ASP C 735 -16.60 30.85 12.57
CA ASP C 735 -17.21 31.52 13.72
C ASP C 735 -16.58 31.13 15.04
N ASP C 736 -15.88 30.00 15.11
CA ASP C 736 -15.29 29.56 16.37
C ASP C 736 -13.86 29.05 16.20
N VAL C 737 -13.07 29.75 15.39
CA VAL C 737 -11.63 29.56 15.35
C VAL C 737 -11.00 30.87 15.79
N LEU C 738 -10.51 30.92 17.02
CA LEU C 738 -9.99 32.15 17.59
C LEU C 738 -8.54 32.33 17.16
N VAL C 739 -8.24 33.46 16.52
CA VAL C 739 -6.92 33.80 16.04
C VAL C 739 -6.51 35.13 16.64
N GLU C 740 -5.23 35.25 17.01
CA GLU C 740 -4.70 36.51 17.50
C GLU C 740 -4.22 37.35 16.32
N PRO C 741 -4.76 38.55 16.11
CA PRO C 741 -4.25 39.38 15.03
C PRO C 741 -2.89 39.97 15.33
N ASP C 742 -2.58 40.22 16.60
CA ASP C 742 -1.28 40.76 17.01
C ASP C 742 -0.68 39.85 18.08
N SER C 743 0.24 38.98 17.66
CA SER C 743 0.92 38.10 18.60
C SER C 743 1.83 38.87 19.54
N ASN C 744 2.33 40.02 19.12
CA ASN C 744 3.23 40.84 19.92
C ASN C 744 2.52 41.63 21.01
N ALA C 745 1.19 41.57 21.09
CA ALA C 745 0.44 42.20 22.16
C ALA C 745 -0.23 41.17 23.06
N GLY C 746 -0.42 41.53 24.31
CA GLY C 746 -1.06 40.67 25.29
C GLY C 746 -0.12 39.91 26.20
N PHE C 747 1.17 40.23 26.18
CA PHE C 747 2.13 39.58 27.05
C PHE C 747 1.88 39.94 28.52
N LEU C 748 2.10 38.97 29.40
CA LEU C 748 1.86 39.18 30.82
C LEU C 748 3.04 39.93 31.42
N THR C 749 2.73 40.90 32.28
CA THR C 749 3.79 41.64 32.96
C THR C 749 4.34 40.82 34.11
N PRO C 750 5.66 40.67 34.20
CA PRO C 750 6.26 39.96 35.34
C PRO C 750 6.15 40.76 36.62
N LEU C 751 6.55 40.13 37.72
CA LEU C 751 6.55 40.81 39.02
C LEU C 751 7.67 41.86 39.03
N PRO C 752 7.66 42.77 40.02
CA PRO C 752 8.69 43.84 40.10
C PRO C 752 10.16 43.58 39.76
N GLY C 753 10.74 42.48 40.21
CA GLY C 753 12.15 42.18 39.94
C GLY C 753 12.36 40.86 39.24
N ALA C 754 13.36 40.84 38.36
CA ALA C 754 13.71 39.64 37.58
C ALA C 754 14.62 38.73 38.39
N TYR C 755 15.82 39.23 38.72
CA TYR C 755 16.86 38.58 39.53
C TYR C 755 17.61 37.45 38.80
N GLY C 756 17.88 37.60 37.51
CA GLY C 756 18.70 36.61 36.86
C GLY C 756 19.52 37.10 35.68
N PRO C 757 20.25 36.19 35.04
CA PRO C 757 21.00 36.55 33.83
C PRO C 757 20.19 36.66 32.56
N LEU C 758 18.97 36.12 32.56
CA LEU C 758 18.15 36.13 31.34
C LEU C 758 16.72 36.64 31.49
N GLY C 759 16.53 37.68 32.30
CA GLY C 759 15.23 38.28 32.49
C GLY C 759 14.44 37.63 33.60
N PRO C 760 13.19 38.08 33.78
CA PRO C 760 12.32 37.47 34.80
C PRO C 760 11.91 36.04 34.52
N LEU C 761 11.96 35.60 33.26
CA LEU C 761 11.64 34.21 32.93
C LEU C 761 12.54 33.23 33.69
N GLY C 762 13.82 33.56 33.84
CA GLY C 762 14.60 32.80 34.79
C GLY C 762 14.35 33.42 36.14
N GLY C 763 13.70 32.70 37.05
CA GLY C 763 13.38 33.28 38.34
C GLY C 763 14.54 33.38 39.31
N GLU C 764 15.11 32.24 39.70
CA GLU C 764 16.26 32.24 40.60
C GLU C 764 17.45 31.49 40.01
N ASP C 765 17.27 30.20 39.72
CA ASP C 765 18.34 29.39 39.17
C ASP C 765 18.04 28.91 37.75
N PRO C 766 18.58 29.56 36.73
CA PRO C 766 18.68 28.97 35.38
C PRO C 766 19.86 28.01 35.30
N GLN C 767 19.63 26.80 35.81
CA GLN C 767 20.57 25.71 36.09
C GLN C 767 21.73 25.55 35.10
N GLY C 768 21.41 25.25 33.85
CA GLY C 768 22.34 25.28 32.73
C GLY C 768 21.52 25.78 31.57
N PHE C 769 20.70 26.79 31.84
CA PHE C 769 19.67 27.26 30.92
C PHE C 769 20.22 28.37 30.02
N SER C 770 20.91 27.94 28.96
CA SER C 770 21.59 28.84 28.04
C SER C 770 20.57 29.67 27.27
N PRO C 771 20.90 30.93 26.95
CA PRO C 771 19.94 31.79 26.23
C PRO C 771 19.52 31.29 24.85
N ASP C 772 20.45 30.76 24.06
CA ASP C 772 20.16 30.25 22.73
C ASP C 772 20.14 28.72 22.67
N GLY C 773 19.55 28.09 23.68
CA GLY C 773 19.56 26.64 23.75
C GLY C 773 18.47 26.00 22.92
N VAL C 774 18.66 26.03 21.60
CA VAL C 774 17.75 25.48 20.61
C VAL C 774 18.61 24.87 19.50
N PRO C 775 18.05 24.08 18.57
CA PRO C 775 18.84 23.67 17.39
C PRO C 775 19.15 24.82 16.46
N ASP C 776 19.91 24.52 15.41
CA ASP C 776 20.26 25.55 14.42
C ASP C 776 19.04 26.05 13.67
N ARG C 777 18.12 25.16 13.31
CA ARG C 777 16.95 25.58 12.55
C ARG C 777 15.76 24.74 12.94
N ILE C 778 14.80 25.37 13.62
CA ILE C 778 13.47 24.84 13.87
C ILE C 778 12.46 25.93 13.52
N ILE C 779 11.28 25.50 13.07
CA ILE C 779 10.34 26.39 12.42
C ILE C 779 8.94 26.21 12.98
N ALA C 780 8.08 27.18 12.65
CA ALA C 780 6.71 27.31 13.16
C ALA C 780 5.83 26.18 12.64
N GLU C 781 5.57 25.19 13.49
CA GLU C 781 4.61 24.11 13.24
C GLU C 781 4.98 23.27 12.03
N ALA C 782 6.26 22.96 11.88
CA ALA C 782 6.74 22.11 10.81
C ALA C 782 8.12 21.58 11.17
N ILE C 783 8.52 20.53 10.48
CA ILE C 783 9.84 19.93 10.65
C ILE C 783 10.70 20.36 9.49
N ARG C 784 11.85 20.97 9.79
CA ARG C 784 12.74 21.48 8.75
C ARG C 784 13.48 20.31 8.12
N LEU C 785 12.92 19.80 7.04
CA LEU C 785 13.59 18.80 6.23
C LEU C 785 14.71 19.45 5.42
N ASN C 786 15.60 18.61 4.91
CA ASN C 786 16.72 19.12 4.11
C ASN C 786 16.19 19.63 2.78
N ASN C 787 15.76 18.71 1.92
CA ASN C 787 15.29 19.03 0.58
C ASN C 787 14.09 19.99 0.66
N PRO C 788 13.90 20.87 -0.33
CA PRO C 788 12.80 21.84 -0.23
C PRO C 788 11.45 21.19 -0.47
N GLN C 789 10.57 21.29 0.52
CA GLN C 789 9.22 20.77 0.42
C GLN C 789 8.35 21.74 -0.40
N PRO C 790 7.19 21.26 -0.92
CA PRO C 790 6.39 22.11 -1.81
C PRO C 790 5.76 23.36 -1.18
N GLY C 791 4.92 23.15 -0.18
CA GLY C 791 4.11 24.21 0.38
C GLY C 791 4.70 24.78 1.65
N THR C 792 5.87 25.41 1.57
CA THR C 792 6.60 25.80 2.75
C THR C 792 6.32 27.26 3.13
N ASP C 793 6.73 27.59 4.34
CA ASP C 793 6.66 28.94 4.90
C ASP C 793 7.88 29.75 4.50
N TYR C 794 7.83 31.04 4.85
CA TYR C 794 8.98 31.92 4.66
C TYR C 794 10.16 31.50 5.53
N ASP C 795 9.88 30.93 6.70
CA ASP C 795 10.90 30.55 7.68
C ASP C 795 11.88 29.48 7.18
N TRP C 796 11.50 28.70 6.17
CA TRP C 796 12.43 27.73 5.56
C TRP C 796 13.67 28.42 5.02
N ASN C 797 13.50 29.50 4.28
CA ASN C 797 14.60 30.25 3.69
C ASN C 797 14.69 31.59 4.41
N ARG C 798 15.45 31.60 5.49
CA ARG C 798 15.69 32.80 6.27
C ARG C 798 17.12 32.78 6.78
N PRO C 799 17.65 33.87 7.35
CA PRO C 799 18.95 33.82 8.02
C PRO C 799 18.96 32.77 9.13
N ILE C 800 19.97 31.89 9.08
CA ILE C 800 20.11 30.80 10.05
C ILE C 800 20.20 31.35 11.48
N LYS C 801 20.91 32.45 11.67
CA LYS C 801 20.93 33.17 12.93
C LYS C 801 20.49 34.61 12.65
N LEU C 802 19.65 35.14 13.52
CA LEU C 802 19.16 36.49 13.35
C LEU C 802 20.26 37.50 13.71
N ASP C 803 20.29 38.62 13.01
CA ASP C 803 21.37 39.59 13.13
C ASP C 803 21.01 40.74 14.07
N GLU C 804 20.77 40.38 15.33
CA GLU C 804 20.47 41.30 16.42
C GLU C 804 20.60 40.51 17.72
N PRO C 805 21.10 41.12 18.81
CA PRO C 805 21.14 40.41 20.09
C PRO C 805 19.76 40.13 20.67
N GLY C 806 18.97 41.18 20.90
CA GLY C 806 17.66 41.03 21.51
C GLY C 806 17.63 41.58 22.91
N ILE C 807 16.45 41.43 23.53
CA ILE C 807 16.28 41.86 24.91
C ILE C 807 16.92 40.85 25.86
N ASN C 808 17.03 39.58 25.45
CA ASN C 808 17.67 38.56 26.25
C ASN C 808 19.10 38.28 25.84
N GLY C 809 19.49 38.67 24.63
CA GLY C 809 20.73 38.22 24.05
C GLY C 809 20.53 37.06 23.10
N SER C 810 19.40 36.37 23.21
CA SER C 810 19.07 35.25 22.35
C SER C 810 18.70 35.73 20.95
N THR C 811 19.39 35.19 19.96
CA THR C 811 19.29 35.62 18.57
C THR C 811 18.61 34.54 17.72
N VAL C 812 17.93 33.61 18.38
CA VAL C 812 17.09 32.56 17.81
C VAL C 812 16.02 33.16 16.90
N PRO C 813 15.73 32.55 15.75
CA PRO C 813 14.71 33.13 14.85
C PRO C 813 13.33 32.78 15.37
N LEU C 814 12.57 33.78 15.71
CA LEU C 814 11.32 33.55 16.40
C LEU C 814 10.17 33.35 15.42
N PRO C 815 9.22 32.48 15.77
CA PRO C 815 8.07 32.23 14.89
C PRO C 815 6.90 33.14 15.17
N TYR C 816 5.81 32.99 14.40
CA TYR C 816 4.48 33.55 14.71
C TYR C 816 4.48 35.07 14.75
N GLY C 817 5.46 35.72 14.12
CA GLY C 817 5.54 37.15 14.14
C GLY C 817 6.05 37.72 15.43
N LEU C 818 6.48 36.86 16.35
CA LEU C 818 7.02 37.27 17.64
C LEU C 818 8.30 38.08 17.41
N ASP C 819 8.38 39.25 18.04
CA ASP C 819 9.55 40.11 17.90
C ASP C 819 10.66 39.67 18.85
N PRO C 820 11.89 39.68 18.43
CA PRO C 820 12.98 39.28 19.33
C PRO C 820 13.42 40.43 20.21
N LYS C 821 13.09 41.65 19.78
CA LYS C 821 13.32 42.83 20.60
C LYS C 821 12.49 42.83 21.89
N ARG C 822 11.32 42.20 21.89
CA ARG C 822 10.44 42.26 23.06
C ARG C 822 10.31 40.97 23.87
N VAL C 823 10.18 39.80 23.25
CA VAL C 823 9.87 38.59 24.01
C VAL C 823 11.08 37.66 24.19
N PRO C 824 11.76 37.79 25.33
CA PRO C 824 12.98 37.01 25.59
C PRO C 824 12.84 35.49 25.55
N VAL C 825 13.51 34.84 24.58
CA VAL C 825 13.43 33.39 24.48
C VAL C 825 14.30 32.77 25.57
N ALA C 826 14.18 31.46 25.78
CA ALA C 826 14.89 30.77 26.86
C ALA C 826 14.93 29.26 26.72
N GLY C 827 15.93 28.64 26.07
CA GLY C 827 15.90 27.21 25.89
C GLY C 827 16.95 26.47 26.70
N THR C 828 17.25 25.23 26.24
CA THR C 828 18.21 24.34 26.90
C THR C 828 18.64 23.20 25.98
N TYR C 829 19.31 23.53 24.87
CA TYR C 829 19.81 22.51 23.95
C TYR C 829 21.27 22.83 23.69
N SER C 830 22.12 22.14 24.44
CA SER C 830 23.58 22.25 24.40
C SER C 830 24.10 20.82 24.28
N THR C 831 24.54 20.45 23.08
CA THR C 831 24.96 19.08 22.79
C THR C 831 26.24 18.68 23.50
N GLU C 832 27.02 19.66 23.99
CA GLU C 832 28.25 19.41 24.73
C GLU C 832 28.04 18.45 25.90
N ALA C 833 26.99 18.66 26.69
CA ALA C 833 26.67 17.85 27.86
C ALA C 833 25.25 18.11 28.36
N GLN C 834 24.42 17.07 28.40
CA GLN C 834 23.06 17.17 28.93
C GLN C 834 23.16 17.19 30.44
N GLN C 835 22.83 18.33 31.05
CA GLN C 835 23.00 18.50 32.49
C GLN C 835 21.70 18.61 33.27
N GLU C 836 20.55 18.35 32.64
CA GLU C 836 19.22 18.31 33.27
C GLU C 836 18.78 19.61 33.96
N SER C 837 18.30 20.59 33.18
CA SER C 837 17.95 21.91 33.69
C SER C 837 16.48 21.95 34.08
N ARG C 838 16.21 22.49 35.28
CA ARG C 838 14.85 22.72 35.76
C ARG C 838 14.76 24.12 36.36
N LEU C 839 13.93 24.98 35.78
CA LEU C 839 13.77 26.35 36.23
C LEU C 839 12.35 26.62 36.68
N SER C 840 12.20 27.30 37.82
CA SER C 840 10.91 27.84 38.24
C SER C 840 10.92 29.33 37.96
N SER C 841 9.99 29.80 37.12
CA SER C 841 10.02 31.18 36.69
C SER C 841 9.50 32.12 37.78
N ALA C 842 9.67 33.42 37.55
CA ALA C 842 9.06 34.43 38.39
C ALA C 842 7.56 34.53 38.13
N TRP C 843 6.84 35.01 39.13
CA TRP C 843 5.39 35.09 39.05
C TRP C 843 4.96 36.21 38.12
N TYR C 844 3.92 35.97 37.35
CA TYR C 844 3.43 36.91 36.35
C TYR C 844 2.10 37.51 36.79
N GLU C 845 1.95 38.81 36.60
CA GLU C 845 0.71 39.50 36.96
C GLU C 845 -0.40 39.13 35.99
N LEU C 846 -1.33 38.30 36.45
CA LEU C 846 -2.48 37.91 35.66
C LEU C 846 -3.46 39.09 35.52
N PRO C 847 -4.35 39.05 34.53
CA PRO C 847 -5.28 40.17 34.33
C PRO C 847 -6.30 40.28 35.45
N ALA C 848 -7.09 41.35 35.37
CA ALA C 848 -8.04 41.73 36.42
C ALA C 848 -9.14 40.68 36.59
N ARG C 849 -9.74 40.68 37.77
CA ARG C 849 -10.77 39.72 38.14
C ARG C 849 -12.08 40.20 37.54
N ASP C 850 -12.35 39.78 36.31
CA ASP C 850 -13.58 40.16 35.63
C ASP C 850 -13.95 39.08 34.63
N GLU C 851 -15.25 38.76 34.58
CA GLU C 851 -15.73 37.69 33.73
C GLU C 851 -15.88 38.16 32.29
N THR C 852 -16.18 39.44 32.09
CA THR C 852 -16.17 40.03 30.76
C THR C 852 -14.76 40.12 30.19
N GLU C 853 -13.75 40.10 31.06
CA GLU C 853 -12.37 39.91 30.64
C GLU C 853 -12.11 38.43 30.36
N ARG C 854 -12.56 37.57 31.27
CA ARG C 854 -12.46 36.12 31.12
C ARG C 854 -13.12 35.65 29.83
N ALA C 855 -14.28 36.20 29.50
CA ALA C 855 -14.85 36.02 28.19
C ALA C 855 -14.01 36.81 27.18
N ALA C 856 -13.57 36.12 26.13
CA ALA C 856 -12.64 36.48 25.03
C ALA C 856 -11.17 36.41 25.45
N HIS C 857 -10.85 35.99 26.66
CA HIS C 857 -9.50 35.55 27.01
C HIS C 857 -9.65 34.19 27.69
N PRO C 858 -10.06 33.14 26.95
CA PRO C 858 -9.90 31.77 27.47
C PRO C 858 -8.49 31.20 27.63
N LEU C 859 -7.60 31.38 26.67
CA LEU C 859 -6.24 30.85 26.79
C LEU C 859 -5.17 31.70 27.45
N VAL C 860 -4.40 31.06 28.33
CA VAL C 860 -3.04 31.51 28.68
C VAL C 860 -2.07 30.59 27.95
N VAL C 861 -1.18 31.17 27.12
CA VAL C 861 -0.43 30.39 26.13
C VAL C 861 1.05 30.70 26.30
N ILE C 862 1.89 29.68 26.05
CA ILE C 862 3.33 29.87 26.04
C ILE C 862 3.85 29.32 24.72
N THR C 863 4.79 30.03 24.09
CA THR C 863 5.25 29.59 22.77
C THR C 863 6.45 28.68 22.97
N ALA C 864 6.17 27.48 23.44
CA ALA C 864 7.24 26.56 23.78
C ALA C 864 7.75 25.83 22.55
N ALA C 865 8.81 25.05 22.73
CA ALA C 865 9.37 24.25 21.65
C ALA C 865 9.95 22.96 22.21
N GLY C 866 10.31 22.06 21.31
CA GLY C 866 10.87 20.77 21.69
C GLY C 866 9.87 19.72 22.13
N THR C 867 10.42 18.58 22.54
CA THR C 867 9.62 17.44 22.96
C THR C 867 9.00 17.74 24.32
N ILE C 868 7.67 17.80 24.38
CA ILE C 868 7.01 18.10 25.64
C ILE C 868 5.76 17.26 25.88
N THR C 869 5.60 16.82 27.12
CA THR C 869 4.44 16.02 27.51
C THR C 869 3.19 16.88 27.32
N GLY C 870 2.25 16.40 26.53
CA GLY C 870 1.05 17.17 26.25
C GLY C 870 -0.11 16.29 25.86
N GLU C 871 -1.31 16.76 26.18
CA GLU C 871 -2.53 15.97 26.02
C GLU C 871 -3.19 16.30 24.68
N SER C 872 -2.62 15.75 23.62
CA SER C 872 -3.21 15.92 22.30
C SER C 872 -4.44 15.01 22.15
N VAL C 873 -5.16 15.19 21.04
CA VAL C 873 -6.25 14.28 20.70
C VAL C 873 -5.93 13.43 19.48
N ALA C 874 -4.86 13.74 18.75
CA ALA C 874 -4.40 12.84 17.70
C ALA C 874 -3.86 11.55 18.31
N ASN C 875 -3.04 11.68 19.34
CA ASN C 875 -2.60 10.56 20.15
C ASN C 875 -2.79 10.92 21.62
N GLY C 876 -2.57 9.93 22.47
CA GLY C 876 -2.78 10.08 23.90
C GLY C 876 -1.81 11.03 24.59
N LEU C 877 -1.86 10.98 25.91
CA LEU C 877 -1.01 11.82 26.77
C LEU C 877 0.43 11.30 26.70
N THR C 878 1.11 11.70 25.63
CA THR C 878 2.49 11.27 25.40
C THR C 878 3.44 12.02 26.31
N THR C 879 4.68 11.53 26.37
CA THR C 879 5.68 12.02 27.31
C THR C 879 6.92 12.51 26.57
N GLY C 880 7.02 13.83 26.37
CA GLY C 880 8.27 14.47 26.03
C GLY C 880 8.99 14.91 27.30
N GLN C 881 9.14 16.22 27.49
CA GLN C 881 9.65 16.77 28.73
C GLN C 881 8.52 17.47 29.46
N THR C 882 8.70 17.67 30.76
CA THR C 882 7.62 18.16 31.63
C THR C 882 7.77 19.65 31.86
N VAL C 883 7.17 20.44 30.98
CA VAL C 883 7.01 21.87 31.18
C VAL C 883 5.53 22.17 31.34
N ASP C 884 5.19 22.93 32.39
CA ASP C 884 3.79 23.14 32.75
C ASP C 884 3.69 24.40 33.60
N LEU C 885 2.50 24.98 33.60
CA LEU C 885 2.25 26.25 34.25
C LEU C 885 1.81 26.04 35.69
N GLU C 886 2.69 26.36 36.64
CA GLU C 886 2.40 26.22 38.07
C GLU C 886 1.68 27.49 38.51
N TYR C 887 0.37 27.40 38.64
CA TYR C 887 -0.43 28.51 39.10
C TYR C 887 -0.35 28.65 40.61
N ALA C 888 -0.55 29.87 41.10
CA ALA C 888 -0.42 30.17 42.51
C ALA C 888 -1.53 31.11 42.92
N THR C 889 -1.64 31.32 44.24
CA THR C 889 -2.66 32.18 44.84
C THR C 889 -1.96 32.97 45.93
N ARG C 890 -2.44 34.19 46.21
CA ARG C 890 -1.86 34.93 47.33
C ARG C 890 -2.70 36.01 47.98
N GLY C 891 -3.75 35.66 48.70
CA GLY C 891 -4.52 36.70 49.34
C GLY C 891 -3.82 36.97 50.66
N PRO C 892 -3.88 35.96 51.54
CA PRO C 892 -3.20 36.03 52.85
C PRO C 892 -1.69 36.20 52.81
N ASP C 893 -1.17 37.35 53.28
CA ASP C 893 0.19 37.90 53.37
C ASP C 893 0.83 38.27 52.04
N GLY C 894 0.12 38.19 50.92
CA GLY C 894 0.68 38.71 49.68
C GLY C 894 1.60 37.79 48.90
N THR C 895 2.30 36.88 49.56
CA THR C 895 3.28 36.03 48.86
C THR C 895 2.57 34.85 48.22
N LEU C 896 3.08 34.44 47.06
CA LEU C 896 2.42 33.43 46.24
C LEU C 896 2.88 32.03 46.64
N VAL C 897 1.96 31.24 47.18
CA VAL C 897 2.18 29.82 47.46
C VAL C 897 1.87 29.02 46.20
N PRO C 898 2.81 28.23 45.68
CA PRO C 898 2.50 27.43 44.48
C PRO C 898 1.58 26.27 44.79
N ALA C 899 0.31 26.40 44.42
CA ALA C 899 -0.70 25.40 44.72
C ALA C 899 -1.03 24.56 43.48
N GLY C 900 -0.07 23.72 43.11
CA GLY C 900 -0.29 22.81 42.00
C GLY C 900 -0.01 23.42 40.64
N ARG C 901 -0.15 22.57 39.62
CA ARG C 901 0.15 22.90 38.23
C ARG C 901 -0.99 22.41 37.33
N VAL C 902 -0.88 22.70 36.04
CA VAL C 902 -1.86 22.30 35.03
C VAL C 902 -1.14 21.70 33.83
N THR C 903 -1.69 20.62 33.29
CA THR C 903 -1.11 19.97 32.12
C THR C 903 -1.35 20.80 30.84
N PRO C 904 -0.40 20.81 29.91
CA PRO C 904 -0.61 21.49 28.63
C PRO C 904 -1.28 20.63 27.58
N TYR C 905 -1.88 21.32 26.61
CA TYR C 905 -2.29 20.72 25.35
C TYR C 905 -1.32 21.13 24.26
N ASP C 906 -1.23 20.29 23.22
CA ASP C 906 -0.35 20.57 22.10
C ASP C 906 -0.87 19.87 20.86
N VAL C 907 -0.61 20.49 19.70
CA VAL C 907 -1.13 19.97 18.45
C VAL C 907 -0.03 19.73 17.44
N GLY C 908 0.97 20.62 17.41
CA GLY C 908 2.04 20.57 16.45
C GLY C 908 2.94 19.36 16.62
N PRO C 909 3.81 19.11 15.64
CA PRO C 909 4.70 17.94 15.71
C PRO C 909 5.75 18.05 16.80
N THR C 910 6.52 16.98 16.99
CA THR C 910 7.31 16.84 18.21
C THR C 910 8.46 17.85 18.38
N PRO C 911 9.36 18.11 17.37
CA PRO C 911 10.43 19.07 17.66
C PRO C 911 10.17 20.49 17.20
N SER C 912 8.91 20.91 17.08
CA SER C 912 8.59 22.15 16.40
C SER C 912 8.33 23.31 17.36
N TRP C 913 8.29 24.51 16.79
CA TRP C 913 7.89 25.72 17.48
C TRP C 913 6.37 25.77 17.56
N ARG C 914 5.82 25.02 18.49
CA ARG C 914 4.39 25.06 18.72
C ARG C 914 4.09 26.14 19.75
N ASN C 915 2.86 26.18 20.25
CA ASN C 915 2.61 26.93 21.48
C ASN C 915 1.64 26.14 22.34
N LEU C 916 2.02 25.93 23.59
CA LEU C 916 1.20 25.16 24.51
C LEU C 916 0.07 26.04 25.03
N ARG C 917 -1.04 25.38 25.34
CA ARG C 917 -2.28 26.02 25.73
C ARG C 917 -2.69 25.59 27.13
N TYR C 918 -3.00 26.57 27.98
CA TYR C 918 -3.57 26.31 29.29
C TYR C 918 -4.89 27.05 29.41
N PRO C 919 -6.01 26.35 29.55
CA PRO C 919 -7.30 27.03 29.70
C PRO C 919 -7.38 27.86 30.97
N ARG C 920 -8.03 29.01 30.87
CA ARG C 920 -8.31 29.83 32.05
C ARG C 920 -9.38 29.20 32.94
N SER C 921 -10.16 28.26 32.40
CA SER C 921 -11.04 27.45 33.24
C SER C 921 -10.23 26.59 34.20
N GLU C 922 -9.12 26.01 33.72
CA GLU C 922 -8.29 25.18 34.57
C GLU C 922 -7.54 26.02 35.59
N ILE C 923 -7.36 27.30 35.30
CA ILE C 923 -6.87 28.26 36.29
C ILE C 923 -8.02 28.58 37.25
N PRO C 924 -7.82 28.48 38.56
CA PRO C 924 -8.92 28.72 39.49
C PRO C 924 -9.32 30.18 39.57
N ASP C 925 -10.44 30.37 40.27
CA ASP C 925 -11.13 31.66 40.32
C ASP C 925 -10.32 32.76 40.97
N ASP C 926 -9.46 32.44 41.95
CA ASP C 926 -8.75 33.49 42.64
C ASP C 926 -7.27 33.61 42.26
N ALA C 927 -6.74 32.69 41.44
CA ALA C 927 -5.31 32.63 41.08
C ALA C 927 -4.72 33.92 40.49
N VAL C 928 -3.79 34.58 41.21
CA VAL C 928 -3.34 35.92 40.81
C VAL C 928 -2.00 35.85 40.06
N ALA C 929 -1.32 34.71 40.07
CA ALA C 929 -0.07 34.62 39.34
C ALA C 929 0.21 33.18 38.92
N VAL C 930 1.00 33.05 37.85
CA VAL C 930 1.41 31.76 37.31
C VAL C 930 2.91 31.81 37.07
N ARG C 931 3.55 30.64 37.08
CA ARG C 931 4.97 30.56 36.77
C ARG C 931 5.24 29.26 36.03
N VAL C 932 5.75 29.37 34.80
CA VAL C 932 6.11 28.19 34.03
C VAL C 932 7.27 27.47 34.71
N VAL C 933 7.15 26.16 34.89
CA VAL C 933 8.24 25.33 35.38
C VAL C 933 8.56 24.28 34.31
N ALA C 934 9.84 23.95 34.21
CA ALA C 934 10.33 23.03 33.19
C ALA C 934 11.29 22.02 33.81
N GLU C 935 11.71 21.06 33.00
CA GLU C 935 12.65 20.02 33.41
C GLU C 935 13.20 19.24 32.22
N ASP C 936 14.52 19.22 32.07
CA ASP C 936 15.17 18.49 30.97
C ASP C 936 15.78 17.20 31.47
N LEU C 937 14.95 16.34 32.07
CA LEU C 937 15.43 15.06 32.59
C LEU C 937 15.57 14.07 31.43
N SER C 938 16.65 14.25 30.67
CA SER C 938 16.89 13.38 29.52
C SER C 938 18.36 13.44 29.12
N LEU C 939 19.04 12.30 29.16
CA LEU C 939 20.44 12.22 28.79
C LEU C 939 20.64 12.10 27.29
N SER C 940 19.55 11.93 26.53
CA SER C 940 19.62 11.79 25.08
C SER C 940 19.90 13.15 24.42
N GLN C 941 20.49 13.09 23.23
CA GLN C 941 20.82 14.29 22.48
C GLN C 941 19.65 14.79 21.64
N GLY C 942 18.60 14.01 21.49
CA GLY C 942 17.43 14.39 20.72
C GLY C 942 16.31 14.96 21.56
N ASP C 943 16.58 15.31 22.82
CA ASP C 943 15.62 15.87 23.76
C ASP C 943 16.10 17.23 24.26
N TRP C 944 15.16 18.17 24.38
CA TRP C 944 15.37 19.55 24.83
C TRP C 944 14.01 20.24 24.82
N ILE C 945 13.99 21.45 25.38
CA ILE C 945 12.81 22.33 25.38
C ILE C 945 13.24 23.79 25.27
N ALA C 946 12.32 24.63 24.80
CA ALA C 946 12.49 26.08 24.81
C ALA C 946 11.24 26.72 25.39
N VAL C 947 11.39 27.87 26.04
CA VAL C 947 10.29 28.51 26.74
C VAL C 947 10.32 30.01 26.44
N THR C 948 9.14 30.61 26.34
CA THR C 948 8.85 32.02 26.11
C THR C 948 7.76 32.42 27.11
N PRO C 949 7.78 33.65 27.64
CA PRO C 949 6.89 34.00 28.75
C PRO C 949 5.42 33.97 28.35
N PRO C 950 4.52 33.73 29.31
CA PRO C 950 3.10 33.55 28.99
C PRO C 950 2.39 34.84 28.61
N ARG C 951 1.30 34.68 27.86
CA ARG C 951 0.50 35.80 27.38
C ARG C 951 -0.98 35.47 27.40
N VAL C 952 -1.79 36.52 27.36
CA VAL C 952 -3.24 36.45 27.30
C VAL C 952 -3.72 37.06 25.99
N PRO C 953 -3.71 36.29 24.90
CA PRO C 953 -3.89 36.88 23.57
C PRO C 953 -5.29 37.43 23.32
N GLU C 954 -5.33 38.49 22.50
CA GLU C 954 -6.56 39.18 22.14
C GLU C 954 -7.23 38.46 20.98
N LEU C 955 -7.90 37.37 21.30
CA LEU C 955 -8.43 36.47 20.28
C LEU C 955 -9.68 37.05 19.62
N GLN C 956 -9.81 36.77 18.32
CA GLN C 956 -11.00 37.11 17.57
C GLN C 956 -11.35 35.95 16.66
N SER C 957 -12.62 35.84 16.29
CA SER C 957 -13.01 34.78 15.38
C SER C 957 -12.46 35.06 13.98
N VAL C 958 -12.42 34.00 13.17
CA VAL C 958 -11.91 34.12 11.80
C VAL C 958 -12.80 35.03 10.97
N GLN C 959 -14.12 34.86 11.09
CA GLN C 959 -15.08 35.70 10.36
C GLN C 959 -14.98 37.17 10.76
N GLU C 960 -14.67 37.43 12.03
CA GLU C 960 -14.46 38.81 12.46
C GLU C 960 -13.21 39.40 11.81
N TYR C 961 -12.08 38.69 11.91
CA TYR C 961 -10.83 39.21 11.38
C TYR C 961 -10.80 39.14 9.86
N VAL C 962 -10.91 37.92 9.32
CA VAL C 962 -10.91 37.72 7.87
C VAL C 962 -12.37 37.72 7.43
N GLY C 963 -12.81 38.83 6.83
CA GLY C 963 -14.19 38.99 6.44
C GLY C 963 -14.57 38.22 5.20
N SER C 964 -15.28 38.88 4.29
CA SER C 964 -15.64 38.29 3.00
C SER C 964 -15.14 39.17 1.87
N ASP C 965 -14.15 40.01 2.16
CA ASP C 965 -13.54 40.92 1.22
C ASP C 965 -12.17 40.44 0.78
N GLN C 966 -11.32 40.08 1.73
CA GLN C 966 -9.98 39.61 1.38
C GLN C 966 -10.07 38.20 0.81
N PRO C 967 -9.54 37.96 -0.37
CA PRO C 967 -9.59 36.61 -0.94
C PRO C 967 -8.54 35.73 -0.28
N VAL C 968 -8.90 34.46 -0.08
CA VAL C 968 -8.02 33.52 0.60
C VAL C 968 -7.83 32.28 -0.26
N LEU C 969 -6.68 31.65 -0.09
CA LEU C 969 -6.37 30.39 -0.78
C LEU C 969 -6.82 29.25 0.12
N MET C 970 -8.09 28.92 0.03
CA MET C 970 -8.61 27.75 0.72
C MET C 970 -8.07 26.50 0.07
N ASP C 971 -7.44 25.64 0.86
CA ASP C 971 -6.90 24.43 0.31
C ASP C 971 -8.01 23.44 -0.04
N TRP C 972 -7.64 22.41 -0.82
CA TRP C 972 -8.62 21.50 -1.39
C TRP C 972 -9.39 20.71 -0.33
N ALA C 973 -8.76 20.44 0.82
CA ALA C 973 -9.44 19.66 1.83
C ALA C 973 -10.43 20.46 2.65
N VAL C 974 -10.35 21.79 2.64
CA VAL C 974 -11.22 22.61 3.48
C VAL C 974 -11.84 23.72 2.63
N GLY C 975 -13.02 23.44 2.10
CA GLY C 975 -13.81 24.47 1.44
C GLY C 975 -15.19 24.53 2.06
N LEU C 976 -15.71 23.35 2.39
CA LEU C 976 -17.06 23.24 2.94
C LEU C 976 -17.12 23.74 4.37
N ALA C 977 -16.02 23.62 5.12
CA ALA C 977 -16.01 24.10 6.50
C ALA C 977 -16.02 25.62 6.59
N PHE C 978 -15.40 26.31 5.62
CA PHE C 978 -15.39 27.76 5.54
C PHE C 978 -16.25 28.24 4.38
N PRO C 979 -17.52 28.54 4.61
CA PRO C 979 -18.41 28.90 3.49
C PRO C 979 -18.49 30.38 3.15
N CYS C 980 -17.97 31.27 3.98
CA CYS C 980 -18.28 32.69 3.82
C CYS C 980 -17.22 33.49 3.08
N GLN C 981 -15.94 33.16 3.26
CA GLN C 981 -14.86 33.91 2.64
C GLN C 981 -14.72 33.55 1.17
N GLN C 982 -14.82 34.53 0.29
CA GLN C 982 -14.67 34.24 -1.12
C GLN C 982 -13.20 33.88 -1.42
N PRO C 983 -12.96 32.92 -2.27
CA PRO C 983 -11.59 32.54 -2.62
C PRO C 983 -10.97 33.51 -3.61
N MET C 984 -9.68 33.28 -3.90
CA MET C 984 -8.94 34.07 -4.87
C MET C 984 -9.40 33.76 -6.29
N LEU C 985 -10.64 34.16 -6.56
CA LEU C 985 -11.26 33.93 -7.86
C LEU C 985 -10.40 34.52 -8.96
N HIS C 986 -10.33 33.83 -10.08
CA HIS C 986 -9.52 34.31 -11.18
C HIS C 986 -10.39 34.74 -12.34
N ALA C 987 -9.90 35.70 -13.10
CA ALA C 987 -10.61 36.25 -14.25
C ALA C 987 -9.66 36.27 -15.44
N ASN C 988 -10.12 35.71 -16.56
CA ASN C 988 -9.46 35.56 -17.87
C ASN C 988 -7.97 35.32 -17.82
N GLY C 989 -7.55 34.34 -17.02
CA GLY C 989 -6.17 33.91 -16.97
C GLY C 989 -5.31 34.55 -15.90
N VAL C 990 -5.84 35.51 -15.15
CA VAL C 990 -5.09 36.14 -14.07
C VAL C 990 -5.90 36.02 -12.79
N THR C 991 -5.21 35.91 -11.66
CA THR C 991 -5.86 35.71 -10.37
C THR C 991 -5.74 36.97 -9.55
N GLU C 992 -6.52 37.03 -8.46
CA GLU C 992 -6.33 38.05 -7.45
C GLU C 992 -5.25 37.57 -6.48
N VAL C 993 -4.45 38.50 -6.00
CA VAL C 993 -3.38 38.17 -5.05
C VAL C 993 -3.96 37.71 -3.70
N PRO C 994 -3.69 36.48 -3.28
CA PRO C 994 -4.29 35.96 -2.06
C PRO C 994 -3.66 36.55 -0.81
N LYS C 995 -4.49 36.75 0.21
CA LYS C 995 -4.05 37.30 1.48
C LYS C 995 -3.79 36.25 2.54
N PHE C 996 -4.61 35.20 2.63
CA PHE C 996 -4.43 34.18 3.65
C PHE C 996 -4.56 32.80 3.04
N ARG C 997 -4.00 31.83 3.75
CA ARG C 997 -3.99 30.43 3.31
C ARG C 997 -4.53 29.57 4.44
N ILE C 998 -5.86 29.43 4.48
CA ILE C 998 -6.51 28.53 5.42
C ILE C 998 -6.27 27.10 4.97
N SER C 999 -5.84 26.24 5.89
CA SER C 999 -5.31 24.95 5.49
C SER C 999 -5.74 23.87 6.46
N PRO C 1000 -5.82 22.60 6.00
CA PRO C 1000 -6.19 21.49 6.90
C PRO C 1000 -5.13 21.16 7.94
N ASP C 1001 -5.42 20.13 8.74
CA ASP C 1001 -4.51 19.66 9.80
C ASP C 1001 -3.15 19.28 9.24
N TYR C 1002 -2.13 19.42 10.11
CA TYR C 1002 -0.71 19.34 9.74
C TYR C 1002 -0.36 18.10 8.92
N TYR C 1003 -0.86 16.93 9.32
CA TYR C 1003 -0.51 15.70 8.62
C TYR C 1003 -1.13 15.66 7.23
N ALA C 1004 -2.42 15.99 7.12
CA ALA C 1004 -3.05 16.08 5.81
C ALA C 1004 -2.50 17.24 5.00
N LYS C 1005 -2.07 18.32 5.65
CA LYS C 1005 -1.43 19.43 4.96
C LYS C 1005 -0.12 19.00 4.32
N LEU C 1006 0.69 18.25 5.05
CA LEU C 1006 2.01 17.88 4.55
C LEU C 1006 1.94 16.74 3.56
N GLN C 1007 1.18 15.68 3.87
CA GLN C 1007 1.23 14.50 3.02
C GLN C 1007 0.29 14.56 1.83
N SER C 1008 -0.86 15.21 1.93
CA SER C 1008 -1.85 15.15 0.87
C SER C 1008 -2.08 16.47 0.14
N THR C 1009 -2.14 17.57 0.87
CA THR C 1009 -2.60 18.83 0.30
C THR C 1009 -1.52 19.50 -0.54
N ASP C 1010 -0.36 19.76 0.05
CA ASP C 1010 0.72 20.48 -0.62
C ASP C 1010 1.26 19.73 -1.84
N THR C 1011 1.23 18.41 -1.82
CA THR C 1011 1.61 17.65 -3.01
C THR C 1011 0.63 17.86 -4.16
N TRP C 1012 -0.64 18.13 -3.83
CA TRP C 1012 -1.67 18.37 -4.84
C TRP C 1012 -1.64 19.78 -5.42
N GLN C 1013 -0.93 20.72 -4.82
CA GLN C 1013 -1.10 22.11 -5.26
C GLN C 1013 0.22 22.79 -5.60
N ASP C 1014 1.27 22.04 -5.94
CA ASP C 1014 2.58 22.68 -6.13
C ASP C 1014 2.83 22.95 -7.61
N GLY C 1015 3.84 23.80 -7.86
CA GLY C 1015 4.15 24.29 -9.20
C GLY C 1015 4.60 23.20 -10.16
N ILE C 1016 5.16 22.12 -9.63
CA ILE C 1016 5.68 21.04 -10.47
C ILE C 1016 4.55 20.37 -11.25
N ASN C 1017 3.33 20.37 -10.70
CA ASN C 1017 2.18 19.84 -11.41
C ASN C 1017 1.05 20.88 -11.31
N GLY C 1018 1.21 21.98 -12.04
CA GLY C 1018 0.19 23.01 -12.04
C GLY C 1018 0.21 23.83 -10.78
N GLY C 1019 -0.88 23.77 -10.02
CA GLY C 1019 -0.90 24.25 -8.65
C GLY C 1019 -1.09 25.73 -8.43
N LEU C 1020 -1.69 26.08 -7.28
CA LEU C 1020 -1.72 27.47 -6.84
C LEU C 1020 -0.44 27.85 -6.12
N LEU C 1021 0.20 26.92 -5.43
CA LEU C 1021 1.46 27.22 -4.76
C LEU C 1021 2.62 27.40 -5.73
N GLY C 1022 2.42 27.18 -7.03
CA GLY C 1022 3.37 27.68 -8.01
C GLY C 1022 3.43 29.20 -8.04
N ILE C 1023 2.27 29.85 -7.96
CA ILE C 1023 2.26 31.30 -8.10
C ILE C 1023 2.38 32.01 -6.75
N THR C 1024 1.79 31.51 -5.67
CA THR C 1024 1.83 32.28 -4.44
C THR C 1024 3.13 32.10 -3.67
N ASP C 1025 3.72 30.90 -3.69
CA ASP C 1025 5.02 30.72 -3.05
C ASP C 1025 6.12 31.45 -3.79
N LEU C 1026 5.97 31.61 -5.10
CA LEU C 1026 6.95 32.36 -5.86
C LEU C 1026 6.84 33.85 -5.60
N LEU C 1027 5.63 34.35 -5.35
CA LEU C 1027 5.40 35.77 -5.10
C LEU C 1027 5.35 36.11 -3.62
N LEU C 1028 4.43 35.52 -2.88
CA LEU C 1028 4.14 35.88 -1.50
C LEU C 1028 5.08 35.17 -0.54
N ARG C 1029 5.12 35.69 0.70
CA ARG C 1029 5.83 35.09 1.82
C ARG C 1029 4.79 34.66 2.84
N ALA C 1030 4.64 33.34 3.03
CA ALA C 1030 3.70 32.83 4.00
C ALA C 1030 4.30 32.82 5.40
N SER C 1031 3.55 33.32 6.38
CA SER C 1031 3.99 33.26 7.77
C SER C 1031 2.77 32.83 8.59
N VAL C 1032 2.78 31.55 8.98
CA VAL C 1032 1.67 30.97 9.74
C VAL C 1032 1.50 31.67 11.08
N MET C 1033 0.24 31.86 11.49
CA MET C 1033 0.02 32.55 12.74
C MET C 1033 -0.38 31.47 13.75
N SER C 1034 -0.72 31.88 14.97
CA SER C 1034 -1.46 31.03 15.90
C SER C 1034 -2.99 31.09 15.81
N THR C 1035 -3.61 29.91 15.81
CA THR C 1035 -5.06 29.74 15.78
C THR C 1035 -5.44 28.66 16.78
N TYR C 1036 -6.59 28.83 17.44
CA TYR C 1036 -7.08 27.93 18.47
C TYR C 1036 -8.54 27.61 18.24
N LEU C 1037 -8.89 26.33 18.19
CA LEU C 1037 -10.29 25.95 18.11
C LEU C 1037 -10.94 26.17 19.48
N SER C 1038 -12.02 26.95 19.50
CA SER C 1038 -12.64 27.38 20.75
C SER C 1038 -13.28 26.23 21.50
N GLN C 1039 -12.98 26.15 22.81
CA GLN C 1039 -13.48 25.13 23.74
C GLN C 1039 -13.19 23.70 23.28
N ASP C 1040 -12.08 23.50 22.58
CA ASP C 1040 -11.65 22.20 22.13
C ASP C 1040 -10.14 22.26 21.99
N TRP C 1041 -9.46 22.63 23.07
CA TRP C 1041 -8.05 22.96 23.01
C TRP C 1041 -7.24 21.69 23.10
N GLY C 1042 -6.38 21.49 22.11
CA GLY C 1042 -5.72 20.23 21.91
C GLY C 1042 -6.21 19.53 20.69
N GLN C 1043 -6.90 20.23 19.79
CA GLN C 1043 -7.35 19.68 18.52
C GLN C 1043 -6.71 20.47 17.40
N ASP C 1044 -5.98 19.77 16.52
CA ASP C 1044 -5.38 20.38 15.33
C ASP C 1044 -6.45 20.54 14.25
N TRP C 1045 -7.17 21.66 14.31
CA TRP C 1045 -8.20 21.95 13.32
C TRP C 1045 -7.59 22.16 11.93
N GLY C 1046 -6.42 22.79 11.88
CA GLY C 1046 -5.81 23.18 10.63
C GLY C 1046 -4.76 24.26 10.86
N SER C 1047 -4.75 25.28 10.01
CA SER C 1047 -3.82 26.38 10.17
C SER C 1047 -4.34 27.54 9.35
N LEU C 1048 -3.75 28.71 9.59
CA LEU C 1048 -4.08 29.93 8.87
C LEU C 1048 -2.78 30.69 8.66
N ARG C 1049 -2.36 30.88 7.42
CA ARG C 1049 -1.08 31.49 7.11
C ARG C 1049 -1.28 32.85 6.47
N LYS C 1050 -0.76 33.91 7.11
CA LYS C 1050 -0.85 35.23 6.51
C LYS C 1050 0.23 35.40 5.45
N PHE C 1051 -0.20 35.62 4.20
CA PHE C 1051 0.72 35.99 3.14
C PHE C 1051 1.17 37.44 3.31
N ASP C 1052 2.39 37.73 2.85
CA ASP C 1052 2.85 39.11 2.75
C ASP C 1052 3.65 39.28 1.48
N THR C 1053 3.38 40.36 0.74
CA THR C 1053 4.10 40.65 -0.49
C THR C 1053 5.55 41.06 -0.20
N VAL C 1054 6.33 41.14 -1.27
CA VAL C 1054 7.76 41.43 -1.17
C VAL C 1054 8.13 42.76 -1.80
N VAL C 1055 7.20 43.45 -2.44
CA VAL C 1055 7.42 44.74 -3.10
C VAL C 1055 6.24 45.66 -2.83
N GLU C 1056 6.08 46.68 -3.67
CA GLU C 1056 4.90 47.52 -3.61
C GLU C 1056 3.70 46.72 -4.10
N ALA C 1057 3.82 46.11 -5.29
CA ALA C 1057 2.88 45.13 -5.85
C ALA C 1057 1.49 45.69 -6.18
N THR C 1058 1.46 46.81 -6.89
CA THR C 1058 0.22 47.33 -7.49
C THR C 1058 -0.46 46.26 -8.33
N PRO C 1059 -1.79 46.17 -8.33
CA PRO C 1059 -2.48 45.30 -9.28
C PRO C 1059 -2.36 45.82 -10.70
N ALA C 1060 -2.25 44.88 -11.64
CA ALA C 1060 -2.02 45.21 -13.04
C ALA C 1060 -3.26 45.78 -13.71
N GLU C 1061 -3.02 46.47 -14.83
CA GLU C 1061 -4.07 47.11 -15.63
C GLU C 1061 -4.77 46.10 -16.54
N LEU C 1062 -3.97 45.29 -17.26
CA LEU C 1062 -4.44 44.16 -18.07
C LEU C 1062 -5.34 44.60 -19.23
N ASP C 1063 -4.73 45.13 -20.29
CA ASP C 1063 -5.47 45.53 -21.48
C ASP C 1063 -5.85 44.27 -22.25
N PHE C 1064 -7.14 44.06 -22.43
CA PHE C 1064 -7.71 42.89 -23.07
C PHE C 1064 -8.37 43.19 -24.41
N GLY C 1065 -8.21 42.24 -25.32
CA GLY C 1065 -8.81 42.32 -26.64
C GLY C 1065 -9.48 40.98 -26.81
N SER C 1066 -10.68 40.99 -27.39
CA SER C 1066 -11.45 39.75 -27.44
C SER C 1066 -11.87 39.23 -28.81
N GLN C 1067 -11.21 39.58 -29.90
CA GLN C 1067 -11.68 39.02 -31.17
C GLN C 1067 -10.66 37.97 -31.57
N THR C 1068 -11.08 36.71 -31.49
CA THR C 1068 -10.34 35.54 -31.95
C THR C 1068 -11.36 34.44 -32.13
N HIS C 1069 -11.50 33.88 -33.33
CA HIS C 1069 -12.52 32.88 -33.58
C HIS C 1069 -11.85 31.68 -34.26
N SER C 1070 -11.35 30.77 -33.44
CA SER C 1070 -10.71 29.56 -33.92
C SER C 1070 -11.76 28.48 -34.15
N GLY C 1071 -11.41 27.49 -34.96
CA GLY C 1071 -12.34 26.40 -35.14
C GLY C 1071 -12.00 25.32 -34.13
N LEU C 1072 -10.84 24.71 -34.30
CA LEU C 1072 -10.23 23.76 -33.36
C LEU C 1072 -8.75 24.08 -33.24
N TYR C 1073 -8.42 25.37 -33.32
CA TYR C 1073 -7.04 25.86 -33.31
C TYR C 1073 -6.58 26.11 -31.87
N SER C 1074 -5.80 25.18 -31.35
CA SER C 1074 -5.17 25.38 -30.05
C SER C 1074 -3.73 25.75 -30.28
N PRO C 1075 -3.30 26.98 -30.00
CA PRO C 1075 -1.93 27.38 -30.32
C PRO C 1075 -0.91 26.76 -29.38
N GLY C 1076 -0.43 25.57 -29.73
CA GLY C 1076 0.66 24.97 -29.00
C GLY C 1076 0.26 24.35 -27.68
N PRO C 1077 1.16 23.56 -27.11
CA PRO C 1077 0.96 23.07 -25.75
C PRO C 1077 1.43 24.05 -24.70
N LEU C 1078 0.71 24.05 -23.58
CA LEU C 1078 1.11 24.82 -22.40
C LEU C 1078 2.45 24.33 -21.87
N ARG C 1079 3.10 25.17 -21.07
CA ARG C 1079 4.30 24.74 -20.37
C ARG C 1079 3.92 23.78 -19.25
N ILE C 1080 4.50 22.59 -19.30
CA ILE C 1080 4.34 21.58 -18.28
C ILE C 1080 5.75 21.21 -17.84
N ARG C 1081 5.87 20.32 -16.83
CA ARG C 1081 7.14 19.74 -16.44
C ARG C 1081 7.87 19.10 -17.62
N PRO C 1082 9.21 19.07 -17.61
CA PRO C 1082 9.98 18.35 -18.63
C PRO C 1082 9.78 16.84 -18.60
N ALA D 3 -54.80 -26.75 -27.00
CA ALA D 3 -54.60 -25.31 -27.07
C ALA D 3 -55.87 -24.57 -26.66
N THR D 4 -57.00 -25.29 -26.64
CA THR D 4 -58.27 -24.70 -26.27
C THR D 4 -58.17 -24.08 -24.87
N GLN D 5 -57.85 -24.91 -23.89
CA GLN D 5 -57.72 -24.46 -22.51
C GLN D 5 -56.63 -25.21 -21.76
N GLU D 6 -55.70 -25.79 -22.51
CA GLU D 6 -54.60 -26.54 -21.92
C GLU D 6 -53.24 -25.99 -22.36
N GLU D 7 -52.95 -26.13 -23.64
CA GLU D 7 -51.68 -25.64 -24.19
C GLU D 7 -51.54 -24.14 -24.00
N ILE D 8 -52.56 -23.40 -24.41
CA ILE D 8 -52.55 -21.94 -24.29
C ILE D 8 -52.40 -21.53 -22.83
N ILE D 9 -53.15 -22.14 -21.91
CA ILE D 9 -53.02 -21.80 -20.50
C ILE D 9 -51.61 -22.05 -20.00
N ALA D 10 -51.03 -23.22 -20.36
CA ALA D 10 -49.66 -23.54 -19.97
C ALA D 10 -48.64 -22.60 -20.60
N GLY D 11 -48.82 -22.28 -21.88
CA GLY D 11 -47.92 -21.35 -22.53
C GLY D 11 -47.99 -19.97 -21.92
N LEU D 12 -49.21 -19.50 -21.64
CA LEU D 12 -49.37 -18.20 -21.02
C LEU D 12 -48.86 -18.23 -19.59
N ALA D 13 -48.82 -19.40 -18.97
CA ALA D 13 -48.25 -19.45 -17.66
C ALA D 13 -46.76 -19.48 -17.75
N GLU D 14 -46.23 -20.00 -18.83
CA GLU D 14 -44.79 -19.90 -19.05
C GLU D 14 -44.39 -18.45 -19.28
N ILE D 15 -45.30 -17.64 -19.79
CA ILE D 15 -44.96 -16.24 -20.01
C ILE D 15 -45.18 -15.44 -18.73
N ILE D 16 -46.18 -15.78 -17.95
CA ILE D 16 -46.33 -15.30 -16.59
C ILE D 16 -45.08 -15.62 -15.78
N GLU D 17 -44.53 -16.82 -15.97
CA GLU D 17 -43.30 -17.24 -15.34
C GLU D 17 -42.15 -16.39 -15.84
N GLU D 18 -42.24 -15.97 -17.10
CA GLU D 18 -41.21 -15.12 -17.67
C GLU D 18 -41.24 -13.73 -17.06
N VAL D 19 -42.40 -13.22 -16.70
CA VAL D 19 -42.53 -11.84 -16.28
C VAL D 19 -42.78 -11.70 -14.78
N THR D 20 -43.72 -12.42 -14.22
CA THR D 20 -43.93 -12.27 -12.79
C THR D 20 -43.16 -13.22 -11.89
N GLY D 21 -42.34 -14.10 -12.45
CA GLY D 21 -41.62 -15.07 -11.68
C GLY D 21 -42.26 -16.05 -10.71
N ILE D 22 -43.42 -16.55 -11.11
CA ILE D 22 -44.16 -17.56 -10.37
C ILE D 22 -44.18 -18.82 -11.20
N GLU D 23 -43.82 -19.94 -10.57
CA GLU D 23 -43.75 -21.21 -11.26
C GLU D 23 -45.08 -21.64 -11.83
N PRO D 24 -45.07 -22.30 -12.99
CA PRO D 24 -46.33 -22.76 -13.59
C PRO D 24 -47.02 -23.93 -12.92
N SER D 25 -47.30 -23.86 -11.64
CA SER D 25 -48.03 -24.92 -10.99
C SER D 25 -49.19 -24.22 -10.33
N GLU D 26 -48.84 -23.13 -9.64
CA GLU D 26 -49.80 -22.28 -8.97
C GLU D 26 -50.66 -21.55 -9.97
N VAL D 27 -50.13 -21.36 -11.17
CA VAL D 27 -50.84 -20.61 -12.18
C VAL D 27 -52.04 -21.41 -12.69
N THR D 28 -53.23 -21.03 -12.23
CA THR D 28 -54.44 -21.60 -12.76
C THR D 28 -55.48 -20.50 -12.98
N PRO D 29 -56.50 -20.77 -13.79
CA PRO D 29 -57.66 -19.90 -13.90
C PRO D 29 -58.48 -19.58 -12.65
N GLU D 30 -58.56 -20.43 -11.66
CA GLU D 30 -59.40 -20.07 -10.50
C GLU D 30 -58.90 -18.92 -9.62
N LYS D 31 -57.59 -18.72 -9.62
CA LYS D 31 -56.84 -17.72 -8.87
C LYS D 31 -56.49 -16.57 -9.78
N SER D 32 -56.34 -15.38 -9.23
CA SER D 32 -56.15 -14.25 -10.11
C SER D 32 -55.12 -13.26 -9.60
N PHE D 33 -54.96 -12.21 -10.40
CA PHE D 33 -53.96 -11.15 -10.32
C PHE D 33 -53.82 -10.36 -9.05
N VAL D 34 -54.88 -9.90 -8.44
CA VAL D 34 -54.75 -8.98 -7.32
C VAL D 34 -55.43 -9.54 -6.10
N ASP D 35 -56.29 -10.53 -6.27
CA ASP D 35 -56.91 -11.19 -5.14
C ASP D 35 -56.14 -12.44 -4.71
N ASP D 36 -55.32 -13.04 -5.58
CA ASP D 36 -54.56 -14.20 -5.11
C ASP D 36 -53.07 -14.13 -5.42
N LEU D 37 -52.70 -13.93 -6.69
CA LEU D 37 -51.31 -13.78 -7.07
C LEU D 37 -50.97 -12.29 -6.95
N ASP D 38 -49.78 -11.87 -7.35
CA ASP D 38 -49.39 -10.47 -7.11
C ASP D 38 -48.93 -9.87 -8.43
N ILE D 39 -49.80 -9.16 -9.13
CA ILE D 39 -49.28 -8.47 -10.31
C ILE D 39 -49.57 -7.00 -9.98
N ASP D 40 -49.38 -6.10 -10.94
CA ASP D 40 -49.72 -4.69 -10.79
C ASP D 40 -50.15 -4.12 -12.13
N SER D 41 -50.61 -2.87 -12.05
CA SER D 41 -51.14 -2.17 -13.21
C SER D 41 -50.08 -2.01 -14.27
N LEU D 42 -48.82 -1.88 -13.87
CA LEU D 42 -47.73 -1.69 -14.81
C LEU D 42 -47.16 -3.01 -15.33
N SER D 43 -47.09 -4.00 -14.44
CA SER D 43 -46.54 -5.31 -14.81
C SER D 43 -47.40 -6.10 -15.77
N MET D 44 -48.68 -5.84 -15.79
CA MET D 44 -49.55 -6.60 -16.66
C MET D 44 -49.41 -6.22 -18.12
N VAL D 45 -48.74 -5.11 -18.42
CA VAL D 45 -48.48 -4.82 -19.81
C VAL D 45 -47.41 -5.71 -20.41
N GLU D 46 -46.47 -6.20 -19.61
CA GLU D 46 -45.48 -7.15 -20.11
C GLU D 46 -46.11 -8.45 -20.59
N ILE D 47 -47.03 -8.99 -19.78
CA ILE D 47 -47.65 -10.21 -20.24
C ILE D 47 -48.59 -9.92 -21.39
N ALA D 48 -49.19 -8.74 -21.40
CA ALA D 48 -50.08 -8.38 -22.49
C ALA D 48 -49.35 -8.32 -23.82
N VAL D 49 -48.18 -7.68 -23.85
CA VAL D 49 -47.48 -7.56 -25.11
C VAL D 49 -46.88 -8.86 -25.53
N GLN D 50 -46.55 -9.72 -24.60
CA GLN D 50 -46.10 -11.03 -25.03
C GLN D 50 -47.25 -11.90 -25.58
N THR D 51 -48.45 -11.76 -25.02
CA THR D 51 -49.60 -12.42 -25.61
C THR D 51 -49.92 -11.86 -26.97
N GLU D 52 -49.67 -10.57 -27.19
CA GLU D 52 -49.82 -10.01 -28.53
C GLU D 52 -48.78 -10.57 -29.46
N ASP D 53 -47.71 -11.08 -28.87
CA ASP D 53 -46.58 -11.65 -29.60
C ASP D 53 -46.87 -13.05 -30.14
N LYS D 54 -47.10 -14.02 -29.27
CA LYS D 54 -47.36 -15.38 -29.80
C LYS D 54 -48.76 -15.56 -30.38
N TYR D 55 -49.69 -14.69 -30.05
CA TYR D 55 -51.00 -14.67 -30.69
C TYR D 55 -51.22 -13.28 -31.25
N GLY D 56 -51.69 -13.22 -32.48
CA GLY D 56 -52.01 -11.94 -33.06
C GLY D 56 -53.31 -11.43 -32.52
N VAL D 57 -53.27 -10.88 -31.32
CA VAL D 57 -54.47 -10.40 -30.65
C VAL D 57 -54.15 -9.06 -30.00
N LYS D 58 -54.50 -8.01 -30.72
CA LYS D 58 -54.15 -6.69 -30.26
C LYS D 58 -55.13 -6.37 -29.16
N ILE D 59 -54.67 -6.54 -27.94
CA ILE D 59 -55.54 -6.36 -26.79
C ILE D 59 -55.63 -4.86 -26.57
N PRO D 60 -56.83 -4.31 -26.53
CA PRO D 60 -56.98 -2.89 -26.16
C PRO D 60 -56.45 -2.69 -24.76
N ASP D 61 -55.92 -1.50 -24.51
CA ASP D 61 -55.44 -1.18 -23.16
C ASP D 61 -56.57 -1.18 -22.14
N GLU D 62 -57.80 -1.00 -22.58
CA GLU D 62 -58.91 -0.91 -21.66
C GLU D 62 -59.57 -2.27 -21.48
N ASP D 63 -59.57 -3.10 -22.53
CA ASP D 63 -60.11 -4.45 -22.40
C ASP D 63 -59.18 -5.35 -21.61
N LEU D 64 -57.90 -5.01 -21.61
CA LEU D 64 -56.92 -5.74 -20.82
C LEU D 64 -57.22 -5.57 -19.33
N ALA D 65 -57.41 -4.34 -18.90
CA ALA D 65 -57.72 -4.07 -17.51
C ALA D 65 -59.15 -4.42 -17.18
N GLY D 66 -60.05 -4.40 -18.15
CA GLY D 66 -61.45 -4.65 -17.90
C GLY D 66 -61.66 -6.09 -17.48
N LEU D 67 -61.23 -7.04 -18.31
CA LEU D 67 -61.36 -8.43 -17.93
C LEU D 67 -60.29 -8.68 -16.89
N ARG D 68 -60.72 -9.06 -15.68
CA ARG D 68 -59.87 -9.01 -14.49
C ARG D 68 -59.09 -10.28 -14.13
N THR D 69 -59.62 -11.47 -14.34
CA THR D 69 -58.90 -12.63 -13.81
C THR D 69 -57.96 -13.19 -14.86
N VAL D 70 -57.36 -14.34 -14.61
CA VAL D 70 -56.58 -14.97 -15.67
C VAL D 70 -57.46 -15.89 -16.52
N GLY D 71 -58.77 -15.73 -16.43
CA GLY D 71 -59.65 -16.42 -17.35
C GLY D 71 -59.87 -15.50 -18.52
N ASP D 72 -59.58 -14.22 -18.24
CA ASP D 72 -59.45 -13.20 -19.24
C ASP D 72 -58.57 -13.60 -20.40
N VAL D 73 -57.34 -14.02 -20.10
CA VAL D 73 -56.39 -14.30 -21.18
C VAL D 73 -56.81 -15.53 -21.93
N VAL D 74 -57.46 -16.50 -21.28
CA VAL D 74 -57.83 -17.70 -22.00
C VAL D 74 -59.01 -17.37 -22.88
N ALA D 75 -60.11 -16.92 -22.27
CA ALA D 75 -61.30 -16.57 -23.02
C ALA D 75 -61.07 -15.53 -24.12
N TYR D 76 -59.97 -14.80 -24.10
CA TYR D 76 -59.69 -13.83 -25.15
C TYR D 76 -58.76 -14.31 -26.25
N ILE D 77 -57.75 -15.12 -25.95
CA ILE D 77 -56.90 -15.72 -26.99
C ILE D 77 -57.67 -16.71 -27.87
N GLN D 78 -58.76 -17.26 -27.36
CA GLN D 78 -59.68 -18.12 -28.07
C GLN D 78 -60.79 -17.32 -28.76
N LYS D 79 -60.48 -16.06 -29.07
CA LYS D 79 -61.32 -15.08 -29.75
C LYS D 79 -60.36 -14.42 -30.73
N LEU D 80 -60.19 -15.14 -31.82
CA LEU D 80 -59.30 -14.87 -32.92
C LEU D 80 -59.95 -13.95 -33.94
#